data_3KAB
# 
_entry.id   3KAB 
# 
_audit_conform.dict_name       mmcif_pdbx.dic 
_audit_conform.dict_version    5.380 
_audit_conform.dict_location   http://mmcif.pdb.org/dictionaries/ascii/mmcif_pdbx.dic 
# 
loop_
_database_2.database_id 
_database_2.database_code 
_database_2.pdbx_database_accession 
_database_2.pdbx_DOI 
PDB   3KAB         pdb_00003kab 10.2210/pdb3kab/pdb 
RCSB  RCSB055744   ?            ?                   
WWPDB D_1000055744 ?            ?                   
# 
loop_
_pdbx_database_related.db_name 
_pdbx_database_related.db_id 
_pdbx_database_related.details 
_pdbx_database_related.content_type 
PDB 3KAC . unspecified 
PDB 3KAD . unspecified 
PDB 3KAF . unspecified 
PDB 3KAG . unspecified 
PDB 3KAH . unspecified 
PDB 3KAI . unspecified 
# 
_pdbx_database_status.status_code                     REL 
_pdbx_database_status.entry_id                        3KAB 
_pdbx_database_status.recvd_initial_deposition_date   2009-10-19 
_pdbx_database_status.deposit_site                    RCSB 
_pdbx_database_status.process_site                    PDBJ 
_pdbx_database_status.status_code_sf                  REL 
_pdbx_database_status.status_code_mr                  ? 
_pdbx_database_status.SG_entry                        ? 
_pdbx_database_status.pdb_format_compatible           Y 
_pdbx_database_status.status_code_cs                  ? 
_pdbx_database_status.status_code_nmr_data            ? 
_pdbx_database_status.methods_development_category    ? 
# 
loop_
_audit_author.name 
_audit_author.pdbx_ordinal 
'Baker, L.M.'    1 
'Dokurno, P.'    2 
'Robinson, D.A.' 3 
'Surgenor, A.E.' 4 
'Murray, J.B.'   5 
'Potter, A.J.'   6 
'Moore, J.D.'    7 
# 
_citation.id                        primary 
_citation.title                     'Structure-guided design of alpha-amino acid-derived Pin1 inhibitors' 
_citation.journal_abbrev            Bioorg.Med.Chem.Lett. 
_citation.journal_volume            20 
_citation.page_first                586 
_citation.page_last                 590 
_citation.year                      2010 
_citation.journal_id_ASTM           BMCLE8 
_citation.country                   UK 
_citation.journal_id_ISSN           0960-894X 
_citation.journal_id_CSD            1127 
_citation.book_publisher            ? 
_citation.pdbx_database_id_PubMed   19969456 
_citation.pdbx_database_id_DOI      10.1016/j.bmcl.2009.11.090 
# 
loop_
_citation_author.citation_id 
_citation_author.name 
_citation_author.ordinal 
_citation_author.identifier_ORCID 
primary 'Potter, A.J.'     1  ? 
primary 'Ray, S.'          2  ? 
primary 'Gueritz, L.'      3  ? 
primary 'Nunns, C.L.'      4  ? 
primary 'Bryant, C.J.'     5  ? 
primary 'Scrace, S.F.'     6  ? 
primary 'Matassova, N.'    7  ? 
primary 'Baker, L.M.'      8  ? 
primary 'Dokurno, P.'      9  ? 
primary 'Robinson, D.A.'   10 ? 
primary 'Surgenor, A.E.'   11 ? 
primary 'Davis, B.'        12 ? 
primary 'Murray, J.B.'     13 ? 
primary 'Richardson, C.M.' 14 ? 
primary 'Moore, J.D.'      15 ? 
# 
_cell.entry_id           3KAB 
_cell.length_a           68.391 
_cell.length_b           68.391 
_cell.length_c           79.811 
_cell.angle_alpha        90.00 
_cell.angle_beta         90.00 
_cell.angle_gamma        120.00 
_cell.Z_PDB              6 
_cell.pdbx_unique_axis   ? 
_cell.length_a_esd       ? 
_cell.length_b_esd       ? 
_cell.length_c_esd       ? 
_cell.angle_alpha_esd    ? 
_cell.angle_beta_esd     ? 
_cell.angle_gamma_esd    ? 
# 
_symmetry.entry_id                         3KAB 
_symmetry.space_group_name_H-M             'P 31 2 1' 
_symmetry.pdbx_full_space_group_name_H-M   ? 
_symmetry.cell_setting                     ? 
_symmetry.Int_Tables_number                152 
_symmetry.space_group_name_Hall            ? 
# 
loop_
_entity.id 
_entity.type 
_entity.src_method 
_entity.pdbx_description 
_entity.formula_weight 
_entity.pdbx_number_of_molecules 
_entity.pdbx_ec 
_entity.pdbx_mutation 
_entity.pdbx_fragment 
_entity.details 
1 polymer     man 'Peptidyl-prolyl cis-trans isomerase NIMA-interacting 1' 18524.525 1  5.2.1.8 R14A ? ? 
2 non-polymer syn 'DODECAETHYLENE GLYCOL'                                  546.646   1  ?       ?    ? ? 
3 non-polymer syn 'SULFATE ION'                                            96.063    1  ?       ?    ? ? 
4 non-polymer syn '6-methyl-1H-indole-2-carboxylic acid'                   175.184   1  ?       ?    ? ? 
5 water       nat water                                                    18.015    81 ?       ?    ? ? 
# 
_entity_name_com.entity_id   1 
_entity_name_com.name        'Rotamase Pin1, PPIase Pin1' 
# 
_entity_poly.entity_id                      1 
_entity_poly.type                           'polypeptide(L)' 
_entity_poly.nstd_linkage                   no 
_entity_poly.nstd_monomer                   no 
_entity_poly.pdbx_seq_one_letter_code       
;GSHGMADEEKLPPGWEKAMSRSSGRVYYFNHITNASQWERPSGNSSSGGKNGQGEPARVRCSHLLVKHSQSRRPSSWRQE
KITRTKEEALELINGYIQKIKSGEEDFESLASQFSDCSSAKARGDLGAFSRGQMQKPFEDASFALRTGEMSGPVFTDSGI
HIILRTE
;
_entity_poly.pdbx_seq_one_letter_code_can   
;GSHGMADEEKLPPGWEKAMSRSSGRVYYFNHITNASQWERPSGNSSSGGKNGQGEPARVRCSHLLVKHSQSRRPSSWRQE
KITRTKEEALELINGYIQKIKSGEEDFESLASQFSDCSSAKARGDLGAFSRGQMQKPFEDASFALRTGEMSGPVFTDSGI
HIILRTE
;
_entity_poly.pdbx_strand_id                 A 
_entity_poly.pdbx_target_identifier         ? 
# 
loop_
_entity_poly_seq.entity_id 
_entity_poly_seq.num 
_entity_poly_seq.mon_id 
_entity_poly_seq.hetero 
1 1   GLY n 
1 2   SER n 
1 3   HIS n 
1 4   GLY n 
1 5   MET n 
1 6   ALA n 
1 7   ASP n 
1 8   GLU n 
1 9   GLU n 
1 10  LYS n 
1 11  LEU n 
1 12  PRO n 
1 13  PRO n 
1 14  GLY n 
1 15  TRP n 
1 16  GLU n 
1 17  LYS n 
1 18  ALA n 
1 19  MET n 
1 20  SER n 
1 21  ARG n 
1 22  SER n 
1 23  SER n 
1 24  GLY n 
1 25  ARG n 
1 26  VAL n 
1 27  TYR n 
1 28  TYR n 
1 29  PHE n 
1 30  ASN n 
1 31  HIS n 
1 32  ILE n 
1 33  THR n 
1 34  ASN n 
1 35  ALA n 
1 36  SER n 
1 37  GLN n 
1 38  TRP n 
1 39  GLU n 
1 40  ARG n 
1 41  PRO n 
1 42  SER n 
1 43  GLY n 
1 44  ASN n 
1 45  SER n 
1 46  SER n 
1 47  SER n 
1 48  GLY n 
1 49  GLY n 
1 50  LYS n 
1 51  ASN n 
1 52  GLY n 
1 53  GLN n 
1 54  GLY n 
1 55  GLU n 
1 56  PRO n 
1 57  ALA n 
1 58  ARG n 
1 59  VAL n 
1 60  ARG n 
1 61  CYS n 
1 62  SER n 
1 63  HIS n 
1 64  LEU n 
1 65  LEU n 
1 66  VAL n 
1 67  LYS n 
1 68  HIS n 
1 69  SER n 
1 70  GLN n 
1 71  SER n 
1 72  ARG n 
1 73  ARG n 
1 74  PRO n 
1 75  SER n 
1 76  SER n 
1 77  TRP n 
1 78  ARG n 
1 79  GLN n 
1 80  GLU n 
1 81  LYS n 
1 82  ILE n 
1 83  THR n 
1 84  ARG n 
1 85  THR n 
1 86  LYS n 
1 87  GLU n 
1 88  GLU n 
1 89  ALA n 
1 90  LEU n 
1 91  GLU n 
1 92  LEU n 
1 93  ILE n 
1 94  ASN n 
1 95  GLY n 
1 96  TYR n 
1 97  ILE n 
1 98  GLN n 
1 99  LYS n 
1 100 ILE n 
1 101 LYS n 
1 102 SER n 
1 103 GLY n 
1 104 GLU n 
1 105 GLU n 
1 106 ASP n 
1 107 PHE n 
1 108 GLU n 
1 109 SER n 
1 110 LEU n 
1 111 ALA n 
1 112 SER n 
1 113 GLN n 
1 114 PHE n 
1 115 SER n 
1 116 ASP n 
1 117 CYS n 
1 118 SER n 
1 119 SER n 
1 120 ALA n 
1 121 LYS n 
1 122 ALA n 
1 123 ARG n 
1 124 GLY n 
1 125 ASP n 
1 126 LEU n 
1 127 GLY n 
1 128 ALA n 
1 129 PHE n 
1 130 SER n 
1 131 ARG n 
1 132 GLY n 
1 133 GLN n 
1 134 MET n 
1 135 GLN n 
1 136 LYS n 
1 137 PRO n 
1 138 PHE n 
1 139 GLU n 
1 140 ASP n 
1 141 ALA n 
1 142 SER n 
1 143 PHE n 
1 144 ALA n 
1 145 LEU n 
1 146 ARG n 
1 147 THR n 
1 148 GLY n 
1 149 GLU n 
1 150 MET n 
1 151 SER n 
1 152 GLY n 
1 153 PRO n 
1 154 VAL n 
1 155 PHE n 
1 156 THR n 
1 157 ASP n 
1 158 SER n 
1 159 GLY n 
1 160 ILE n 
1 161 HIS n 
1 162 ILE n 
1 163 ILE n 
1 164 LEU n 
1 165 ARG n 
1 166 THR n 
1 167 GLU n 
# 
_entity_src_gen.entity_id                          1 
_entity_src_gen.pdbx_src_id                        1 
_entity_src_gen.pdbx_alt_source_flag               sample 
_entity_src_gen.pdbx_seq_type                      ? 
_entity_src_gen.pdbx_beg_seq_num                   ? 
_entity_src_gen.pdbx_end_seq_num                   ? 
_entity_src_gen.gene_src_common_name               human 
_entity_src_gen.gene_src_genus                     ? 
_entity_src_gen.pdbx_gene_src_gene                 PIN1 
_entity_src_gen.gene_src_species                   ? 
_entity_src_gen.gene_src_strain                    ? 
_entity_src_gen.gene_src_tissue                    ? 
_entity_src_gen.gene_src_tissue_fraction           ? 
_entity_src_gen.gene_src_details                   ? 
_entity_src_gen.pdbx_gene_src_fragment             ? 
_entity_src_gen.pdbx_gene_src_scientific_name      'Homo sapiens' 
_entity_src_gen.pdbx_gene_src_ncbi_taxonomy_id     9606 
_entity_src_gen.pdbx_gene_src_variant              ? 
_entity_src_gen.pdbx_gene_src_cell_line            ? 
_entity_src_gen.pdbx_gene_src_atcc                 ? 
_entity_src_gen.pdbx_gene_src_organ                ? 
_entity_src_gen.pdbx_gene_src_organelle            ? 
_entity_src_gen.pdbx_gene_src_cell                 ? 
_entity_src_gen.pdbx_gene_src_cellular_location    ? 
_entity_src_gen.host_org_common_name               ? 
_entity_src_gen.pdbx_host_org_scientific_name      'Escherichia coli' 
_entity_src_gen.pdbx_host_org_ncbi_taxonomy_id     469008 
_entity_src_gen.host_org_genus                     ? 
_entity_src_gen.pdbx_host_org_gene                 ? 
_entity_src_gen.pdbx_host_org_organ                ? 
_entity_src_gen.host_org_species                   ? 
_entity_src_gen.pdbx_host_org_tissue               ? 
_entity_src_gen.pdbx_host_org_tissue_fraction      ? 
_entity_src_gen.pdbx_host_org_strain               'BL21 (DE3)' 
_entity_src_gen.pdbx_host_org_variant              ? 
_entity_src_gen.pdbx_host_org_cell_line            ? 
_entity_src_gen.pdbx_host_org_atcc                 ? 
_entity_src_gen.pdbx_host_org_culture_collection   ? 
_entity_src_gen.pdbx_host_org_cell                 ? 
_entity_src_gen.pdbx_host_org_organelle            ? 
_entity_src_gen.pdbx_host_org_cellular_location    ? 
_entity_src_gen.pdbx_host_org_vector_type          plasmid 
_entity_src_gen.pdbx_host_org_vector               ? 
_entity_src_gen.host_org_details                   ? 
_entity_src_gen.expression_system_id               ? 
_entity_src_gen.plasmid_name                       PET28A 
_entity_src_gen.plasmid_details                    ? 
_entity_src_gen.pdbx_description                   ? 
# 
_struct_ref.id                         1 
_struct_ref.db_name                    UNP 
_struct_ref.db_code                    PIN1_HUMAN 
_struct_ref.pdbx_db_accession          Q13526 
_struct_ref.entity_id                  1 
_struct_ref.pdbx_seq_one_letter_code   
;MADEEKLPPGWEKRMSRSSGRVYYFNHITNASQWERPSGNSSSGGKNGQGEPARVRCSHLLVKHSQSRRPSSWRQEKITR
TKEEALELINGYIQKIKSGEEDFESLASQFSDCSSAKARGDLGAFSRGQMQKPFEDASFALRTGEMSGPVFTDSGIHIIL
RTE
;
_struct_ref.pdbx_align_begin           1 
_struct_ref.pdbx_db_isoform            ? 
# 
_struct_ref_seq.align_id                      1 
_struct_ref_seq.ref_id                        1 
_struct_ref_seq.pdbx_PDB_id_code              3KAB 
_struct_ref_seq.pdbx_strand_id                A 
_struct_ref_seq.seq_align_beg                 5 
_struct_ref_seq.pdbx_seq_align_beg_ins_code   ? 
_struct_ref_seq.seq_align_end                 167 
_struct_ref_seq.pdbx_seq_align_end_ins_code   ? 
_struct_ref_seq.pdbx_db_accession             Q13526 
_struct_ref_seq.db_align_beg                  1 
_struct_ref_seq.pdbx_db_align_beg_ins_code    ? 
_struct_ref_seq.db_align_end                  163 
_struct_ref_seq.pdbx_db_align_end_ins_code    ? 
_struct_ref_seq.pdbx_auth_seq_align_beg       1 
_struct_ref_seq.pdbx_auth_seq_align_end       163 
# 
loop_
_struct_ref_seq_dif.align_id 
_struct_ref_seq_dif.pdbx_pdb_id_code 
_struct_ref_seq_dif.mon_id 
_struct_ref_seq_dif.pdbx_pdb_strand_id 
_struct_ref_seq_dif.seq_num 
_struct_ref_seq_dif.pdbx_pdb_ins_code 
_struct_ref_seq_dif.pdbx_seq_db_name 
_struct_ref_seq_dif.pdbx_seq_db_accession_code 
_struct_ref_seq_dif.db_mon_id 
_struct_ref_seq_dif.pdbx_seq_db_seq_num 
_struct_ref_seq_dif.details 
_struct_ref_seq_dif.pdbx_auth_seq_num 
_struct_ref_seq_dif.pdbx_ordinal 
1 3KAB GLY A 1  ? UNP Q13526 ?   ?  'expression tag'      -3 1 
1 3KAB SER A 2  ? UNP Q13526 ?   ?  'expression tag'      -2 2 
1 3KAB HIS A 3  ? UNP Q13526 ?   ?  'expression tag'      -1 3 
1 3KAB GLY A 4  ? UNP Q13526 ?   ?  'expression tag'      0  4 
1 3KAB ALA A 18 ? UNP Q13526 ARG 14 'engineered mutation' 14 5 
# 
loop_
_chem_comp.id 
_chem_comp.type 
_chem_comp.mon_nstd_flag 
_chem_comp.name 
_chem_comp.pdbx_synonyms 
_chem_comp.formula 
_chem_comp.formula_weight 
12P non-polymer         . 'DODECAETHYLENE GLYCOL'                'POLYETHYLENE GLYCOL PEG400' 'C24 H50 O13'    546.646 
4BL non-polymer         . '6-methyl-1H-indole-2-carboxylic acid' ?                            'C10 H9 N O2'    175.184 
ALA 'L-peptide linking' y ALANINE                                ?                            'C3 H7 N O2'     89.093  
ARG 'L-peptide linking' y ARGININE                               ?                            'C6 H15 N4 O2 1' 175.209 
ASN 'L-peptide linking' y ASPARAGINE                             ?                            'C4 H8 N2 O3'    132.118 
ASP 'L-peptide linking' y 'ASPARTIC ACID'                        ?                            'C4 H7 N O4'     133.103 
CYS 'L-peptide linking' y CYSTEINE                               ?                            'C3 H7 N O2 S'   121.158 
GLN 'L-peptide linking' y GLUTAMINE                              ?                            'C5 H10 N2 O3'   146.144 
GLU 'L-peptide linking' y 'GLUTAMIC ACID'                        ?                            'C5 H9 N O4'     147.129 
GLY 'peptide linking'   y GLYCINE                                ?                            'C2 H5 N O2'     75.067  
HIS 'L-peptide linking' y HISTIDINE                              ?                            'C6 H10 N3 O2 1' 156.162 
HOH non-polymer         . WATER                                  ?                            'H2 O'           18.015  
ILE 'L-peptide linking' y ISOLEUCINE                             ?                            'C6 H13 N O2'    131.173 
LEU 'L-peptide linking' y LEUCINE                                ?                            'C6 H13 N O2'    131.173 
LYS 'L-peptide linking' y LYSINE                                 ?                            'C6 H15 N2 O2 1' 147.195 
MET 'L-peptide linking' y METHIONINE                             ?                            'C5 H11 N O2 S'  149.211 
PHE 'L-peptide linking' y PHENYLALANINE                          ?                            'C9 H11 N O2'    165.189 
PRO 'L-peptide linking' y PROLINE                                ?                            'C5 H9 N O2'     115.130 
SER 'L-peptide linking' y SERINE                                 ?                            'C3 H7 N O3'     105.093 
SO4 non-polymer         . 'SULFATE ION'                          ?                            'O4 S -2'        96.063  
THR 'L-peptide linking' y THREONINE                              ?                            'C4 H9 N O3'     119.119 
TRP 'L-peptide linking' y TRYPTOPHAN                             ?                            'C11 H12 N2 O2'  204.225 
TYR 'L-peptide linking' y TYROSINE                               ?                            'C9 H11 N O3'    181.189 
VAL 'L-peptide linking' y VALINE                                 ?                            'C5 H11 N O2'    117.146 
# 
_exptl.entry_id          3KAB 
_exptl.method            'X-RAY DIFFRACTION' 
_exptl.crystals_number   1 
# 
_exptl_crystal.id                    1 
_exptl_crystal.density_meas          ? 
_exptl_crystal.density_Matthews      2.91 
_exptl_crystal.density_percent_sol   57.71 
_exptl_crystal.description           ? 
_exptl_crystal.F_000                 ? 
_exptl_crystal.preparation           ? 
# 
_exptl_crystal_grow.crystal_id      1 
_exptl_crystal_grow.method          'VAPOR DIFFUSION, HANGING DROP' 
_exptl_crystal_grow.temp            277 
_exptl_crystal_grow.temp_details    ? 
_exptl_crystal_grow.pH              7.5 
_exptl_crystal_grow.pdbx_details    
'2.2M Ammonium sulphate, 0.1M HEPES buffer, 1% PEG 400, 5mM DTT, pH 7.5, VAPOR DIFFUSION, HANGING DROP, temperature 277K' 
_exptl_crystal_grow.pdbx_pH_range   . 
# 
_diffrn.id                     1 
_diffrn.ambient_temp           100 
_diffrn.ambient_temp_details   ? 
_diffrn.crystal_id             1 
# 
_diffrn_detector.diffrn_id              1 
_diffrn_detector.detector               'IMAGE PLATE' 
_diffrn_detector.type                   'RIGAKU RAXIS IV++' 
_diffrn_detector.pdbx_collection_date   2005-10-05 
_diffrn_detector.details                mirrors 
# 
_diffrn_radiation.diffrn_id                        1 
_diffrn_radiation.wavelength_id                    1 
_diffrn_radiation.pdbx_monochromatic_or_laue_m_l   M 
_diffrn_radiation.monochromator                    Mirrors 
_diffrn_radiation.pdbx_diffrn_protocol             'SINGLE WAVELENGTH' 
_diffrn_radiation.pdbx_scattering_type             x-ray 
# 
_diffrn_radiation_wavelength.id           1 
_diffrn_radiation_wavelength.wavelength   1.5418 
_diffrn_radiation_wavelength.wt           1.0 
# 
_diffrn_source.diffrn_id                   1 
_diffrn_source.source                      'ROTATING ANODE' 
_diffrn_source.type                        'RIGAKU RUH3R' 
_diffrn_source.pdbx_synchrotron_site       ? 
_diffrn_source.pdbx_synchrotron_beamline   ? 
_diffrn_source.pdbx_wavelength             ? 
_diffrn_source.pdbx_wavelength_list        1.5418 
# 
_reflns.entry_id                     3KAB 
_reflns.observed_criterion_sigma_I   1.0 
_reflns.observed_criterion_sigma_F   1.0 
_reflns.d_resolution_low             27.8 
_reflns.d_resolution_high            2.19 
_reflns.number_obs                   11393 
_reflns.number_all                   11393 
_reflns.percent_possible_obs         99.6 
_reflns.pdbx_Rmerge_I_obs            0.084 
_reflns.pdbx_Rsym_value              ? 
_reflns.pdbx_netI_over_sigmaI        11.4 
_reflns.B_iso_Wilson_estimate        ? 
_reflns.pdbx_redundancy              6.8 
_reflns.R_free_details               ? 
_reflns.limit_h_max                  ? 
_reflns.limit_h_min                  ? 
_reflns.limit_k_max                  ? 
_reflns.limit_k_min                  ? 
_reflns.limit_l_max                  ? 
_reflns.limit_l_min                  ? 
_reflns.observed_criterion_F_max     ? 
_reflns.observed_criterion_F_min     ? 
_reflns.pdbx_chi_squared             ? 
_reflns.pdbx_scaling_rejects         ? 
_reflns.pdbx_diffrn_id               1 
_reflns.pdbx_ordinal                 1 
# 
_reflns_shell.d_res_high             2.19 
_reflns_shell.d_res_low              2.27 
_reflns_shell.percent_possible_all   96.7 
_reflns_shell.Rmerge_I_obs           0.521 
_reflns_shell.pdbx_Rsym_value        ? 
_reflns_shell.meanI_over_sigI_obs    1.5 
_reflns_shell.pdbx_redundancy        6.4 
_reflns_shell.percent_possible_obs   ? 
_reflns_shell.number_unique_all      1025 
_reflns_shell.number_measured_all    ? 
_reflns_shell.number_measured_obs    ? 
_reflns_shell.number_unique_obs      ? 
_reflns_shell.pdbx_chi_squared       ? 
_reflns_shell.pdbx_diffrn_id         ? 
_reflns_shell.pdbx_ordinal           1 
# 
_refine.entry_id                                 3KAB 
_refine.ls_number_reflns_obs                     10842 
_refine.ls_number_reflns_all                     11393 
_refine.pdbx_ls_sigma_I                          ? 
_refine.pdbx_ls_sigma_F                          0.00 
_refine.pdbx_data_cutoff_high_absF               ? 
_refine.pdbx_data_cutoff_low_absF                ? 
_refine.pdbx_data_cutoff_high_rms_absF           ? 
_refine.ls_d_res_low                             27.74 
_refine.ls_d_res_high                            2.19 
_refine.ls_percent_reflns_obs                    99.58 
_refine.ls_R_factor_obs                          0.21407 
_refine.ls_R_factor_all                          0.21407 
_refine.ls_R_factor_R_work                       0.21186 
_refine.ls_R_factor_R_free                       0.25711 
_refine.ls_R_factor_R_free_error                 ? 
_refine.ls_R_factor_R_free_error_details         ? 
_refine.ls_percent_reflns_R_free                 4.8 
_refine.ls_number_reflns_R_free                  547 
_refine.ls_number_parameters                     ? 
_refine.ls_number_restraints                     ? 
_refine.correlation_coeff_Fo_to_Fc               0.954 
_refine.correlation_coeff_Fo_to_Fc_free          0.930 
_refine.B_iso_mean                               44.793 
_refine.aniso_B[1][1]                            0.07 
_refine.aniso_B[2][2]                            0.07 
_refine.aniso_B[3][3]                            -0.10 
_refine.aniso_B[1][2]                            0.03 
_refine.aniso_B[1][3]                            0.00 
_refine.aniso_B[2][3]                            0.00 
_refine.solvent_model_details                    MASK 
_refine.solvent_model_param_ksol                 ? 
_refine.solvent_model_param_bsol                 ? 
_refine.pdbx_solvent_vdw_probe_radii             1.40 
_refine.pdbx_solvent_ion_probe_radii             0.80 
_refine.pdbx_solvent_shrinkage_radii             0.80 
_refine.pdbx_ls_cross_valid_method               THROUGHOUT 
_refine.details                                  'HYDROGENS HAVE BEEN ADDED IN THE RIDING POSITIONS' 
_refine.pdbx_starting_model                      'PDB ENTRY 1PIN' 
_refine.pdbx_method_to_determine_struct          'MOLECULAR REPLACEMENT' 
_refine.pdbx_isotropic_thermal_model             ? 
_refine.pdbx_stereochemistry_target_values       'MAXIMUM LIKELIHOOD' 
_refine.pdbx_stereochem_target_val_spec_case     ? 
_refine.pdbx_R_Free_selection_details            RANDOM 
_refine.pdbx_overall_ESU_R                       0.224 
_refine.pdbx_overall_ESU_R_Free                  0.197 
_refine.overall_SU_ML                            0.160 
_refine.overall_SU_B                             6.785 
_refine.ls_redundancy_reflns_obs                 ? 
_refine.overall_SU_R_Cruickshank_DPI             ? 
_refine.overall_SU_R_free                        ? 
_refine.ls_wR_factor_R_free                      ? 
_refine.ls_wR_factor_R_work                      ? 
_refine.overall_FOM_free_R_set                   ? 
_refine.overall_FOM_work_R_set                   ? 
_refine.B_iso_max                                90.34 
_refine.B_iso_min                                18.54 
_refine.occupancy_max                            1.00 
_refine.occupancy_min                            0.50 
_refine.pdbx_refine_id                           'X-RAY DIFFRACTION' 
_refine.pdbx_overall_phase_error                 ? 
_refine.pdbx_diffrn_id                           1 
_refine.pdbx_TLS_residual_ADP_flag               ? 
_refine.pdbx_overall_SU_R_free_Cruickshank_DPI   ? 
_refine.pdbx_overall_SU_R_Blow_DPI               ? 
_refine.pdbx_overall_SU_R_free_Blow_DPI          ? 
# 
_refine_hist.pdbx_refine_id                   'X-RAY DIFFRACTION' 
_refine_hist.cycle_id                         LAST 
_refine_hist.pdbx_number_atoms_protein        1164 
_refine_hist.pdbx_number_atoms_nucleic_acid   0 
_refine_hist.pdbx_number_atoms_ligand         36 
_refine_hist.number_atoms_solvent             81 
_refine_hist.number_atoms_total               1281 
_refine_hist.d_res_high                       2.19 
_refine_hist.d_res_low                        27.74 
# 
loop_
_refine_ls_restr.type 
_refine_ls_restr.dev_ideal 
_refine_ls_restr.dev_ideal_target 
_refine_ls_restr.weight 
_refine_ls_restr.number 
_refine_ls_restr.pdbx_refine_id 
_refine_ls_restr.pdbx_restraint_function 
r_bond_refined_d       0.022  0.021  ? 1225 'X-RAY DIFFRACTION' ? 
r_angle_refined_deg    2.098  1.973  ? 1641 'X-RAY DIFFRACTION' ? 
r_dihedral_angle_1_deg 7.462  5.000  ? 145  'X-RAY DIFFRACTION' ? 
r_dihedral_angle_2_deg 34.094 22.373 ? 59   'X-RAY DIFFRACTION' ? 
r_dihedral_angle_3_deg 18.606 15.000 ? 214  'X-RAY DIFFRACTION' ? 
r_dihedral_angle_4_deg 21.558 15.000 ? 14   'X-RAY DIFFRACTION' ? 
r_chiral_restr         0.134  0.200  ? 163  'X-RAY DIFFRACTION' ? 
r_gen_planes_refined   0.009  0.021  ? 932  'X-RAY DIFFRACTION' ? 
r_mcbond_it            1.110  1.500  ? 724  'X-RAY DIFFRACTION' ? 
r_mcangle_it           2.093  2.000  ? 1161 'X-RAY DIFFRACTION' ? 
r_scbond_it            3.165  3.000  ? 501  'X-RAY DIFFRACTION' ? 
r_scangle_it           5.153  4.500  ? 479  'X-RAY DIFFRACTION' ? 
# 
_refine_ls_shell.pdbx_total_number_of_bins_used   20 
_refine_ls_shell.d_res_high                       2.193 
_refine_ls_shell.d_res_low                        2.250 
_refine_ls_shell.number_reflns_R_work             715 
_refine_ls_shell.R_factor_R_work                  0.352 
_refine_ls_shell.percent_reflns_obs               95.44 
_refine_ls_shell.R_factor_R_free                  0.315 
_refine_ls_shell.R_factor_R_free_error            ? 
_refine_ls_shell.percent_reflns_R_free            ? 
_refine_ls_shell.number_reflns_R_free             39 
_refine_ls_shell.number_reflns_all                ? 
_refine_ls_shell.R_factor_all                     ? 
_refine_ls_shell.number_reflns_obs                754 
_refine_ls_shell.redundancy_reflns_obs            ? 
_refine_ls_shell.pdbx_refine_id                   'X-RAY DIFFRACTION' 
# 
_struct.entry_id                  3KAB 
_struct.title                     'Structure-guided design of alpha-amino acid-derived Pin1 inhibitors' 
_struct.pdbx_model_details        ? 
_struct.pdbx_CASP_flag            ? 
_struct.pdbx_model_type_details   ? 
# 
_struct_keywords.entry_id        3KAB 
_struct_keywords.pdbx_keywords   ISOMERASE 
_struct_keywords.text            
;SBDD, PPIASE, ISOMERASE, ROTAMASE, SMALL MOLECULE, Proline directed kinase, cell cycle, Oncogenic transformation, Nucleus, Phosphoprotein
;
# 
loop_
_struct_asym.id 
_struct_asym.pdbx_blank_PDB_chainid_flag 
_struct_asym.pdbx_modified 
_struct_asym.entity_id 
_struct_asym.details 
A N N 1 ? 
B N N 2 ? 
C N N 3 ? 
D N N 4 ? 
E N N 5 ? 
# 
_struct_biol.id        1 
_struct_biol.details   ? 
# 
loop_
_struct_conf.conf_type_id 
_struct_conf.id 
_struct_conf.pdbx_PDB_helix_id 
_struct_conf.beg_label_comp_id 
_struct_conf.beg_label_asym_id 
_struct_conf.beg_label_seq_id 
_struct_conf.pdbx_beg_PDB_ins_code 
_struct_conf.end_label_comp_id 
_struct_conf.end_label_asym_id 
_struct_conf.end_label_seq_id 
_struct_conf.pdbx_end_PDB_ins_code 
_struct_conf.beg_auth_comp_id 
_struct_conf.beg_auth_asym_id 
_struct_conf.beg_auth_seq_id 
_struct_conf.end_auth_comp_id 
_struct_conf.end_auth_asym_id 
_struct_conf.end_auth_seq_id 
_struct_conf.pdbx_PDB_helix_class 
_struct_conf.details 
_struct_conf.pdbx_PDB_helix_length 
HELX_P HELX_P1 1 THR A 85  ? GLY A 103 ? THR A 81  GLY A 99  1 ? 19 
HELX_P HELX_P2 2 ASP A 106 ? SER A 115 ? ASP A 102 SER A 111 1 ? 10 
HELX_P HELX_P3 3 CYS A 117 ? ARG A 123 ? CYS A 113 ARG A 119 5 ? 7  
HELX_P HELX_P4 4 GLN A 135 ? LEU A 145 ? GLN A 131 LEU A 141 1 ? 11 
# 
_struct_conf_type.id          HELX_P 
_struct_conf_type.criteria    ? 
_struct_conf_type.reference   ? 
# 
loop_
_struct_sheet.id 
_struct_sheet.type 
_struct_sheet.number_strands 
_struct_sheet.details 
A ? 3 ? 
B ? 4 ? 
# 
loop_
_struct_sheet_order.sheet_id 
_struct_sheet_order.range_id_1 
_struct_sheet_order.range_id_2 
_struct_sheet_order.offset 
_struct_sheet_order.sense 
A 1 2 ? anti-parallel 
A 2 3 ? anti-parallel 
B 1 2 ? anti-parallel 
B 2 3 ? anti-parallel 
B 3 4 ? anti-parallel 
# 
loop_
_struct_sheet_range.sheet_id 
_struct_sheet_range.id 
_struct_sheet_range.beg_label_comp_id 
_struct_sheet_range.beg_label_asym_id 
_struct_sheet_range.beg_label_seq_id 
_struct_sheet_range.pdbx_beg_PDB_ins_code 
_struct_sheet_range.end_label_comp_id 
_struct_sheet_range.end_label_asym_id 
_struct_sheet_range.end_label_seq_id 
_struct_sheet_range.pdbx_end_PDB_ins_code 
_struct_sheet_range.beg_auth_comp_id 
_struct_sheet_range.beg_auth_asym_id 
_struct_sheet_range.beg_auth_seq_id 
_struct_sheet_range.end_auth_comp_id 
_struct_sheet_range.end_auth_asym_id 
_struct_sheet_range.end_auth_seq_id 
A 1 TRP A 15  ? MET A 19  ? TRP A 11  MET A 15  
A 2 VAL A 26  ? ASN A 30  ? VAL A 22  ASN A 26  
A 3 SER A 36  ? GLN A 37  ? SER A 32  GLN A 33  
B 1 ASP A 125 ? SER A 130 ? ASP A 121 SER A 126 
B 2 ARG A 58  ? VAL A 66  ? ARG A 54  VAL A 62  
B 3 GLY A 159 ? GLU A 167 ? GLY A 155 GLU A 163 
B 4 VAL A 154 ? THR A 156 ? VAL A 150 THR A 152 
# 
loop_
_pdbx_struct_sheet_hbond.sheet_id 
_pdbx_struct_sheet_hbond.range_id_1 
_pdbx_struct_sheet_hbond.range_id_2 
_pdbx_struct_sheet_hbond.range_1_label_atom_id 
_pdbx_struct_sheet_hbond.range_1_label_comp_id 
_pdbx_struct_sheet_hbond.range_1_label_asym_id 
_pdbx_struct_sheet_hbond.range_1_label_seq_id 
_pdbx_struct_sheet_hbond.range_1_PDB_ins_code 
_pdbx_struct_sheet_hbond.range_1_auth_atom_id 
_pdbx_struct_sheet_hbond.range_1_auth_comp_id 
_pdbx_struct_sheet_hbond.range_1_auth_asym_id 
_pdbx_struct_sheet_hbond.range_1_auth_seq_id 
_pdbx_struct_sheet_hbond.range_2_label_atom_id 
_pdbx_struct_sheet_hbond.range_2_label_comp_id 
_pdbx_struct_sheet_hbond.range_2_label_asym_id 
_pdbx_struct_sheet_hbond.range_2_label_seq_id 
_pdbx_struct_sheet_hbond.range_2_PDB_ins_code 
_pdbx_struct_sheet_hbond.range_2_auth_atom_id 
_pdbx_struct_sheet_hbond.range_2_auth_comp_id 
_pdbx_struct_sheet_hbond.range_2_auth_asym_id 
_pdbx_struct_sheet_hbond.range_2_auth_seq_id 
A 1 2 N GLU A 16  ? N GLU A 12  O PHE A 29  ? O PHE A 25  
A 2 3 N TYR A 28  ? N TYR A 24  O GLN A 37  ? O GLN A 33  
B 1 2 O LEU A 126 ? O LEU A 122 N CYS A 61  ? N CYS A 57  
B 2 3 N ARG A 60  ? N ARG A 56  O GLU A 167 ? O GLU A 163 
B 3 4 O HIS A 161 ? O HIS A 157 N VAL A 154 ? N VAL A 150 
# 
loop_
_struct_site.id 
_struct_site.pdbx_evidence_code 
_struct_site.pdbx_auth_asym_id 
_struct_site.pdbx_auth_comp_id 
_struct_site.pdbx_auth_seq_id 
_struct_site.pdbx_auth_ins_code 
_struct_site.pdbx_num_residues 
_struct_site.details 
AC1 Software A 12P 164 ? 10 'BINDING SITE FOR RESIDUE 12P A 164' 
AC2 Software A SO4 165 ? 6  'BINDING SITE FOR RESIDUE SO4 A 165' 
AC3 Software A 4BL 166 ? 8  'BINDING SITE FOR RESIDUE 4BL A 166' 
# 
loop_
_struct_site_gen.id 
_struct_site_gen.site_id 
_struct_site_gen.pdbx_num_res 
_struct_site_gen.label_comp_id 
_struct_site_gen.label_asym_id 
_struct_site_gen.label_seq_id 
_struct_site_gen.pdbx_auth_ins_code 
_struct_site_gen.auth_comp_id 
_struct_site_gen.auth_asym_id 
_struct_site_gen.auth_seq_id 
_struct_site_gen.label_atom_id 
_struct_site_gen.label_alt_id 
_struct_site_gen.symmetry 
_struct_site_gen.details 
1  AC1 10 TYR A 27  ? TYR A 23  . ? 1_555 ? 
2  AC1 10 ALA A 35  ? ALA A 31  . ? 1_555 ? 
3  AC1 10 SER A 36  ? SER A 32  . ? 1_555 ? 
4  AC1 10 TRP A 38  ? TRP A 34  . ? 1_555 ? 
5  AC1 10 ILE A 97  ? ILE A 93  . ? 1_555 ? 
6  AC1 10 LYS A 101 ? LYS A 97  . ? 1_555 ? 
7  AC1 10 SER A 102 ? SER A 98  . ? 5_555 ? 
8  AC1 10 MET A 150 ? MET A 146 . ? 1_555 ? 
9  AC1 10 HOH E .   ? HOH A 217 . ? 1_555 ? 
10 AC1 10 HOH E .   ? HOH A 244 . ? 1_555 ? 
11 AC2 6  LYS A 67  ? LYS A 63  . ? 1_555 ? 
12 AC2 6  ARG A 72  ? ARG A 68  . ? 1_555 ? 
13 AC2 6  ARG A 73  ? ARG A 69  . ? 1_555 ? 
14 AC2 6  SER A 158 ? SER A 154 . ? 1_555 ? 
15 AC2 6  4BL D .   ? 4BL A 166 . ? 1_555 ? 
16 AC2 6  HOH E .   ? HOH A 195 . ? 1_555 ? 
17 AC3 8  LEU A 65  ? LEU A 61  . ? 1_555 ? 
18 AC3 8  CYS A 117 ? CYS A 113 . ? 1_555 ? 
19 AC3 8  MET A 134 ? MET A 130 . ? 1_555 ? 
20 AC3 8  GLN A 135 ? GLN A 131 . ? 1_555 ? 
21 AC3 8  PHE A 138 ? PHE A 134 . ? 1_555 ? 
22 AC3 8  SER A 158 ? SER A 154 . ? 1_555 ? 
23 AC3 8  SO4 C .   ? SO4 A 165 . ? 1_555 ? 
24 AC3 8  HOH E .   ? HOH A 175 . ? 1_555 ? 
# 
_atom_sites.entry_id                    3KAB 
_atom_sites.fract_transf_matrix[1][1]   0.00831643 
_atom_sites.fract_transf_matrix[1][2]   -0.00003801 
_atom_sites.fract_transf_matrix[1][3]   -0.01469373 
_atom_sites.fract_transf_matrix[2][1]   0.00422393 
_atom_sites.fract_transf_matrix[2][2]   0.01460283 
_atom_sites.fract_transf_matrix[2][3]   -0.00734747 
_atom_sites.fract_transf_matrix[3][1]   0.01090443 
_atom_sites.fract_transf_matrix[3][2]   -0.00004875 
_atom_sites.fract_transf_matrix[3][3]   0.00617187 
_atom_sites.fract_transf_vector[1]      0.632065 
_atom_sites.fract_transf_vector[2]      0.241210 
_atom_sites.fract_transf_vector[3]      0.350202 
# 
loop_
_atom_type.symbol 
C 
N 
O 
S 
# 
loop_
_atom_site.group_PDB 
_atom_site.id 
_atom_site.type_symbol 
_atom_site.label_atom_id 
_atom_site.label_alt_id 
_atom_site.label_comp_id 
_atom_site.label_asym_id 
_atom_site.label_entity_id 
_atom_site.label_seq_id 
_atom_site.pdbx_PDB_ins_code 
_atom_site.Cartn_x 
_atom_site.Cartn_y 
_atom_site.Cartn_z 
_atom_site.occupancy 
_atom_site.B_iso_or_equiv 
_atom_site.pdbx_formal_charge 
_atom_site.auth_seq_id 
_atom_site.auth_comp_id 
_atom_site.auth_asym_id 
_atom_site.auth_atom_id 
_atom_site.pdbx_PDB_model_num 
ATOM   1    N N   . LEU A 1 11  ? 12.263  -18.065 -4.993  1.00 68.32 ? 7   LEU A N   1 
ATOM   2    C CA  . LEU A 1 11  ? 11.125  -17.213 -4.526  1.00 69.08 ? 7   LEU A CA  1 
ATOM   3    C C   . LEU A 1 11  ? 11.031  -15.945 -5.376  1.00 69.02 ? 7   LEU A C   1 
ATOM   4    O O   . LEU A 1 11  ? 12.047  -15.268 -5.584  1.00 69.06 ? 7   LEU A O   1 
ATOM   5    C CB  . LEU A 1 11  ? 11.317  -16.790 -3.054  1.00 69.09 ? 7   LEU A CB  1 
ATOM   6    C CG  . LEU A 1 11  ? 11.355  -17.752 -1.854  1.00 69.23 ? 7   LEU A CG  1 
ATOM   7    C CD1 . LEU A 1 11  ? 11.942  -17.028 -0.621  1.00 67.87 ? 7   LEU A CD1 1 
ATOM   8    C CD2 . LEU A 1 11  ? 9.981   -18.360 -1.529  1.00 68.24 ? 7   LEU A CD2 1 
ATOM   9    N N   . PRO A 1 12  ? 9.805   -15.564 -5.800  1.00 69.25 ? 8   PRO A N   1 
ATOM   10   C CA  . PRO A 1 12  ? 9.565   -14.383 -6.702  1.00 68.89 ? 8   PRO A CA  1 
ATOM   11   C C   . PRO A 1 12  ? 10.356  -13.082 -6.341  1.00 68.02 ? 8   PRO A C   1 
ATOM   12   O O   . PRO A 1 12  ? 10.846  -12.967 -5.184  1.00 67.49 ? 8   PRO A O   1 
ATOM   13   C CB  . PRO A 1 12  ? 8.031   -14.144 -6.597  1.00 69.43 ? 8   PRO A CB  1 
ATOM   14   C CG  . PRO A 1 12  ? 7.459   -15.448 -6.070  1.00 69.61 ? 8   PRO A CG  1 
ATOM   15   C CD  . PRO A 1 12  ? 8.548   -16.052 -5.187  1.00 69.32 ? 8   PRO A CD  1 
ATOM   16   N N   . PRO A 1 13  ? 10.498  -12.124 -7.318  1.00 67.02 ? 9   PRO A N   1 
ATOM   17   C CA  . PRO A 1 13  ? 11.219  -10.872 -7.016  1.00 65.89 ? 9   PRO A CA  1 
ATOM   18   C C   . PRO A 1 13  ? 10.821  -10.270 -5.652  1.00 64.63 ? 9   PRO A C   1 
ATOM   19   O O   . PRO A 1 13  ? 9.636   -9.895  -5.473  1.00 64.24 ? 9   PRO A O   1 
ATOM   20   C CB  . PRO A 1 13  ? 10.835  -9.919  -8.182  1.00 65.76 ? 9   PRO A CB  1 
ATOM   21   C CG  . PRO A 1 13  ? 10.037  -10.750 -9.165  1.00 66.94 ? 9   PRO A CG  1 
ATOM   22   C CD  . PRO A 1 13  ? 10.181  -12.210 -8.759  1.00 67.05 ? 9   PRO A CD  1 
ATOM   23   N N   . GLY A 1 14  ? 11.797  -10.239 -4.713  1.00 62.73 ? 10  GLY A N   1 
ATOM   24   C CA  . GLY A 1 14  ? 11.681  -9.559  -3.401  1.00 60.05 ? 10  GLY A CA  1 
ATOM   25   C C   . GLY A 1 14  ? 11.467  -10.362 -2.109  1.00 58.49 ? 10  GLY A C   1 
ATOM   26   O O   . GLY A 1 14  ? 11.516  -9.802  -1.020  1.00 57.83 ? 10  GLY A O   1 
ATOM   27   N N   . TRP A 1 15  ? 11.231  -11.666 -2.225  1.00 57.62 ? 11  TRP A N   1 
ATOM   28   C CA  . TRP A 1 15  ? 10.740  -12.472 -1.104  1.00 56.88 ? 11  TRP A CA  1 
ATOM   29   C C   . TRP A 1 15  ? 11.888  -13.127 -0.350  1.00 57.88 ? 11  TRP A C   1 
ATOM   30   O O   . TRP A 1 15  ? 12.791  -13.732 -0.946  1.00 58.30 ? 11  TRP A O   1 
ATOM   31   C CB  . TRP A 1 15  ? 9.703   -13.544 -1.560  1.00 55.30 ? 11  TRP A CB  1 
ATOM   32   C CG  . TRP A 1 15  ? 8.360   -13.018 -1.991  1.00 51.23 ? 11  TRP A CG  1 
ATOM   33   C CD1 . TRP A 1 15  ? 7.974   -12.769 -3.256  1.00 51.13 ? 11  TRP A CD1 1 
ATOM   34   C CD2 . TRP A 1 15  ? 7.216   -12.662 -1.151  1.00 50.00 ? 11  TRP A CD2 1 
ATOM   35   N NE1 . TRP A 1 15  ? 6.671   -12.271 -3.287  1.00 49.32 ? 11  TRP A NE1 1 
ATOM   36   C CE2 . TRP A 1 15  ? 6.188   -12.207 -2.011  1.00 46.40 ? 11  TRP A CE2 1 
ATOM   37   C CE3 . TRP A 1 15  ? 6.969   -12.687 0.241   1.00 46.75 ? 11  TRP A CE3 1 
ATOM   38   C CZ2 . TRP A 1 15  ? 4.945   -11.795 -1.544  1.00 45.09 ? 11  TRP A CZ2 1 
ATOM   39   C CZ3 . TRP A 1 15  ? 5.715   -12.279 0.701   1.00 44.88 ? 11  TRP A CZ3 1 
ATOM   40   C CH2 . TRP A 1 15  ? 4.722   -11.840 -0.189  1.00 43.66 ? 11  TRP A CH2 1 
ATOM   41   N N   . GLU A 1 16  ? 11.844  -13.031 0.966   1.00 58.00 ? 12  GLU A N   1 
ATOM   42   C CA  . GLU A 1 16  ? 12.837  -13.694 1.763   1.00 58.95 ? 12  GLU A CA  1 
ATOM   43   C C   . GLU A 1 16  ? 12.054  -14.449 2.862   1.00 58.70 ? 12  GLU A C   1 
ATOM   44   O O   . GLU A 1 16  ? 10.972  -13.997 3.247   1.00 57.85 ? 12  GLU A O   1 
ATOM   45   C CB  . GLU A 1 16  ? 13.822  -12.643 2.327   1.00 59.66 ? 12  GLU A CB  1 
ATOM   46   C CG  . GLU A 1 16  ? 13.685  -12.365 3.882   1.00 64.31 ? 12  GLU A CG  1 
ATOM   47   C CD  . GLU A 1 16  ? 13.667  -10.873 4.311   1.00 68.64 ? 12  GLU A CD  1 
ATOM   48   O OE1 . GLU A 1 16  ? 12.720  -10.507 5.051   1.00 70.79 ? 12  GLU A OE1 1 
ATOM   49   O OE2 . GLU A 1 16  ? 14.589  -10.087 3.937   1.00 70.77 ? 12  GLU A OE2 1 
ATOM   50   N N   . LYS A 1 17  ? 12.575  -15.598 3.317   1.00 58.96 ? 13  LYS A N   1 
ATOM   51   C CA  . LYS A 1 17  ? 12.109  -16.269 4.549   1.00 59.51 ? 13  LYS A CA  1 
ATOM   52   C C   . LYS A 1 17  ? 12.524  -15.388 5.718   1.00 59.68 ? 13  LYS A C   1 
ATOM   53   O O   . LYS A 1 17  ? 13.660  -14.869 5.754   1.00 59.71 ? 13  LYS A O   1 
ATOM   54   C CB  . LYS A 1 17  ? 12.747  -17.659 4.784   1.00 59.37 ? 13  LYS A CB  1 
ATOM   55   C CG  . LYS A 1 17  ? 12.135  -18.864 4.095   1.00 61.53 ? 13  LYS A CG  1 
ATOM   56   C CD  . LYS A 1 17  ? 13.206  -20.012 4.024   1.00 66.90 ? 13  LYS A CD  1 
ATOM   57   C CE  . LYS A 1 17  ? 12.604  -21.422 3.856   1.00 67.90 ? 13  LYS A CE  1 
ATOM   58   N NZ  . LYS A 1 17  ? 11.829  -21.560 2.587   1.00 69.62 ? 13  LYS A NZ  1 
ATOM   59   N N   . ALA A 1 18  ? 11.600  -15.220 6.658   1.00 59.15 ? 14  ALA A N   1 
ATOM   60   C CA  . ALA A 1 18  ? 11.900  -14.603 7.920   1.00 59.48 ? 14  ALA A CA  1 
ATOM   61   C C   . ALA A 1 18  ? 11.413  -15.525 9.058   1.00 60.13 ? 14  ALA A C   1 
ATOM   62   O O   . ALA A 1 18  ? 10.728  -16.532 8.845   1.00 59.64 ? 14  ALA A O   1 
ATOM   63   C CB  . ALA A 1 18  ? 11.263  -13.216 7.996   1.00 59.18 ? 14  ALA A CB  1 
ATOM   64   N N   . MET A 1 19  ? 11.791  -15.179 10.270  1.00 61.05 ? 15  MET A N   1 
ATOM   65   C CA  . MET A 1 19  ? 11.401  -15.936 11.433  1.00 61.67 ? 15  MET A CA  1 
ATOM   66   C C   . MET A 1 19  ? 10.355  -15.121 12.196  1.00 60.58 ? 15  MET A C   1 
ATOM   67   O O   . MET A 1 19  ? 10.579  -13.934 12.464  1.00 59.96 ? 15  MET A O   1 
ATOM   68   C CB  . MET A 1 19  ? 12.666  -16.218 12.290  1.00 62.93 ? 15  MET A CB  1 
ATOM   69   C CG  . MET A 1 19  ? 12.448  -17.054 13.570  1.00 66.29 ? 15  MET A CG  1 
ATOM   70   S SD  . MET A 1 19  ? 11.399  -18.510 13.269  1.00 74.75 ? 15  MET A SD  1 
ATOM   71   C CE  . MET A 1 19  ? 12.464  -19.553 12.199  1.00 71.00 ? 15  MET A CE  1 
ATOM   72   N N   . SER A 1 20  ? 9.216   -15.729 12.525  1.00 59.64 ? 16  SER A N   1 
ATOM   73   C CA  . SER A 1 20  ? 8.259   -15.018 13.366  1.00 59.87 ? 16  SER A CA  1 
ATOM   74   C C   . SER A 1 20  ? 8.790   -14.824 14.811  1.00 60.43 ? 16  SER A C   1 
ATOM   75   O O   . SER A 1 20  ? 9.147   -15.791 15.515  1.00 60.20 ? 16  SER A O   1 
ATOM   76   C CB  . SER A 1 20  ? 6.895   -15.676 13.404  1.00 58.79 ? 16  SER A CB  1 
ATOM   77   O OG  . SER A 1 20  ? 6.155   -15.010 14.410  1.00 58.31 ? 16  SER A OG  1 
ATOM   78   N N   . ARG A 1 21  ? 8.842   -13.564 15.230  1.00 61.35 ? 17  ARG A N   1 
ATOM   79   C CA  . ARG A 1 21  ? 9.309   -13.205 16.570  1.00 62.59 ? 17  ARG A CA  1 
ATOM   80   C C   . ARG A 1 21  ? 8.361   -13.694 17.687  1.00 62.63 ? 17  ARG A C   1 
ATOM   81   O O   . ARG A 1 21  ? 8.831   -14.186 18.724  1.00 62.83 ? 17  ARG A O   1 
ATOM   82   C CB  . ARG A 1 21  ? 9.507   -11.696 16.667  1.00 62.94 ? 17  ARG A CB  1 
ATOM   83   C CG  . ARG A 1 21  ? 10.255  -11.262 17.901  1.00 65.80 ? 17  ARG A CG  1 
ATOM   84   C CD  . ARG A 1 21  ? 11.161  -10.102 17.582  1.00 69.65 ? 17  ARG A CD  1 
ATOM   85   N NE  . ARG A 1 21  ? 11.966  -10.433 16.405  1.00 72.20 ? 17  ARG A NE  1 
ATOM   86   C CZ  . ARG A 1 21  ? 12.914  -9.647  15.905  1.00 72.80 ? 17  ARG A CZ  1 
ATOM   87   N NH1 . ARG A 1 21  ? 13.190  -8.475  16.491  1.00 74.35 ? 17  ARG A NH1 1 
ATOM   88   N NH2 . ARG A 1 21  ? 13.587  -10.035 14.831  1.00 71.10 ? 17  ARG A NH2 1 
ATOM   89   N N   . SER A 1 22  ? 7.048   -13.563 17.473  1.00 62.15 ? 18  SER A N   1 
ATOM   90   C CA  . SER A 1 22  ? 6.021   -14.093 18.416  1.00 61.86 ? 18  SER A CA  1 
ATOM   91   C C   . SER A 1 22  ? 6.003   -15.616 18.514  1.00 60.56 ? 18  SER A C   1 
ATOM   92   O O   . SER A 1 22  ? 6.055   -16.187 19.599  1.00 60.65 ? 18  SER A O   1 
ATOM   93   C CB  . SER A 1 22  ? 4.615   -13.676 17.958  1.00 62.10 ? 18  SER A CB  1 
ATOM   94   O OG  . SER A 1 22  ? 4.371   -12.311 18.187  1.00 62.82 ? 18  SER A OG  1 
ATOM   95   N N   . SER A 1 23  ? 5.937   -16.251 17.348  1.00 59.55 ? 19  SER A N   1 
ATOM   96   C CA  . SER A 1 23  ? 5.490   -17.622 17.206  1.00 58.12 ? 19  SER A CA  1 
ATOM   97   C C   . SER A 1 23  ? 6.629   -18.552 16.920  1.00 57.51 ? 19  SER A C   1 
ATOM   98   O O   . SER A 1 23  ? 6.496   -19.732 17.199  1.00 57.86 ? 19  SER A O   1 
ATOM   99   C CB  . SER A 1 23  ? 4.437   -17.722 16.075  1.00 58.36 ? 19  SER A CB  1 
ATOM   100  O OG  . SER A 1 23  ? 5.011   -17.972 14.793  1.00 56.54 ? 19  SER A OG  1 
ATOM   101  N N   . GLY A 1 24  ? 7.738   -18.037 16.357  1.00 56.95 ? 20  GLY A N   1 
ATOM   102  C CA  . GLY A 1 24  ? 8.863   -18.885 15.893  1.00 55.45 ? 20  GLY A CA  1 
ATOM   103  C C   . GLY A 1 24  ? 8.474   -19.768 14.684  1.00 55.77 ? 20  GLY A C   1 
ATOM   104  O O   . GLY A 1 24  ? 9.151   -20.742 14.364  1.00 55.77 ? 20  GLY A O   1 
ATOM   105  N N   . ARG A 1 25  ? 7.360   -19.451 14.023  1.00 54.94 ? 21  ARG A N   1 
ATOM   106  C CA  . ARG A 1 25  ? 7.044   -20.016 12.707  1.00 54.07 ? 21  ARG A CA  1 
ATOM   107  C C   . ARG A 1 25  ? 7.627   -19.117 11.593  1.00 52.89 ? 21  ARG A C   1 
ATOM   108  O O   . ARG A 1 25  ? 7.622   -17.877 11.716  1.00 52.96 ? 21  ARG A O   1 
ATOM   109  C CB  . ARG A 1 25  ? 5.526   -20.130 12.523  1.00 54.43 ? 21  ARG A CB  1 
ATOM   110  C CG  . ARG A 1 25  ? 4.956   -21.557 12.440  1.00 55.69 ? 21  ARG A CG  1 
ATOM   111  C CD  . ARG A 1 25  ? 3.523   -21.425 11.960  1.00 56.12 ? 21  ARG A CD  1 
ATOM   112  N NE  . ARG A 1 25  ? 2.872   -20.353 12.705  1.00 58.98 ? 21  ARG A NE  1 
ATOM   113  C CZ  . ARG A 1 25  ? 1.915   -19.548 12.240  1.00 61.55 ? 21  ARG A CZ  1 
ATOM   114  N NH1 . ARG A 1 25  ? 1.447   -19.669 10.984  1.00 56.45 ? 21  ARG A NH1 1 
ATOM   115  N NH2 . ARG A 1 25  ? 1.426   -18.601 13.058  1.00 62.54 ? 21  ARG A NH2 1 
ATOM   116  N N   . VAL A 1 26  ? 8.142   -19.743 10.532  1.00 50.93 ? 22  VAL A N   1 
ATOM   117  C CA  . VAL A 1 26  ? 8.639   -18.995 9.368   1.00 49.10 ? 22  VAL A CA  1 
ATOM   118  C C   . VAL A 1 26  ? 7.457   -18.346 8.626   1.00 48.01 ? 22  VAL A C   1 
ATOM   119  O O   . VAL A 1 26  ? 6.317   -18.890 8.593   1.00 47.22 ? 22  VAL A O   1 
ATOM   120  C CB  . VAL A 1 26  ? 9.569   -19.830 8.348   1.00 49.04 ? 22  VAL A CB  1 
ATOM   121  C CG1 . VAL A 1 26  ? 10.590  -20.754 9.073   1.00 48.71 ? 22  VAL A CG1 1 
ATOM   122  C CG2 . VAL A 1 26  ? 8.756   -20.613 7.361   1.00 47.82 ? 22  VAL A CG2 1 
ATOM   123  N N   . TYR A 1 27  ? 7.737   -17.163 8.067   1.00 45.56 ? 23  TYR A N   1 
ATOM   124  C CA  . TYR A 1 27  ? 6.835   -16.519 7.166   1.00 43.86 ? 23  TYR A CA  1 
ATOM   125  C C   . TYR A 1 27  ? 7.678   -15.955 6.044   1.00 43.71 ? 23  TYR A C   1 
ATOM   126  O O   . TYR A 1 27  ? 8.861   -16.223 5.989   1.00 43.98 ? 23  TYR A O   1 
ATOM   127  C CB  . TYR A 1 27  ? 6.033   -15.448 7.890   1.00 44.20 ? 23  TYR A CB  1 
ATOM   128  C CG  . TYR A 1 27  ? 6.820   -14.292 8.381   1.00 44.66 ? 23  TYR A CG  1 
ATOM   129  C CD1 . TYR A 1 27  ? 6.862   -13.110 7.635   1.00 47.66 ? 23  TYR A CD1 1 
ATOM   130  C CD2 . TYR A 1 27  ? 7.509   -14.356 9.592   1.00 44.91 ? 23  TYR A CD2 1 
ATOM   131  C CE1 . TYR A 1 27  ? 7.578   -12.020 8.062   1.00 47.61 ? 23  TYR A CE1 1 
ATOM   132  C CE2 . TYR A 1 27  ? 8.230   -13.277 10.037  1.00 47.63 ? 23  TYR A CE2 1 
ATOM   133  C CZ  . TYR A 1 27  ? 8.241   -12.101 9.266   1.00 50.62 ? 23  TYR A CZ  1 
ATOM   134  O OH  . TYR A 1 27  ? 8.938   -10.993 9.677   1.00 54.91 ? 23  TYR A OH  1 
ATOM   135  N N   . TYR A 1 28  ? 7.050   -15.217 5.138   1.00 43.18 ? 24  TYR A N   1 
ATOM   136  C CA  . TYR A 1 28  ? 7.694   -14.659 3.967   1.00 43.08 ? 24  TYR A CA  1 
ATOM   137  C C   . TYR A 1 28  ? 7.433   -13.163 3.985   1.00 42.74 ? 24  TYR A C   1 
ATOM   138  O O   . TYR A 1 28  ? 6.323   -12.733 4.212   1.00 42.68 ? 24  TYR A O   1 
ATOM   139  C CB  . TYR A 1 28  ? 7.162   -15.339 2.711   1.00 41.82 ? 24  TYR A CB  1 
ATOM   140  C CG  . TYR A 1 28  ? 7.386   -16.823 2.802   1.00 45.26 ? 24  TYR A CG  1 
ATOM   141  C CD1 . TYR A 1 28  ? 6.471   -17.663 3.502   1.00 47.26 ? 24  TYR A CD1 1 
ATOM   142  C CD2 . TYR A 1 28  ? 8.543   -17.412 2.241   1.00 46.43 ? 24  TYR A CD2 1 
ATOM   143  C CE1 . TYR A 1 28  ? 6.698   -19.070 3.629   1.00 45.53 ? 24  TYR A CE1 1 
ATOM   144  C CE2 . TYR A 1 28  ? 8.790   -18.803 2.356   1.00 46.72 ? 24  TYR A CE2 1 
ATOM   145  C CZ  . TYR A 1 28  ? 7.859   -19.613 3.041   1.00 48.67 ? 24  TYR A CZ  1 
ATOM   146  O OH  . TYR A 1 28  ? 8.111   -20.951 3.122   1.00 53.27 ? 24  TYR A OH  1 
ATOM   147  N N   . PHE A 1 29  ? 8.486   -12.392 3.775   1.00 43.16 ? 25  PHE A N   1 
ATOM   148  C CA  . PHE A 1 29  ? 8.431   -10.939 3.767   1.00 43.48 ? 25  PHE A CA  1 
ATOM   149  C C   . PHE A 1 29  ? 8.899   -10.484 2.372   1.00 43.11 ? 25  PHE A C   1 
ATOM   150  O O   . PHE A 1 29  ? 9.757   -11.124 1.721   1.00 43.16 ? 25  PHE A O   1 
ATOM   151  C CB  . PHE A 1 29  ? 9.342   -10.398 4.868   1.00 43.40 ? 25  PHE A CB  1 
ATOM   152  C CG  . PHE A 1 29  ? 9.581   -8.947  4.762   1.00 48.21 ? 25  PHE A CG  1 
ATOM   153  C CD1 . PHE A 1 29  ? 8.532   -8.034  5.012   1.00 52.22 ? 25  PHE A CD1 1 
ATOM   154  C CD2 . PHE A 1 29  ? 10.847  -8.453  4.382   1.00 50.02 ? 25  PHE A CD2 1 
ATOM   155  C CE1 . PHE A 1 29  ? 8.720   -6.611  4.895   1.00 52.55 ? 25  PHE A CE1 1 
ATOM   156  C CE2 . PHE A 1 29  ? 11.069  -7.056  4.283   1.00 53.63 ? 25  PHE A CE2 1 
ATOM   157  C CZ  . PHE A 1 29  ? 9.978   -6.126  4.521   1.00 54.81 ? 25  PHE A CZ  1 
ATOM   158  N N   . ASN A 1 30  ? 8.293   -9.426  1.860   1.00 42.04 ? 26  ASN A N   1 
ATOM   159  C CA  . ASN A 1 30  ? 8.732   -8.952  0.540   1.00 40.55 ? 26  ASN A CA  1 
ATOM   160  C C   . ASN A 1 30  ? 9.307   -7.583  0.762   1.00 39.32 ? 26  ASN A C   1 
ATOM   161  O O   . ASN A 1 30  ? 8.589   -6.680  1.225   1.00 38.80 ? 26  ASN A O   1 
ATOM   162  C CB  . ASN A 1 30  ? 7.636   -8.982  -0.541  1.00 40.11 ? 26  ASN A CB  1 
ATOM   163  C CG  . ASN A 1 30  ? 8.168   -8.556  -1.914  1.00 41.71 ? 26  ASN A CG  1 
ATOM   164  O OD1 . ASN A 1 30  ? 8.673   -7.437  -2.075  1.00 41.12 ? 26  ASN A OD1 1 
ATOM   165  N ND2 . ASN A 1 30  ? 8.083   -9.443  -2.897  1.00 37.30 ? 26  ASN A ND2 1 
ATOM   166  N N   . HIS A 1 31  ? 10.614  -7.445  0.500   1.00 37.23 ? 27  HIS A N   1 
ATOM   167  C CA  . HIS A 1 31  ? 11.292  -6.191  0.825   1.00 36.71 ? 27  HIS A CA  1 
ATOM   168  C C   . HIS A 1 31  ? 11.002  -5.098  -0.187  1.00 35.29 ? 27  HIS A C   1 
ATOM   169  O O   . HIS A 1 31  ? 11.318  -3.962  0.050   1.00 34.78 ? 27  HIS A O   1 
ATOM   170  C CB  . HIS A 1 31  ? 12.810  -6.394  1.073   1.00 36.33 ? 27  HIS A CB  1 
ATOM   171  C CG  . HIS A 1 31  ? 13.579  -6.802  -0.141  1.00 38.07 ? 27  HIS A CG  1 
ATOM   172  N ND1 . HIS A 1 31  ? 13.925  -5.911  -1.155  1.00 41.09 ? 27  HIS A ND1 1 
ATOM   173  C CD2 . HIS A 1 31  ? 14.080  -8.008  -0.504  1.00 36.28 ? 27  HIS A CD2 1 
ATOM   174  C CE1 . HIS A 1 31  ? 14.596  -6.564  -2.090  1.00 41.03 ? 27  HIS A CE1 1 
ATOM   175  N NE2 . HIS A 1 31  ? 14.699  -7.837  -1.724  1.00 41.78 ? 27  HIS A NE2 1 
ATOM   176  N N   . ILE A 1 32  ? 10.368  -5.441  -1.302  1.00 35.75 ? 28  ILE A N   1 
ATOM   177  C CA  . ILE A 1 32  ? 9.974   -4.435  -2.297  1.00 36.53 ? 28  ILE A CA  1 
ATOM   178  C C   . ILE A 1 32  ? 8.551   -3.895  -2.050  1.00 36.78 ? 28  ILE A C   1 
ATOM   179  O O   . ILE A 1 32  ? 8.341   -2.681  -2.198  1.00 36.51 ? 28  ILE A O   1 
ATOM   180  C CB  . ILE A 1 32  ? 10.067  -4.925  -3.757  1.00 36.07 ? 28  ILE A CB  1 
ATOM   181  C CG1 . ILE A 1 32  ? 11.372  -5.673  -4.010  1.00 36.55 ? 28  ILE A CG1 1 
ATOM   182  C CG2 . ILE A 1 32  ? 10.048  -3.716  -4.682  1.00 37.81 ? 28  ILE A CG2 1 
ATOM   183  C CD1 . ILE A 1 32  ? 11.477  -6.211  -5.397  1.00 35.35 ? 28  ILE A CD1 1 
ATOM   184  N N   . THR A 1 33  ? 7.598   -4.774  -1.679  1.00 35.68 ? 29  THR A N   1 
ATOM   185  C CA  . THR A 1 33  ? 6.201   -4.347  -1.505  1.00 34.88 ? 29  THR A CA  1 
ATOM   186  C C   . THR A 1 33  ? 5.850   -4.187  -0.047  1.00 34.52 ? 29  THR A C   1 
ATOM   187  O O   . THR A 1 33  ? 4.782   -3.628  0.291   1.00 34.08 ? 29  THR A O   1 
ATOM   188  C CB  . THR A 1 33  ? 5.235   -5.363  -2.016  1.00 35.57 ? 29  THR A CB  1 
ATOM   189  O OG1 . THR A 1 33  ? 5.324   -6.515  -1.167  1.00 36.59 ? 29  THR A OG1 1 
ATOM   190  C CG2 . THR A 1 33  ? 5.543   -5.765  -3.454  1.00 31.77 ? 29  THR A CG2 1 
ATOM   191  N N   . ASN A 1 34  ? 6.751   -4.698  0.809   1.00 34.70 ? 30  ASN A N   1 
ATOM   192  C CA  . ASN A 1 34  ? 6.602   -4.733  2.301   1.00 33.87 ? 30  ASN A CA  1 
ATOM   193  C C   . ASN A 1 34  ? 5.447   -5.611  2.744   1.00 33.52 ? 30  ASN A C   1 
ATOM   194  O O   . ASN A 1 34  ? 4.911   -5.413  3.862   1.00 33.84 ? 30  ASN A O   1 
ATOM   195  C CB  . ASN A 1 34  ? 6.416   -3.349  2.901   1.00 32.41 ? 30  ASN A CB  1 
ATOM   196  C CG  . ASN A 1 34  ? 7.730   -2.562  2.997   1.00 34.83 ? 30  ASN A CG  1 
ATOM   197  O OD1 . ASN A 1 34  ? 7.737   -1.309  2.968   1.00 32.03 ? 30  ASN A OD1 1 
ATOM   198  N ND2 . ASN A 1 34  ? 8.835   -3.280  3.113   1.00 30.84 ? 30  ASN A ND2 1 
ATOM   199  N N   . ALA A 1 35  ? 5.024   -6.504  1.865   1.00 31.98 ? 31  ALA A N   1 
ATOM   200  C CA  . ALA A 1 35  ? 3.989   -7.479  2.209   1.00 34.55 ? 31  ALA A CA  1 
ATOM   201  C C   . ALA A 1 35  ? 4.614   -8.506  3.155   1.00 35.83 ? 31  ALA A C   1 
ATOM   202  O O   . ALA A 1 35  ? 5.834   -8.806  3.031   1.00 37.14 ? 31  ALA A O   1 
ATOM   203  C CB  . ALA A 1 35  ? 3.489   -8.231  0.939   1.00 33.82 ? 31  ALA A CB  1 
ATOM   204  N N   . SER A 1 36  ? 3.798   -9.076  4.041   1.00 35.99 ? 32  SER A N   1 
ATOM   205  C CA  . SER A 1 36  ? 4.172   -10.296 4.750   1.00 37.76 ? 32  SER A CA  1 
ATOM   206  C C   . SER A 1 36  ? 2.994   -11.279 4.873   1.00 40.10 ? 32  SER A C   1 
ATOM   207  O O   . SER A 1 36  ? 1.832   -10.895 5.087   1.00 39.75 ? 32  SER A O   1 
ATOM   208  C CB  . SER A 1 36  ? 4.763   -9.998  6.129   1.00 38.06 ? 32  SER A CB  1 
ATOM   209  O OG  . SER A 1 36  ? 4.080   -8.909  6.734   1.00 36.13 ? 32  SER A OG  1 
ATOM   210  N N   . GLN A 1 37  ? 3.317   -12.558 4.753   1.00 41.68 ? 33  GLN A N   1 
ATOM   211  C CA  . GLN A 1 37  ? 2.340   -13.626 4.835   1.00 43.16 ? 33  GLN A CA  1 
ATOM   212  C C   . GLN A 1 37  ? 3.016   -14.928 5.345   1.00 44.70 ? 33  GLN A C   1 
ATOM   213  O O   . GLN A 1 37  ? 4.231   -15.102 5.182   1.00 44.76 ? 33  GLN A O   1 
ATOM   214  C CB  . GLN A 1 37  ? 1.773   -13.827 3.435   1.00 42.41 ? 33  GLN A CB  1 
ATOM   215  C CG  . GLN A 1 37  ? 2.755   -14.414 2.409   1.00 40.48 ? 33  GLN A CG  1 
ATOM   216  C CD  . GLN A 1 37  ? 2.170   -14.359 0.999   1.00 42.42 ? 33  GLN A CD  1 
ATOM   217  O OE1 . GLN A 1 37  ? 1.365   -13.492 0.734   1.00 43.61 ? 33  GLN A OE1 1 
ATOM   218  N NE2 . GLN A 1 37  ? 2.592   -15.251 0.093   1.00 41.78 ? 33  GLN A NE2 1 
ATOM   219  N N   . TRP A 1 38  ? 2.222   -15.852 5.899   1.00 45.65 ? 34  TRP A N   1 
ATOM   220  C CA  . TRP A 1 38  ? 2.692   -17.154 6.366   1.00 45.67 ? 34  TRP A CA  1 
ATOM   221  C C   . TRP A 1 38  ? 3.013   -18.083 5.205   1.00 46.77 ? 34  TRP A C   1 
ATOM   222  O O   . TRP A 1 38  ? 3.994   -18.831 5.233   1.00 46.45 ? 34  TRP A O   1 
ATOM   223  C CB  . TRP A 1 38  ? 1.591   -17.780 7.240   1.00 45.98 ? 34  TRP A CB  1 
ATOM   224  C CG  . TRP A 1 38  ? 1.349   -16.989 8.530   1.00 43.81 ? 34  TRP A CG  1 
ATOM   225  C CD1 . TRP A 1 38  ? 0.243   -16.285 8.858   1.00 42.56 ? 34  TRP A CD1 1 
ATOM   226  C CD2 . TRP A 1 38  ? 2.271   -16.829 9.613   1.00 42.87 ? 34  TRP A CD2 1 
ATOM   227  N NE1 . TRP A 1 38  ? 0.389   -15.722 10.113  1.00 44.80 ? 34  TRP A NE1 1 
ATOM   228  C CE2 . TRP A 1 38  ? 1.636   -16.024 10.586  1.00 43.54 ? 34  TRP A CE2 1 
ATOM   229  C CE3 . TRP A 1 38  ? 3.572   -17.316 9.869   1.00 44.93 ? 34  TRP A CE3 1 
ATOM   230  C CZ2 . TRP A 1 38  ? 2.258   -15.659 11.788  1.00 44.60 ? 34  TRP A CZ2 1 
ATOM   231  C CZ3 . TRP A 1 38  ? 4.191   -16.974 11.092  1.00 45.82 ? 34  TRP A CZ3 1 
ATOM   232  C CH2 . TRP A 1 38  ? 3.533   -16.146 12.022  1.00 46.78 ? 34  TRP A CH2 1 
ATOM   233  N N   . GLU A 1 39  ? 2.175   -18.023 4.186   1.00 48.48 ? 35  GLU A N   1 
ATOM   234  C CA  . GLU A 1 39  ? 2.145   -19.007 3.088   1.00 51.10 ? 35  GLU A CA  1 
ATOM   235  C C   . GLU A 1 39  ? 3.354   -18.749 2.144   1.00 53.34 ? 35  GLU A C   1 
ATOM   236  O O   . GLU A 1 39  ? 3.761   -17.587 1.975   1.00 53.13 ? 35  GLU A O   1 
ATOM   237  C CB  . GLU A 1 39  ? 0.769   -18.897 2.365   1.00 51.00 ? 35  GLU A CB  1 
ATOM   238  C CG  . GLU A 1 39  ? -0.573  -19.040 3.255   1.00 52.21 ? 35  GLU A CG  1 
ATOM   239  C CD  . GLU A 1 39  ? -0.955  -17.825 4.275   1.00 57.12 ? 35  GLU A CD  1 
ATOM   240  O OE1 . GLU A 1 39  ? -0.413  -16.671 4.143   1.00 52.41 ? 35  GLU A OE1 1 
ATOM   241  O OE2 . GLU A 1 39  ? -1.819  -18.050 5.236   1.00 55.30 ? 35  GLU A OE2 1 
ATOM   242  N N   . ARG A 1 40  ? 3.960   -19.788 1.568   1.00 56.18 ? 36  ARG A N   1 
ATOM   243  C CA  . ARG A 1 40  ? 5.056   -19.586 0.607   1.00 59.94 ? 36  ARG A CA  1 
ATOM   244  C C   . ARG A 1 40  ? 4.530   -18.874 -0.651  1.00 62.55 ? 36  ARG A C   1 
ATOM   245  O O   . ARG A 1 40  ? 3.517   -19.308 -1.229  1.00 63.23 ? 36  ARG A O   1 
ATOM   246  C CB  . ARG A 1 40  ? 5.707   -20.913 0.217   1.00 60.59 ? 36  ARG A CB  1 
ATOM   247  C CG  . ARG A 1 40  ? 7.103   -20.818 -0.411  1.00 63.32 ? 36  ARG A CG  1 
ATOM   248  C CD  . ARG A 1 40  ? 7.785   -22.208 -0.438  1.00 69.95 ? 36  ARG A CD  1 
ATOM   249  N NE  . ARG A 1 40  ? 9.182   -22.172 0.046   1.00 74.35 ? 36  ARG A NE  1 
ATOM   250  C CZ  . ARG A 1 40  ? 10.251  -21.960 -0.730  1.00 76.80 ? 36  ARG A CZ  1 
ATOM   251  N NH1 . ARG A 1 40  ? 10.084  -21.764 -2.035  1.00 77.02 ? 36  ARG A NH1 1 
ATOM   252  N NH2 . ARG A 1 40  ? 11.485  -21.929 -0.210  1.00 76.78 ? 36  ARG A NH2 1 
ATOM   253  N N   . PRO A 1 41  ? 5.178   -17.760 -1.063  1.00 64.38 ? 37  PRO A N   1 
ATOM   254  C CA  . PRO A 1 41  ? 4.806   -17.023 -2.280  1.00 66.12 ? 37  PRO A CA  1 
ATOM   255  C C   . PRO A 1 41  ? 4.728   -17.886 -3.562  1.00 67.96 ? 37  PRO A C   1 
ATOM   256  O O   . PRO A 1 41  ? 5.714   -18.595 -3.889  1.00 67.96 ? 37  PRO A O   1 
ATOM   257  C CB  . PRO A 1 41  ? 5.928   -15.982 -2.416  1.00 65.93 ? 37  PRO A CB  1 
ATOM   258  C CG  . PRO A 1 41  ? 6.934   -16.333 -1.391  1.00 64.59 ? 37  PRO A CG  1 
ATOM   259  C CD  . PRO A 1 41  ? 6.216   -17.036 -0.317  1.00 64.24 ? 37  PRO A CD  1 
ATOM   260  N N   . SER A 1 42  ? 3.561   -17.794 -4.243  1.00 69.89 ? 38  SER A N   1 
ATOM   261  C CA  . SER A 1 42  ? 3.152   -18.543 -5.492  1.00 71.63 ? 38  SER A CA  1 
ATOM   262  C C   . SER A 1 42  ? 3.728   -19.980 -5.741  1.00 72.57 ? 38  SER A C   1 
ATOM   263  O O   . SER A 1 42  ? 3.961   -20.390 -6.905  1.00 73.36 ? 38  SER A O   1 
ATOM   264  C CB  . SER A 1 42  ? 3.293   -17.656 -6.760  1.00 71.71 ? 38  SER A CB  1 
ATOM   265  O OG  . SER A 1 42  ? 4.550   -16.974 -6.818  1.00 71.05 ? 38  SER A OG  1 
ATOM   266  N N   . GLU A 1 55  ? 7.599   -10.339 -15.631 1.00 69.13 ? 51  GLU A N   1 
ATOM   267  C CA  . GLU A 1 55  ? 7.191   -8.928  -15.455 1.00 69.27 ? 51  GLU A CA  1 
ATOM   268  C C   . GLU A 1 55  ? 6.470   -8.305  -16.702 1.00 70.25 ? 51  GLU A C   1 
ATOM   269  O O   . GLU A 1 55  ? 7.120   -8.148  -17.773 1.00 70.77 ? 51  GLU A O   1 
ATOM   270  C CB  . GLU A 1 55  ? 8.372   -8.020  -15.004 1.00 68.54 ? 51  GLU A CB  1 
ATOM   271  C CG  . GLU A 1 55  ? 8.280   -6.529  -15.492 1.00 64.33 ? 51  GLU A CG  1 
ATOM   272  C CD  . GLU A 1 55  ? 8.759   -5.485  -14.454 1.00 61.26 ? 51  GLU A CD  1 
ATOM   273  O OE1 . GLU A 1 55  ? 8.847   -4.271  -14.783 1.00 56.72 ? 51  GLU A OE1 1 
ATOM   274  O OE2 . GLU A 1 55  ? 9.037   -5.866  -13.295 1.00 57.19 ? 51  GLU A OE2 1 
ATOM   275  N N   . PRO A 1 56  ? 5.132   -7.945  -16.560 1.00 69.59 ? 52  PRO A N   1 
ATOM   276  C CA  . PRO A 1 56  ? 4.302   -7.204  -17.591 1.00 67.54 ? 52  PRO A CA  1 
ATOM   277  C C   . PRO A 1 56  ? 4.770   -5.775  -17.896 1.00 65.17 ? 52  PRO A C   1 
ATOM   278  O O   . PRO A 1 56  ? 5.487   -5.190  -17.085 1.00 65.69 ? 52  PRO A O   1 
ATOM   279  C CB  . PRO A 1 56  ? 2.905   -7.158  -16.952 1.00 67.51 ? 52  PRO A CB  1 
ATOM   280  C CG  . PRO A 1 56  ? 3.180   -7.327  -15.449 1.00 69.02 ? 52  PRO A CG  1 
ATOM   281  C CD  . PRO A 1 56  ? 4.286   -8.359  -15.410 1.00 69.56 ? 52  PRO A CD  1 
ATOM   282  N N   . ALA A 1 57  ? 4.343   -5.240  -19.042 1.00 62.34 ? 53  ALA A N   1 
ATOM   283  C CA  . ALA A 1 57  ? 4.624   -3.869  -19.486 1.00 59.71 ? 53  ALA A CA  1 
ATOM   284  C C   . ALA A 1 57  ? 3.840   -2.826  -18.696 1.00 58.23 ? 53  ALA A C   1 
ATOM   285  O O   . ALA A 1 57  ? 4.346   -1.712  -18.381 1.00 57.03 ? 53  ALA A O   1 
ATOM   286  C CB  . ALA A 1 57  ? 4.256   -3.730  -20.970 1.00 60.46 ? 53  ALA A CB  1 
ATOM   287  N N   . ARG A 1 58  ? 2.579   -3.190  -18.427 1.00 55.43 ? 54  ARG A N   1 
ATOM   288  C CA  . ARG A 1 58  ? 1.620   -2.353  -17.723 1.00 52.43 ? 54  ARG A CA  1 
ATOM   289  C C   . ARG A 1 58  ? 0.983   -3.112  -16.551 1.00 49.95 ? 54  ARG A C   1 
ATOM   290  O O   . ARG A 1 58  ? 0.851   -4.362  -16.610 1.00 48.23 ? 54  ARG A O   1 
ATOM   291  C CB  . ARG A 1 58  ? 0.537   -1.932  -18.691 1.00 53.39 ? 54  ARG A CB  1 
ATOM   292  C CG  . ARG A 1 58  ? 1.002   -0.873  -19.697 1.00 56.60 ? 54  ARG A CG  1 
ATOM   293  C CD  . ARG A 1 58  ? 0.024   -0.735  -20.868 1.00 60.95 ? 54  ARG A CD  1 
ATOM   294  N NE  . ARG A 1 58  ? -1.052  0.203   -20.533 1.00 64.21 ? 54  ARG A NE  1 
ATOM   295  C CZ  . ARG A 1 58  ? -0.859  1.473   -20.152 1.00 67.10 ? 54  ARG A CZ  1 
ATOM   296  N NH1 . ARG A 1 58  ? 0.388   1.947   -20.005 1.00 66.68 ? 54  ARG A NH1 1 
ATOM   297  N NH2 . ARG A 1 58  ? -1.914  2.270   -19.893 1.00 67.21 ? 54  ARG A NH2 1 
ATOM   298  N N   . VAL A 1 59  ? 0.638   -2.364  -15.485 1.00 45.68 ? 55  VAL A N   1 
ATOM   299  C CA  . VAL A 1 59  ? -0.185  -2.892  -14.363 1.00 41.48 ? 55  VAL A CA  1 
ATOM   300  C C   . VAL A 1 59  ? -1.260  -1.891  -14.023 1.00 40.63 ? 55  VAL A C   1 
ATOM   301  O O   . VAL A 1 59  ? -1.139  -0.695  -14.351 1.00 39.35 ? 55  VAL A O   1 
ATOM   302  C CB  . VAL A 1 59  ? 0.609   -3.174  -13.067 1.00 41.56 ? 55  VAL A CB  1 
ATOM   303  C CG1 . VAL A 1 59  ? 1.617   -4.279  -13.284 1.00 40.68 ? 55  VAL A CG1 1 
ATOM   304  C CG2 . VAL A 1 59  ? 1.280   -1.839  -12.498 1.00 38.14 ? 55  VAL A CG2 1 
ATOM   305  N N   . ARG A 1 60  ? -2.309  -2.369  -13.359 1.00 38.85 ? 56  ARG A N   1 
ATOM   306  C CA  . ARG A 1 60  ? -3.310  -1.474  -12.831 1.00 38.11 ? 56  ARG A CA  1 
ATOM   307  C C   . ARG A 1 60  ? -3.448  -1.594  -11.305 1.00 37.71 ? 56  ARG A C   1 
ATOM   308  O O   . ARG A 1 60  ? -3.494  -2.729  -10.805 1.00 38.29 ? 56  ARG A O   1 
ATOM   309  C CB  . ARG A 1 60  ? -4.614  -1.825  -13.485 1.00 38.31 ? 56  ARG A CB  1 
ATOM   310  C CG  . ARG A 1 60  ? -5.669  -0.776  -13.282 1.00 41.48 ? 56  ARG A CG  1 
ATOM   311  C CD  . ARG A 1 60  ? -7.025  -1.335  -13.544 1.00 45.26 ? 56  ARG A CD  1 
ATOM   312  N NE  . ARG A 1 60  ? -8.000  -0.264  -13.531 1.00 49.22 ? 56  ARG A NE  1 
ATOM   313  C CZ  . ARG A 1 60  ? -9.293  -0.465  -13.721 1.00 51.24 ? 56  ARG A CZ  1 
ATOM   314  N NH1 . ARG A 1 60  ? -9.753  -1.697  -13.909 1.00 51.19 ? 56  ARG A NH1 1 
ATOM   315  N NH2 . ARG A 1 60  ? -10.118 0.552   -13.693 1.00 46.85 ? 56  ARG A NH2 1 
ATOM   316  N N   . CYS A 1 61  ? -3.563  -0.468  -10.562 1.00 35.83 ? 57  CYS A N   1 
ATOM   317  C CA  . CYS A 1 61  ? -3.557  -0.524  -9.110  1.00 34.43 ? 57  CYS A CA  1 
ATOM   318  C C   . CYS A 1 61  ? -4.519  0.498   -8.552  1.00 34.68 ? 57  CYS A C   1 
ATOM   319  O O   . CYS A 1 61  ? -4.742  1.525   -9.226  1.00 34.42 ? 57  CYS A O   1 
ATOM   320  C CB  . CYS A 1 61  ? -2.168  -0.185  -8.568  1.00 33.36 ? 57  CYS A CB  1 
ATOM   321  S SG  . CYS A 1 61  ? -0.881  -1.395  -8.903  1.00 34.62 ? 57  CYS A SG  1 
ATOM   322  N N   . SER A 1 62  ? -5.068  0.236   -7.336  1.00 32.00 ? 58  SER A N   1 
ATOM   323  C CA  . SER A 1 62  ? -5.639  1.273   -6.502  1.00 30.66 ? 58  SER A CA  1 
ATOM   324  C C   . SER A 1 62  ? -4.732  1.459   -5.318  1.00 31.49 ? 58  SER A C   1 
ATOM   325  O O   . SER A 1 62  ? -3.734  0.701   -5.164  1.00 32.07 ? 58  SER A O   1 
ATOM   326  C CB  . SER A 1 62  ? -6.974  0.866   -6.000  1.00 31.14 ? 58  SER A CB  1 
ATOM   327  O OG  . SER A 1 62  ? -7.756  0.380   -7.104  1.00 34.75 ? 58  SER A OG  1 
ATOM   328  N N   . HIS A 1 63  ? -5.051  2.410   -4.434  1.00 30.40 ? 59  HIS A N   1 
ATOM   329  C CA  . HIS A 1 63  ? -4.163  2.670   -3.315  1.00 30.44 ? 59  HIS A CA  1 
ATOM   330  C C   . HIS A 1 63  ? -4.959  3.481   -2.319  1.00 31.87 ? 59  HIS A C   1 
ATOM   331  O O   . HIS A 1 63  ? -6.006  4.042   -2.665  1.00 33.14 ? 59  HIS A O   1 
ATOM   332  C CB  . HIS A 1 63  ? -2.810  3.354   -3.764  1.00 30.25 ? 59  HIS A CB  1 
ATOM   333  C CG  . HIS A 1 63  ? -2.909  4.833   -3.954  1.00 31.61 ? 59  HIS A CG  1 
ATOM   334  N ND1 . HIS A 1 63  ? -1.986  5.709   -3.448  1.00 34.90 ? 59  HIS A ND1 1 
ATOM   335  C CD2 . HIS A 1 63  ? -3.845  5.596   -4.579  1.00 34.43 ? 59  HIS A CD2 1 
ATOM   336  C CE1 . HIS A 1 63  ? -2.354  6.953   -3.738  1.00 36.15 ? 59  HIS A CE1 1 
ATOM   337  N NE2 . HIS A 1 63  ? -3.459  6.908   -4.460  1.00 33.55 ? 59  HIS A NE2 1 
ATOM   338  N N   . LEU A 1 64  ? -4.496  3.506   -1.074  1.00 32.70 ? 60  LEU A N   1 
ATOM   339  C CA  . LEU A 1 64  ? -5.076  4.292   0.006   1.00 32.28 ? 60  LEU A CA  1 
ATOM   340  C C   . LEU A 1 64  ? -3.834  5.051   0.493   1.00 32.66 ? 60  LEU A C   1 
ATOM   341  O O   . LEU A 1 64  ? -2.828  4.435   0.837   1.00 33.26 ? 60  LEU A O   1 
ATOM   342  C CB  . LEU A 1 64  ? -5.587  3.361   1.120   1.00 32.24 ? 60  LEU A CB  1 
ATOM   343  C CG  . LEU A 1 64  ? -6.491  3.928   2.230   1.00 31.82 ? 60  LEU A CG  1 
ATOM   344  C CD1 . LEU A 1 64  ? -7.218  2.793   2.921   1.00 32.66 ? 60  LEU A CD1 1 
ATOM   345  C CD2 . LEU A 1 64  ? -5.765  4.803   3.235   1.00 30.82 ? 60  LEU A CD2 1 
ATOM   346  N N   . LEU A 1 65  ? -3.865  6.380   0.441   1.00 32.64 ? 61  LEU A N   1 
ATOM   347  C CA  . LEU A 1 65  ? -2.716  7.198   0.833   1.00 30.25 ? 61  LEU A CA  1 
ATOM   348  C C   . LEU A 1 65  ? -3.084  7.750   2.224   1.00 30.54 ? 61  LEU A C   1 
ATOM   349  O O   . LEU A 1 65  ? -4.159  8.260   2.345   1.00 29.34 ? 61  LEU A O   1 
ATOM   350  C CB  . LEU A 1 65  ? -2.562  8.353   -0.175  1.00 28.57 ? 61  LEU A CB  1 
ATOM   351  C CG  . LEU A 1 65  ? -1.486  9.429   0.096   1.00 28.56 ? 61  LEU A CG  1 
ATOM   352  C CD1 . LEU A 1 65  ? -0.073  8.932   -0.006  1.00 24.01 ? 61  LEU A CD1 1 
ATOM   353  C CD2 . LEU A 1 65  ? -1.605  10.420  -1.036  1.00 28.07 ? 61  LEU A CD2 1 
ATOM   354  N N   . VAL A 1 66  ? -2.243  7.574   3.270   1.00 30.15 ? 62  VAL A N   1 
ATOM   355  C CA  . VAL A 1 66  ? -2.337  8.397   4.456   1.00 29.93 ? 62  VAL A CA  1 
ATOM   356  C C   . VAL A 1 66  ? -1.183  9.409   4.430   1.00 31.35 ? 62  VAL A C   1 
ATOM   357  O O   . VAL A 1 66  ? -0.004  9.040   4.338   1.00 31.25 ? 62  VAL A O   1 
ATOM   358  C CB  . VAL A 1 66  ? -2.296  7.594   5.706   1.00 30.22 ? 62  VAL A CB  1 
ATOM   359  C CG1 . VAL A 1 66  ? -2.418  8.511   6.877   1.00 29.24 ? 62  VAL A CG1 1 
ATOM   360  C CG2 . VAL A 1 66  ? -3.469  6.627   5.692   1.00 27.15 ? 62  VAL A CG2 1 
ATOM   361  N N   . LYS A 1 67  ? -1.521  10.700  4.383   1.00 32.97 ? 63  LYS A N   1 
ATOM   362  C CA  . LYS A 1 67  ? -0.474  11.751  4.349   1.00 35.22 ? 63  LYS A CA  1 
ATOM   363  C C   . LYS A 1 67  ? -0.076  12.087  5.756   1.00 37.05 ? 63  LYS A C   1 
ATOM   364  O O   . LYS A 1 67  ? -0.773  11.692  6.733   1.00 37.02 ? 63  LYS A O   1 
ATOM   365  C CB  . LYS A 1 67  ? -1.008  13.004  3.634   1.00 34.36 ? 63  LYS A CB  1 
ATOM   366  C CG  . LYS A 1 67  ? -1.175  12.786  2.119   1.00 37.87 ? 63  LYS A CG  1 
ATOM   367  C CD  . LYS A 1 67  ? -0.781  14.019  1.291   1.00 40.04 ? 63  LYS A CD  1 
ATOM   368  C CE  . LYS A 1 67  ? -1.802  14.355  0.224   1.00 39.74 ? 63  LYS A CE  1 
ATOM   369  N NZ  . LYS A 1 67  ? -1.144  15.126  -0.865  1.00 41.36 ? 63  LYS A NZ  1 
ATOM   370  N N   . HIS A 1 68  ? 1.027   12.829  5.876   1.00 39.20 ? 64  HIS A N   1 
ATOM   371  C CA  . HIS A 1 68  ? 1.479   13.360  7.168   1.00 41.42 ? 64  HIS A CA  1 
ATOM   372  C C   . HIS A 1 68  ? 2.145   14.721  6.942   1.00 43.69 ? 64  HIS A C   1 
ATOM   373  O O   . HIS A 1 68  ? 2.353   15.168  5.768   1.00 42.88 ? 64  HIS A O   1 
ATOM   374  C CB  . HIS A 1 68  ? 2.508   12.435  7.834   1.00 40.94 ? 64  HIS A CB  1 
ATOM   375  C CG  . HIS A 1 68  ? 3.564   11.954  6.906   1.00 39.90 ? 64  HIS A CG  1 
ATOM   376  N ND1 . HIS A 1 68  ? 4.589   12.756  6.454   1.00 43.51 ? 64  HIS A ND1 1 
ATOM   377  C CD2 . HIS A 1 68  ? 3.742   10.757  6.313   1.00 39.45 ? 64  HIS A CD2 1 
ATOM   378  C CE1 . HIS A 1 68  ? 5.366   12.065  5.636   1.00 40.26 ? 64  HIS A CE1 1 
ATOM   379  N NE2 . HIS A 1 68  ? 4.878   10.843  5.544   1.00 37.72 ? 64  HIS A NE2 1 
ATOM   380  N N   . SER A 1 69  ? 2.522   15.322  8.074   1.00 44.58 ? 65  SER A N   1 
ATOM   381  C CA  . SER A 1 69  ? 3.168   16.642  8.115   1.00 46.68 ? 65  SER A CA  1 
ATOM   382  C C   . SER A 1 69  ? 4.420   16.797  7.250   1.00 47.02 ? 65  SER A C   1 
ATOM   383  O O   . SER A 1 69  ? 4.664   17.865  6.716   1.00 46.92 ? 65  SER A O   1 
ATOM   384  C CB  . SER A 1 69  ? 3.387   17.130  9.562   1.00 46.17 ? 65  SER A CB  1 
ATOM   385  O OG  . SER A 1 69  ? 4.400   16.386  10.211  1.00 50.23 ? 65  SER A OG  1 
ATOM   386  N N   . GLN A 1 70  ? 5.186   15.737  7.042   1.00 47.98 ? 66  GLN A N   1 
ATOM   387  C CA  . GLN A 1 70  ? 6.283   15.869  6.079   1.00 48.36 ? 66  GLN A CA  1 
ATOM   388  C C   . GLN A 1 70  ? 5.905   15.471  4.659   1.00 48.74 ? 66  GLN A C   1 
ATOM   389  O O   . GLN A 1 70  ? 6.809   15.259  3.843   1.00 50.16 ? 66  GLN A O   1 
ATOM   390  C CB  . GLN A 1 70  ? 7.520   15.070  6.515   1.00 48.72 ? 66  GLN A CB  1 
ATOM   391  C CG  . GLN A 1 70  ? 8.289   15.616  7.745   1.00 52.04 ? 66  GLN A CG  1 
ATOM   392  C CD  . GLN A 1 70  ? 9.458   14.672  8.137   1.00 57.40 ? 66  GLN A CD  1 
ATOM   393  O OE1 . GLN A 1 70  ? 10.532  14.655  7.495   1.00 55.68 ? 66  GLN A OE1 1 
ATOM   394  N NE2 . GLN A 1 70  ? 9.231   13.860  9.176   1.00 57.95 ? 66  GLN A NE2 1 
ATOM   395  N N   . SER A 1 71  ? 4.619   15.331  4.328   1.00 48.62 ? 67  SER A N   1 
ATOM   396  C CA  . SER A 1 71  ? 4.255   14.963  2.951   1.00 49.14 ? 67  SER A CA  1 
ATOM   397  C C   . SER A 1 71  ? 4.582   16.142  2.011   1.00 49.68 ? 67  SER A C   1 
ATOM   398  O O   . SER A 1 71  ? 4.474   17.282  2.416   1.00 48.42 ? 67  SER A O   1 
ATOM   399  C CB  . SER A 1 71  ? 2.770   14.544  2.818   1.00 48.80 ? 67  SER A CB  1 
ATOM   400  O OG  . SER A 1 71  ? 2.466   13.326  3.497   1.00 49.50 ? 67  SER A OG  1 
ATOM   401  N N   . ARG A 1 72  ? 4.993   15.834  0.781   1.00 51.75 ? 68  ARG A N   1 
ATOM   402  C CA  . ARG A 1 72  ? 5.150   16.811  -0.307  1.00 54.50 ? 68  ARG A CA  1 
ATOM   403  C C   . ARG A 1 72  ? 4.079   17.877  -0.269  1.00 55.24 ? 68  ARG A C   1 
ATOM   404  O O   . ARG A 1 72  ? 4.411   19.065  -0.244  1.00 56.40 ? 68  ARG A O   1 
ATOM   405  C CB  . ARG A 1 72  ? 5.132   16.143  -1.667  1.00 55.08 ? 68  ARG A CB  1 
ATOM   406  C CG  . ARG A 1 72  ? 5.819   16.932  -2.790  1.00 59.96 ? 68  ARG A CG  1 
ATOM   407  C CD  . ARG A 1 72  ? 6.278   15.964  -3.928  1.00 68.59 ? 68  ARG A CD  1 
ATOM   408  N NE  . ARG A 1 72  ? 5.225   15.004  -4.327  1.00 73.26 ? 68  ARG A NE  1 
ATOM   409  C CZ  . ARG A 1 72  ? 4.783   14.804  -5.576  1.00 75.46 ? 68  ARG A CZ  1 
ATOM   410  N NH1 . ARG A 1 72  ? 5.301   15.482  -6.598  1.00 77.62 ? 68  ARG A NH1 1 
ATOM   411  N NH2 . ARG A 1 72  ? 3.820   13.915  -5.813  1.00 73.48 ? 68  ARG A NH2 1 
ATOM   412  N N   . ARG A 1 73  ? 2.807   17.484  -0.227  1.00 55.16 ? 69  ARG A N   1 
ATOM   413  C CA  . ARG A 1 73  ? 1.744   18.468  -0.044  1.00 55.41 ? 69  ARG A CA  1 
ATOM   414  C C   . ARG A 1 73  ? 0.851   18.183  1.168   1.00 54.24 ? 69  ARG A C   1 
ATOM   415  O O   . ARG A 1 73  ? -0.172  17.505  1.055   1.00 54.49 ? 69  ARG A O   1 
ATOM   416  C CB  . ARG A 1 73  ? 0.968   18.665  -1.354  1.00 55.71 ? 69  ARG A CB  1 
ATOM   417  C CG  . ARG A 1 73  ? 1.690   19.711  -2.237  1.00 62.72 ? 69  ARG A CG  1 
ATOM   418  C CD  . ARG A 1 73  ? 2.108   19.189  -3.623  1.00 68.83 ? 69  ARG A CD  1 
ATOM   419  N NE  . ARG A 1 73  ? 1.006   18.412  -4.188  1.00 76.07 ? 69  ARG A NE  1 
ATOM   420  C CZ  . ARG A 1 73  ? -0.145  18.923  -4.640  1.00 80.13 ? 69  ARG A CZ  1 
ATOM   421  N NH1 . ARG A 1 73  ? -0.337  20.242  -4.618  1.00 83.78 ? 69  ARG A NH1 1 
ATOM   422  N NH2 . ARG A 1 73  ? -1.104  18.126  -5.126  1.00 79.50 ? 69  ARG A NH2 1 
ATOM   423  N N   . PRO A 1 74  ? 1.214   18.723  2.341   1.00 53.39 ? 70  PRO A N   1 
ATOM   424  C CA  . PRO A 1 74  ? 0.466   18.377  3.577   1.00 52.80 ? 70  PRO A CA  1 
ATOM   425  C C   . PRO A 1 74  ? -1.019  18.819  3.603   1.00 52.32 ? 70  PRO A C   1 
ATOM   426  O O   . PRO A 1 74  ? -1.508  19.417  4.598   1.00 52.74 ? 70  PRO A O   1 
ATOM   427  C CB  . PRO A 1 74  ? 1.284   19.036  4.695   1.00 53.64 ? 70  PRO A CB  1 
ATOM   428  C CG  . PRO A 1 74  ? 2.498   19.662  4.000   1.00 54.19 ? 70  PRO A CG  1 
ATOM   429  C CD  . PRO A 1 74  ? 2.218   19.776  2.549   1.00 52.50 ? 70  PRO A CD  1 
ATOM   430  N N   . SER A 1 75  ? -1.739  18.425  2.552   1.00 51.41 ? 71  SER A N   1 
ATOM   431  C CA  . SER A 1 75  ? -3.088  18.884  2.247   1.00 51.49 ? 71  SER A CA  1 
ATOM   432  C C   . SER A 1 75  ? -3.875  17.837  1.453   1.00 50.72 ? 71  SER A C   1 
ATOM   433  O O   . SER A 1 75  ? -3.300  17.229  0.569   1.00 51.71 ? 71  SER A O   1 
ATOM   434  C CB  . SER A 1 75  ? -2.950  20.100  1.340   1.00 51.54 ? 71  SER A CB  1 
ATOM   435  O OG  . SER A 1 75  ? -4.211  20.704  1.133   1.00 55.40 ? 71  SER A OG  1 
ATOM   436  N N   . SER A 1 76  ? -5.165  17.638  1.734   1.00 50.08 ? 72  SER A N   1 
ATOM   437  C CA  . SER A 1 76  ? -6.023  16.752  0.899   1.00 50.29 ? 72  SER A CA  1 
ATOM   438  C C   . SER A 1 76  ? -7.509  17.153  0.913   1.00 49.99 ? 72  SER A C   1 
ATOM   439  O O   . SER A 1 76  ? -7.947  17.895  1.814   1.00 50.62 ? 72  SER A O   1 
ATOM   440  C CB  . SER A 1 76  ? -5.947  15.273  1.376   1.00 50.64 ? 72  SER A CB  1 
ATOM   441  O OG  . SER A 1 76  ? -6.640  15.106  2.624   1.00 48.51 ? 72  SER A OG  1 
ATOM   442  N N   . TRP A 1 77  ? -8.283  16.623  -0.042  1.00 49.37 ? 73  TRP A N   1 
ATOM   443  C CA  . TRP A 1 77  ? -9.754  16.684  0.053   1.00 48.67 ? 73  TRP A CA  1 
ATOM   444  C C   . TRP A 1 77  ? -10.266 16.366  1.466   1.00 48.13 ? 73  TRP A C   1 
ATOM   445  O O   . TRP A 1 77  ? -11.228 16.952  1.885   1.00 48.84 ? 73  TRP A O   1 
ATOM   446  C CB  . TRP A 1 77  ? -10.462 15.802  -1.003  1.00 48.24 ? 73  TRP A CB  1 
ATOM   447  C CG  . TRP A 1 77  ? -10.498 14.273  -0.676  1.00 48.27 ? 73  TRP A CG  1 
ATOM   448  C CD1 . TRP A 1 77  ? -9.605  13.334  -1.110  1.00 43.97 ? 73  TRP A CD1 1 
ATOM   449  C CD2 . TRP A 1 77  ? -11.482 13.547  0.136   1.00 46.45 ? 73  TRP A CD2 1 
ATOM   450  N NE1 . TRP A 1 77  ? -9.944  12.091  -0.606  1.00 46.06 ? 73  TRP A NE1 1 
ATOM   451  C CE2 . TRP A 1 77  ? -11.084 12.183  0.149   1.00 45.58 ? 73  TRP A CE2 1 
ATOM   452  C CE3 . TRP A 1 77  ? -12.663 13.918  0.829   1.00 44.00 ? 73  TRP A CE3 1 
ATOM   453  C CZ2 . TRP A 1 77  ? -11.815 11.181  0.824   1.00 44.11 ? 73  TRP A CZ2 1 
ATOM   454  C CZ3 . TRP A 1 77  ? -13.393 12.914  1.526   1.00 43.28 ? 73  TRP A CZ3 1 
ATOM   455  C CH2 . TRP A 1 77  ? -12.958 11.563  1.515   1.00 41.45 ? 73  TRP A CH2 1 
ATOM   456  N N   . ARG A 1 78  ? -9.641  15.475  2.235   1.00 47.86 ? 74  ARG A N   1 
ATOM   457  C CA  . ARG A 1 78  ? -10.216 15.190  3.583   1.00 47.54 ? 74  ARG A CA  1 
ATOM   458  C C   . ARG A 1 78  ? -9.918  16.270  4.560   1.00 47.28 ? 74  ARG A C   1 
ATOM   459  O O   . ARG A 1 78  ? -10.678 16.444  5.495   1.00 47.25 ? 74  ARG A O   1 
ATOM   460  C CB  . ARG A 1 78  ? -9.725  13.852  4.237   1.00 47.22 ? 74  ARG A CB  1 
ATOM   461  C CG  . ARG A 1 78  ? -9.706  12.645  3.323   1.00 46.44 ? 74  ARG A CG  1 
ATOM   462  C CD  . ARG A 1 78  ? -9.500  11.343  4.072   1.00 44.52 ? 74  ARG A CD  1 
ATOM   463  N NE  . ARG A 1 78  ? -10.404 11.251  5.203   1.00 40.70 ? 74  ARG A NE  1 
ATOM   464  C CZ  . ARG A 1 78  ? -10.003 10.962  6.426   1.00 41.02 ? 74  ARG A CZ  1 
ATOM   465  N NH1 . ARG A 1 78  ? -8.711  10.684  6.651   1.00 43.35 ? 74  ARG A NH1 1 
ATOM   466  N NH2 . ARG A 1 78  ? -10.894 10.904  7.405   1.00 37.99 ? 74  ARG A NH2 1 
ATOM   467  N N   . GLN A 1 79  ? -8.793  16.970  4.398   1.00 47.59 ? 75  GLN A N   1 
ATOM   468  C CA  . GLN A 1 79  ? -8.292  17.811  5.508   1.00 47.97 ? 75  GLN A CA  1 
ATOM   469  C C   . GLN A 1 79  ? -7.352  18.791  4.919   1.00 47.53 ? 75  GLN A C   1 
ATOM   470  O O   . GLN A 1 79  ? -6.340  18.380  4.322   1.00 47.73 ? 75  GLN A O   1 
ATOM   471  C CB  . GLN A 1 79  ? -7.504  16.941  6.490   1.00 48.20 ? 75  GLN A CB  1 
ATOM   472  C CG  . GLN A 1 79  ? -7.239  17.545  7.853   1.00 50.75 ? 75  GLN A CG  1 
ATOM   473  C CD  . GLN A 1 79  ? -6.666  16.518  8.844   1.00 53.14 ? 75  GLN A CD  1 
ATOM   474  O OE1 . GLN A 1 79  ? -5.579  15.987  8.655   1.00 56.81 ? 75  GLN A OE1 1 
ATOM   475  N NE2 . GLN A 1 79  ? -7.420  16.224  9.892   1.00 55.61 ? 75  GLN A NE2 1 
ATOM   476  N N   . GLU A 1 80  ? -7.687  20.074  5.061   1.00 47.81 ? 76  GLU A N   1 
ATOM   477  C CA  . GLU A 1 80  ? -6.931  21.227  4.431   1.00 47.57 ? 76  GLU A CA  1 
ATOM   478  C C   . GLU A 1 80  ? -5.421  21.336  4.834   1.00 46.65 ? 76  GLU A C   1 
ATOM   479  O O   . GLU A 1 80  ? -4.532  21.421  3.967   1.00 45.26 ? 76  GLU A O   1 
ATOM   480  C CB  . GLU A 1 80  ? -7.663  22.581  4.667   1.00 47.99 ? 76  GLU A CB  1 
ATOM   481  C CG  . GLU A 1 80  ? -6.946  23.787  3.973   1.00 48.91 ? 76  GLU A CG  1 
ATOM   482  C CD  . GLU A 1 80  ? -7.830  25.016  3.714   1.00 50.70 ? 76  GLU A CD  1 
ATOM   483  O OE1 . GLU A 1 80  ? -7.479  25.760  2.737   1.00 50.47 ? 76  GLU A OE1 1 
ATOM   484  O OE2 . GLU A 1 80  ? -8.834  25.218  4.463   1.00 44.13 ? 76  GLU A OE2 1 
ATOM   485  N N   . LYS A 1 81  ? -5.177  21.295  6.144   1.00 46.56 ? 77  LYS A N   1 
ATOM   486  C CA  . LYS A 1 81  ? -3.848  21.215  6.731   1.00 48.16 ? 77  LYS A CA  1 
ATOM   487  C C   . LYS A 1 81  ? -3.729  19.822  7.423   1.00 47.87 ? 77  LYS A C   1 
ATOM   488  O O   . LYS A 1 81  ? -4.428  19.537  8.418   1.00 47.63 ? 77  LYS A O   1 
ATOM   489  C CB  . LYS A 1 81  ? -3.723  22.357  7.759   1.00 48.52 ? 77  LYS A CB  1 
ATOM   490  C CG  . LYS A 1 81  ? -2.360  22.555  8.462   1.00 52.14 ? 77  LYS A CG  1 
ATOM   491  C CD  . LYS A 1 81  ? -2.578  23.216  9.906   1.00 55.67 ? 77  LYS A CD  1 
ATOM   492  C CE  . LYS A 1 81  ? -1.250  23.401  10.715  1.00 57.67 ? 77  LYS A CE  1 
ATOM   493  N NZ  . LYS A 1 81  ? -0.050  23.752  9.847   1.00 59.81 ? 77  LYS A NZ  1 
ATOM   494  N N   . ILE A 1 82  ? -2.891  18.945  6.873   1.00 47.85 ? 78  ILE A N   1 
ATOM   495  C CA  . ILE A 1 82  ? -2.573  17.657  7.551   1.00 47.74 ? 78  ILE A CA  1 
ATOM   496  C C   . ILE A 1 82  ? -1.425  17.874  8.562   1.00 47.93 ? 78  ILE A C   1 
ATOM   497  O O   . ILE A 1 82  ? -0.337  18.315  8.214   1.00 48.11 ? 78  ILE A O   1 
ATOM   498  C CB  . ILE A 1 82  ? -2.107  16.522  6.570   1.00 47.61 ? 78  ILE A CB  1 
ATOM   499  C CG1 . ILE A 1 82  ? -2.856  16.559  5.213   1.00 45.95 ? 78  ILE A CG1 1 
ATOM   500  C CG2 . ILE A 1 82  ? -2.095  15.147  7.299   1.00 48.82 ? 78  ILE A CG2 1 
ATOM   501  C CD1 . ILE A 1 82  ? -3.973  15.614  5.019   1.00 44.13 ? 78  ILE A CD1 1 
ATOM   502  N N   . THR A 1 83  ? -1.650  17.463  9.793   1.00 48.36 ? 79  THR A N   1 
ATOM   503  C CA  . THR A 1 83  ? -0.755  17.723  10.908  1.00 48.42 ? 79  THR A CA  1 
ATOM   504  C C   . THR A 1 83  ? -0.234  16.433  11.603  1.00 48.43 ? 79  THR A C   1 
ATOM   505  O O   . THR A 1 83  ? 0.639   16.492  12.494  1.00 48.41 ? 79  THR A O   1 
ATOM   506  C CB  . THR A 1 83  ? -1.555  18.444  11.931  1.00 48.40 ? 79  THR A CB  1 
ATOM   507  O OG1 . THR A 1 83  ? -2.806  17.762  12.062  1.00 50.38 ? 79  THR A OG1 1 
ATOM   508  C CG2 . THR A 1 83  ? -1.843  19.866  11.478  1.00 49.14 ? 79  THR A CG2 1 
ATOM   509  N N   . ARG A 1 84  ? -0.792  15.276  11.223  1.00 47.37 ? 80  ARG A N   1 
ATOM   510  C CA  . ARG A 1 84  ? -0.365  13.997  11.796  1.00 45.35 ? 80  ARG A CA  1 
ATOM   511  C C   . ARG A 1 84  ? 1.127   13.793  11.481  1.00 44.52 ? 80  ARG A C   1 
ATOM   512  O O   . ARG A 1 84  ? 1.647   14.256  10.434  1.00 44.61 ? 80  ARG A O   1 
ATOM   513  C CB  . ARG A 1 84  ? -1.262  12.837  11.313  1.00 44.89 ? 80  ARG A CB  1 
ATOM   514  C CG  . ARG A 1 84  ? -1.081  12.381  9.808   1.00 46.36 ? 80  ARG A CG  1 
ATOM   515  C CD  . ARG A 1 84  ? -1.867  11.115  9.537   1.00 43.96 ? 80  ARG A CD  1 
ATOM   516  N NE  . ARG A 1 84  ? -3.304  11.335  9.668   1.00 44.55 ? 80  ARG A NE  1 
ATOM   517  C CZ  . ARG A 1 84  ? -4.080  11.687  8.642   1.00 44.61 ? 80  ARG A CZ  1 
ATOM   518  N NH1 . ARG A 1 84  ? -3.545  11.844  7.425   1.00 43.48 ? 80  ARG A NH1 1 
ATOM   519  N NH2 . ARG A 1 84  ? -5.382  11.885  8.819   1.00 42.59 ? 80  ARG A NH2 1 
ATOM   520  N N   . THR A 1 85  ? 1.821   13.149  12.407  1.00 43.15 ? 81  THR A N   1 
ATOM   521  C CA  . THR A 1 85  ? 3.212   12.840  12.216  1.00 43.39 ? 81  THR A CA  1 
ATOM   522  C C   . THR A 1 85  ? 3.328   11.645  11.256  1.00 42.81 ? 81  THR A C   1 
ATOM   523  O O   . THR A 1 85  ? 2.382   10.894  11.113  1.00 43.90 ? 81  THR A O   1 
ATOM   524  C CB  . THR A 1 85  ? 3.878   12.532  13.602  1.00 44.20 ? 81  THR A CB  1 
ATOM   525  O OG1 . THR A 1 85  ? 3.252   11.383  14.226  1.00 43.30 ? 81  THR A OG1 1 
ATOM   526  C CG2 . THR A 1 85  ? 3.762   13.768  14.553  1.00 44.46 ? 81  THR A CG2 1 
ATOM   527  N N   . LYS A 1 86  ? 4.472   11.456  10.627  1.00 42.24 ? 82  LYS A N   1 
ATOM   528  C CA  . LYS A 1 86  ? 4.862   10.186  10.023  1.00 43.32 ? 82  LYS A CA  1 
ATOM   529  C C   . LYS A 1 86  ? 4.424   8.886   10.777  1.00 43.40 ? 82  LYS A C   1 
ATOM   530  O O   . LYS A 1 86  ? 4.057   7.887   10.147  1.00 43.28 ? 82  LYS A O   1 
ATOM   531  C CB  . LYS A 1 86  ? 6.359   10.184  10.034  1.00 44.33 ? 82  LYS A CB  1 
ATOM   532  C CG  . LYS A 1 86  ? 7.038   10.041  8.728   1.00 50.85 ? 82  LYS A CG  1 
ATOM   533  C CD  . LYS A 1 86  ? 8.222   11.063  8.747   1.00 57.96 ? 82  LYS A CD  1 
ATOM   534  C CE  . LYS A 1 86  ? 9.591   10.424  9.083   1.00 59.83 ? 82  LYS A CE  1 
ATOM   535  N NZ  . LYS A 1 86  ? 9.929   9.785   7.780   1.00 61.57 ? 82  LYS A NZ  1 
ATOM   536  N N   . GLU A 1 87  ? 4.508   8.905   12.110  1.00 42.51 ? 83  GLU A N   1 
ATOM   537  C CA  . GLU A 1 87  ? 4.387   7.727   12.960  1.00 43.73 ? 83  GLU A CA  1 
ATOM   538  C C   . GLU A 1 87  ? 2.927   7.401   13.136  1.00 42.84 ? 83  GLU A C   1 
ATOM   539  O O   . GLU A 1 87  ? 2.537   6.227   13.102  1.00 43.11 ? 83  GLU A O   1 
ATOM   540  C CB  . GLU A 1 87  ? 5.041   7.960   14.351  1.00 43.71 ? 83  GLU A CB  1 
ATOM   541  C CG  . GLU A 1 87  ? 6.606   8.081   14.343  1.00 49.61 ? 83  GLU A CG  1 
ATOM   542  C CD  . GLU A 1 87  ? 7.223   9.415   13.634  1.00 57.92 ? 83  GLU A CD  1 
ATOM   543  O OE1 . GLU A 1 87  ? 8.372   9.304   13.079  1.00 59.04 ? 83  GLU A OE1 1 
ATOM   544  O OE2 . GLU A 1 87  ? 6.595   10.546  13.629  1.00 55.73 ? 83  GLU A OE2 1 
ATOM   545  N N   . GLU A 1 88  ? 2.141   8.452   13.374  1.00 42.19 ? 84  GLU A N   1 
ATOM   546  C CA  . GLU A 1 88  ? 0.687   8.396   13.409  1.00 41.69 ? 84  GLU A CA  1 
ATOM   547  C C   . GLU A 1 88  ? 0.059   7.915   12.079  1.00 40.99 ? 84  GLU A C   1 
ATOM   548  O O   . GLU A 1 88  ? -0.835  7.069   12.092  1.00 41.34 ? 84  GLU A O   1 
ATOM   549  C CB  . GLU A 1 88  ? 0.143   9.769   13.763  1.00 41.78 ? 84  GLU A CB  1 
ATOM   550  C CG  . GLU A 1 88  ? 0.123   10.056  15.241  1.00 43.32 ? 84  GLU A CG  1 
ATOM   551  C CD  . GLU A 1 88  ? -0.047  11.548  15.554  1.00 43.99 ? 84  GLU A CD  1 
ATOM   552  O OE1 . GLU A 1 88  ? 0.176   12.433  14.692  1.00 42.93 ? 84  GLU A OE1 1 
ATOM   553  O OE2 . GLU A 1 88  ? -0.378  11.816  16.700  1.00 42.29 ? 84  GLU A OE2 1 
ATOM   554  N N   . ALA A 1 89  ? 0.540   8.444   10.956  1.00 39.48 ? 85  ALA A N   1 
ATOM   555  C CA  . ALA A 1 89  ? 0.193   7.952   9.605   1.00 38.87 ? 85  ALA A CA  1 
ATOM   556  C C   . ALA A 1 89  ? 0.466   6.459   9.424   1.00 38.63 ? 85  ALA A C   1 
ATOM   557  O O   . ALA A 1 89  ? -0.392  5.724   8.914   1.00 37.03 ? 85  ALA A O   1 
ATOM   558  C CB  . ALA A 1 89  ? 0.935   8.760   8.536   1.00 38.45 ? 85  ALA A CB  1 
ATOM   559  N N   . LEU A 1 90  ? 1.677   6.024   9.808   1.00 38.21 ? 86  LEU A N   1 
ATOM   560  C CA  . LEU A 1 90  ? 2.027   4.607   9.761   1.00 37.14 ? 86  LEU A CA  1 
ATOM   561  C C   . LEU A 1 90  ? 1.094   3.809   10.679  1.00 37.49 ? 86  LEU A C   1 
ATOM   562  O O   . LEU A 1 90  ? 0.754   2.684   10.348  1.00 36.87 ? 86  LEU A O   1 
ATOM   563  C CB  . LEU A 1 90  ? 3.512   4.372   10.060  1.00 36.46 ? 86  LEU A CB  1 
ATOM   564  C CG  . LEU A 1 90  ? 3.916   2.889   10.082  1.00 38.11 ? 86  LEU A CG  1 
ATOM   565  C CD1 . LEU A 1 90  ? 3.458   2.188   8.810   1.00 35.66 ? 86  LEU A CD1 1 
ATOM   566  C CD2 . LEU A 1 90  ? 5.434   2.720   10.322  1.00 37.38 ? 86  LEU A CD2 1 
ATOM   567  N N   . GLU A 1 91  ? 0.632   4.408   11.789  1.00 37.80 ? 87  GLU A N   1 
ATOM   568  C CA  . GLU A 1 91  ? -0.290  3.720   12.683  1.00 37.96 ? 87  GLU A CA  1 
ATOM   569  C C   . GLU A 1 91  ? -1.635  3.534   12.000  1.00 37.08 ? 87  GLU A C   1 
ATOM   570  O O   . GLU A 1 91  ? -2.269  2.460   12.137  1.00 36.82 ? 87  GLU A O   1 
ATOM   571  C CB  . GLU A 1 91  ? -0.409  4.377   14.080  1.00 39.38 ? 87  GLU A CB  1 
ATOM   572  C CG  . GLU A 1 91  ? 0.618   3.819   15.095  1.00 49.23 ? 87  GLU A CG  1 
ATOM   573  C CD  . GLU A 1 91  ? 0.794   2.220   14.971  1.00 61.66 ? 87  GLU A CD  1 
ATOM   574  O OE1 . GLU A 1 91  ? -0.076  1.477   15.534  1.00 64.53 ? 87  GLU A OE1 1 
ATOM   575  O OE2 . GLU A 1 91  ? 1.768   1.698   14.298  1.00 64.61 ? 87  GLU A OE2 1 
ATOM   576  N N   . LEU A 1 92  ? -2.061  4.545   11.221  1.00 34.29 ? 88  LEU A N   1 
ATOM   577  C CA  . LEU A 1 92  ? -3.330  4.499   10.552  1.00 31.23 ? 88  LEU A CA  1 
ATOM   578  C C   . LEU A 1 92  ? -3.282  3.460   9.454   1.00 30.87 ? 88  LEU A C   1 
ATOM   579  O O   . LEU A 1 92  ? -4.218  2.649   9.298   1.00 29.89 ? 88  LEU A O   1 
ATOM   580  C CB  . LEU A 1 92  ? -3.679  5.864   9.979   1.00 30.81 ? 88  LEU A CB  1 
ATOM   581  C CG  . LEU A 1 92  ? -4.139  6.915   11.038  1.00 33.24 ? 88  LEU A CG  1 
ATOM   582  C CD1 . LEU A 1 92  ? -4.326  8.359   10.506  1.00 30.12 ? 88  LEU A CD1 1 
ATOM   583  C CD2 . LEU A 1 92  ? -5.457  6.466   11.709  1.00 32.99 ? 88  LEU A CD2 1 
ATOM   584  N N   . ILE A 1 93  ? -2.202  3.490   8.682   1.00 30.12 ? 89  ILE A N   1 
ATOM   585  C CA  . ILE A 1 93  ? -1.990  2.549   7.613   1.00 30.42 ? 89  ILE A CA  1 
ATOM   586  C C   . ILE A 1 93  ? -2.077  1.084   8.134   1.00 31.21 ? 89  ILE A C   1 
ATOM   587  O O   . ILE A 1 93  ? -2.762  0.244   7.557   1.00 31.49 ? 89  ILE A O   1 
ATOM   588  C CB  . ILE A 1 93  ? -0.617  2.842   6.921   1.00 29.77 ? 89  ILE A CB  1 
ATOM   589  C CG1 . ILE A 1 93  ? -0.779  4.113   6.052   1.00 27.88 ? 89  ILE A CG1 1 
ATOM   590  C CG2 . ILE A 1 93  ? -0.119  1.585   6.130   1.00 26.15 ? 89  ILE A CG2 1 
ATOM   591  C CD1 . ILE A 1 93  ? -1.450  3.908   4.628   1.00 25.90 ? 89  ILE A CD1 1 
ATOM   592  N N   . ASN A 1 94  ? -1.359  0.806   9.218   1.00 32.51 ? 90  ASN A N   1 
ATOM   593  C CA  . ASN A 1 94  ? -1.325  -0.522  9.873   1.00 32.14 ? 90  ASN A CA  1 
ATOM   594  C C   . ASN A 1 94  ? -2.707  -0.981  10.292  1.00 32.78 ? 90  ASN A C   1 
ATOM   595  O O   . ASN A 1 94  ? -3.077  -2.149  10.058  1.00 33.81 ? 90  ASN A O   1 
ATOM   596  C CB  . ASN A 1 94  ? -0.359  -0.464  11.058  1.00 31.79 ? 90  ASN A CB  1 
ATOM   597  C CG  . ASN A 1 94  ? 1.102   -0.538  10.632  1.00 33.22 ? 90  ASN A CG  1 
ATOM   598  O OD1 . ASN A 1 94  ? 1.452   -0.969  9.514   1.00 40.90 ? 90  ASN A OD1 1 
ATOM   599  N ND2 . ASN A 1 94  ? 1.967   -0.148  11.525  1.00 34.85 ? 90  ASN A ND2 1 
ATOM   600  N N   . GLY A 1 95  ? -3.479  -0.066  10.888  1.00 33.43 ? 91  GLY A N   1 
ATOM   601  C CA  . GLY A 1 95  ? -4.885  -0.291  11.277  1.00 32.62 ? 91  GLY A CA  1 
ATOM   602  C C   . GLY A 1 95  ? -5.703  -0.742  10.066  1.00 35.12 ? 91  GLY A C   1 
ATOM   603  O O   . GLY A 1 95  ? -6.515  -1.736  10.134  1.00 34.89 ? 91  GLY A O   1 
ATOM   604  N N   . TYR A 1 96  ? -5.522  -0.041  8.940   1.00 32.67 ? 92  TYR A N   1 
ATOM   605  C CA  . TYR A 1 96  ? -6.362  -0.328  7.820   1.00 32.19 ? 92  TYR A CA  1 
ATOM   606  C C   . TYR A 1 96  ? -5.897  -1.642  7.229   1.00 32.02 ? 92  TYR A C   1 
ATOM   607  O O   . TYR A 1 96  ? -6.727  -2.363  6.712   1.00 33.01 ? 92  TYR A O   1 
ATOM   608  C CB  . TYR A 1 96  ? -6.314  0.748   6.719   1.00 31.67 ? 92  TYR A CB  1 
ATOM   609  C CG  . TYR A 1 96  ? -6.785  2.121   7.127   1.00 34.53 ? 92  TYR A CG  1 
ATOM   610  C CD1 . TYR A 1 96  ? -6.066  3.264   6.708   1.00 31.10 ? 92  TYR A CD1 1 
ATOM   611  C CD2 . TYR A 1 96  ? -7.929  2.300   7.934   1.00 36.07 ? 92  TYR A CD2 1 
ATOM   612  C CE1 . TYR A 1 96  ? -6.439  4.485   7.038   1.00 29.29 ? 92  TYR A CE1 1 
ATOM   613  C CE2 . TYR A 1 96  ? -8.315  3.595   8.313   1.00 36.23 ? 92  TYR A CE2 1 
ATOM   614  C CZ  . TYR A 1 96  ? -7.540  4.673   7.850   1.00 35.53 ? 92  TYR A CZ  1 
ATOM   615  O OH  . TYR A 1 96  ? -7.859  5.969   8.184   1.00 37.06 ? 92  TYR A OH  1 
ATOM   616  N N   . ILE A 1 97  ? -4.586  -1.922  7.228   1.00 31.50 ? 93  ILE A N   1 
ATOM   617  C CA  . ILE A 1 97  ? -4.094  -3.195  6.669   1.00 31.81 ? 93  ILE A CA  1 
ATOM   618  C C   . ILE A 1 97  ? -4.724  -4.320  7.532   1.00 32.52 ? 93  ILE A C   1 
ATOM   619  O O   . ILE A 1 97  ? -5.263  -5.300  7.027   1.00 33.80 ? 93  ILE A O   1 
ATOM   620  C CB  . ILE A 1 97  ? -2.517  -3.251  6.590   1.00 31.50 ? 93  ILE A CB  1 
ATOM   621  C CG1 . ILE A 1 97  ? -2.021  -2.337  5.443   1.00 31.78 ? 93  ILE A CG1 1 
ATOM   622  C CG2 . ILE A 1 97  ? -2.003  -4.673  6.313   1.00 29.80 ? 93  ILE A CG2 1 
ATOM   623  C CD1 . ILE A 1 97  ? -0.518  -2.153  5.456   1.00 29.67 ? 93  ILE A CD1 1 
ATOM   624  N N   . GLN A 1 98  ? -4.747  -4.151  8.835   1.00 32.71 ? 94  GLN A N   1 
ATOM   625  C CA  . GLN A 1 98  ? -5.327  -5.204  9.672   1.00 34.34 ? 94  GLN A CA  1 
ATOM   626  C C   . GLN A 1 98  ? -6.789  -5.436  9.375   1.00 35.33 ? 94  GLN A C   1 
ATOM   627  O O   . GLN A 1 98  ? -7.203  -6.600  9.252   1.00 37.39 ? 94  GLN A O   1 
ATOM   628  C CB  . GLN A 1 98  ? -5.180  -4.888  11.154  1.00 34.53 ? 94  GLN A CB  1 
ATOM   629  C CG  . GLN A 1 98  ? -3.786  -4.993  11.670  1.00 34.55 ? 94  GLN A CG  1 
ATOM   630  C CD  . GLN A 1 98  ? -3.783  -4.637  13.160  1.00 43.00 ? 94  GLN A CD  1 
ATOM   631  O OE1 . GLN A 1 98  ? -4.745  -4.074  13.655  1.00 42.98 ? 94  GLN A OE1 1 
ATOM   632  N NE2 . GLN A 1 98  ? -2.737  -5.011  13.875  1.00 46.01 ? 94  GLN A NE2 1 
ATOM   633  N N   . LYS A 1 99  ? -7.593  -4.371  9.247   1.00 34.41 ? 95  LYS A N   1 
ATOM   634  C CA  . LYS A 1 99  ? -8.987  -4.581  8.883   1.00 33.02 ? 95  LYS A CA  1 
ATOM   635  C C   . LYS A 1 99  ? -9.192  -5.190  7.546   1.00 31.67 ? 95  LYS A C   1 
ATOM   636  O O   . LYS A 1 99  ? -10.161 -5.896  7.335   1.00 29.45 ? 95  LYS A O   1 
ATOM   637  C CB  . LYS A 1 99  ? -9.748  -3.267  8.926   1.00 34.86 ? 95  LYS A CB  1 
ATOM   638  C CG  . LYS A 1 99  ? -10.022 -2.879  10.383  1.00 38.74 ? 95  LYS A CG  1 
ATOM   639  C CD  . LYS A 1 99  ? -10.615 -1.527  10.454  1.00 49.83 ? 95  LYS A CD  1 
ATOM   640  C CE  . LYS A 1 99  ? -10.704 -1.077  11.938  1.00 56.28 ? 95  LYS A CE  1 
ATOM   641  N NZ  . LYS A 1 99  ? -11.489 -2.069  12.762  1.00 60.61 ? 95  LYS A NZ  1 
ATOM   642  N N   . ILE A 1 100 ? -8.355  -4.829  6.576   1.00 30.57 ? 96  ILE A N   1 
ATOM   643  C CA  . ILE A 1 100 ? -8.545  -5.384  5.239   1.00 29.62 ? 96  ILE A CA  1 
ATOM   644  C C   . ILE A 1 100 ? -8.252  -6.878  5.325   1.00 30.40 ? 96  ILE A C   1 
ATOM   645  O O   . ILE A 1 100 ? -9.050  -7.718  4.866   1.00 30.81 ? 96  ILE A O   1 
ATOM   646  C CB  . ILE A 1 100 ? -7.620  -4.674  4.171   1.00 30.77 ? 96  ILE A CB  1 
ATOM   647  C CG1 . ILE A 1 100 ? -8.038  -3.193  3.995   1.00 27.14 ? 96  ILE A CG1 1 
ATOM   648  C CG2 . ILE A 1 100 ? -7.619  -5.483  2.871   1.00 26.41 ? 96  ILE A CG2 1 
ATOM   649  C CD1 . ILE A 1 100 ? -7.012  -2.373  3.209   1.00 33.04 ? 96  ILE A CD1 1 
ATOM   650  N N   . LYS A 1 101 ? -7.157  -7.195  5.994   1.00 31.22 ? 97  LYS A N   1 
ATOM   651  C CA  . LYS A 1 101 ? -6.692  -8.574  6.107   1.00 33.91 ? 97  LYS A CA  1 
ATOM   652  C C   . LYS A 1 101 ? -7.609  -9.514  6.879   1.00 34.01 ? 97  LYS A C   1 
ATOM   653  O O   . LYS A 1 101 ? -7.758  -10.658 6.489   1.00 34.80 ? 97  LYS A O   1 
ATOM   654  C CB  . LYS A 1 101 ? -5.282  -8.607  6.658   1.00 34.75 ? 97  LYS A CB  1 
ATOM   655  C CG  . LYS A 1 101 ? -4.251  -8.524  5.565   1.00 35.86 ? 97  LYS A CG  1 
ATOM   656  C CD  . LYS A 1 101 ? -2.903  -8.631  6.185   1.00 37.29 ? 97  LYS A CD  1 
ATOM   657  C CE  . LYS A 1 101 ? -1.911  -9.080  5.111   1.00 42.40 ? 97  LYS A CE  1 
ATOM   658  N NZ  . LYS A 1 101 ? -0.571  -9.590  5.624   1.00 41.25 ? 97  LYS A NZ  1 
ATOM   659  N N   . SER A 1 102 ? -8.276  -8.989  7.910   1.00 33.21 ? 98  SER A N   1 
ATOM   660  C CA  . SER A 1 102 ? -9.218  -9.731  8.691   1.00 33.09 ? 98  SER A CA  1 
ATOM   661  C C   . SER A 1 102 ? -10.547 -9.806  7.978   1.00 34.37 ? 98  SER A C   1 
ATOM   662  O O   . SER A 1 102 ? -11.381 -10.638 8.316   1.00 35.07 ? 98  SER A O   1 
ATOM   663  C CB  . SER A 1 102 ? -9.427  -9.030  10.012  1.00 32.26 ? 98  SER A CB  1 
ATOM   664  O OG  . SER A 1 102 ? -10.145 -7.855  9.789   1.00 31.55 ? 98  SER A OG  1 
ATOM   665  N N   . GLY A 1 103 ? -10.771 -8.951  6.975   1.00 35.20 ? 99  GLY A N   1 
ATOM   666  C CA  . GLY A 1 103 ? -12.003 -8.984  6.215   1.00 33.77 ? 99  GLY A CA  1 
ATOM   667  C C   . GLY A 1 103 ? -13.052 -8.120  6.880   1.00 36.20 ? 99  GLY A C   1 
ATOM   668  O O   . GLY A 1 103 ? -14.159 -8.064  6.391   1.00 35.86 ? 99  GLY A O   1 
ATOM   669  N N   . GLU A 1 104 ? -12.754 -7.453  7.993   1.00 38.56 ? 100 GLU A N   1 
ATOM   670  C CA  . GLU A 1 104 ? -13.785 -6.624  8.645   1.00 43.07 ? 100 GLU A CA  1 
ATOM   671  C C   . GLU A 1 104 ? -14.174 -5.442  7.766   1.00 44.42 ? 100 GLU A C   1 
ATOM   672  O O   . GLU A 1 104 ? -15.203 -4.823  7.996   1.00 46.25 ? 100 GLU A O   1 
ATOM   673  C CB  . GLU A 1 104 ? -13.334 -6.047  9.991   1.00 43.02 ? 100 GLU A CB  1 
ATOM   674  C CG  . GLU A 1 104 ? -13.028 -7.081  11.142  1.00 52.15 ? 100 GLU A CG  1 
ATOM   675  C CD  . GLU A 1 104 ? -12.133 -6.434  12.247  1.00 59.07 ? 100 GLU A CD  1 
ATOM   676  O OE1 . GLU A 1 104 ? -10.903 -6.784  12.366  1.00 57.71 ? 100 GLU A OE1 1 
ATOM   677  O OE2 . GLU A 1 104 ? -12.673 -5.513  12.935  1.00 62.66 ? 100 GLU A OE2 1 
ATOM   678  N N   . GLU A 1 105 ? -13.334 -5.090  6.789   1.00 45.68 ? 101 GLU A N   1 
ATOM   679  C CA  . GLU A 1 105 ? -13.564 -3.925  5.897   1.00 45.76 ? 101 GLU A CA  1 
ATOM   680  C C   . GLU A 1 105 ? -12.889 -4.258  4.623   1.00 44.71 ? 101 GLU A C   1 
ATOM   681  O O   . GLU A 1 105 ? -11.906 -4.968  4.658   1.00 45.42 ? 101 GLU A O   1 
ATOM   682  C CB  . GLU A 1 105 ? -12.902 -2.673  6.457   1.00 46.50 ? 101 GLU A CB  1 
ATOM   683  C CG  . GLU A 1 105 ? -13.707 -2.020  7.509   1.00 50.17 ? 101 GLU A CG  1 
ATOM   684  C CD  . GLU A 1 105 ? -14.906 -1.306  6.936   1.00 53.76 ? 101 GLU A CD  1 
ATOM   685  O OE1 . GLU A 1 105 ? -15.529 -1.767  5.933   1.00 56.14 ? 101 GLU A OE1 1 
ATOM   686  O OE2 . GLU A 1 105 ? -15.203 -0.234  7.484   1.00 58.85 ? 101 GLU A OE2 1 
ATOM   687  N N   . ASP A 1 106 ? -13.391 -3.823  3.486   1.00 43.42 ? 102 ASP A N   1 
ATOM   688  C CA  . ASP A 1 106 ? -12.568 -4.066  2.339   1.00 43.29 ? 102 ASP A CA  1 
ATOM   689  C C   . ASP A 1 106 ? -11.834 -2.832  1.803   1.00 40.23 ? 102 ASP A C   1 
ATOM   690  O O   . ASP A 1 106 ? -12.165 -1.686  2.069   1.00 37.97 ? 102 ASP A O   1 
ATOM   691  C CB  . ASP A 1 106 ? -13.263 -4.938  1.262   1.00 46.24 ? 102 ASP A CB  1 
ATOM   692  C CG  . ASP A 1 106 ? -14.542 -4.342  0.756   1.00 52.57 ? 102 ASP A CG  1 
ATOM   693  O OD1 . ASP A 1 106 ? -15.398 -5.106  0.240   1.00 61.33 ? 102 ASP A OD1 1 
ATOM   694  O OD2 . ASP A 1 106 ? -14.702 -3.110  0.872   1.00 59.20 ? 102 ASP A OD2 1 
ATOM   695  N N   . PHE A 1 107 ? -10.790 -3.118  1.071   1.00 37.88 ? 103 PHE A N   1 
ATOM   696  C CA  . PHE A 1 107 ? -9.906  -2.088  0.616   1.00 36.82 ? 103 PHE A CA  1 
ATOM   697  C C   . PHE A 1 107 ? -10.696 -0.892  0.011   1.00 36.43 ? 103 PHE A C   1 
ATOM   698  O O   . PHE A 1 107 ? -10.477 0.251   0.368   1.00 34.42 ? 103 PHE A O   1 
ATOM   699  C CB  . PHE A 1 107 ? -8.886  -2.711  -0.371  1.00 35.60 ? 103 PHE A CB  1 
ATOM   700  C CG  . PHE A 1 107 ? -7.991  -1.702  -0.994  1.00 34.86 ? 103 PHE A CG  1 
ATOM   701  C CD1 . PHE A 1 107 ? -6.759  -1.440  -0.449  1.00 31.89 ? 103 PHE A CD1 1 
ATOM   702  C CD2 . PHE A 1 107 ? -8.438  -0.934  -2.076  1.00 34.71 ? 103 PHE A CD2 1 
ATOM   703  C CE1 . PHE A 1 107 ? -5.980  -0.481  -0.961  1.00 31.90 ? 103 PHE A CE1 1 
ATOM   704  C CE2 . PHE A 1 107 ? -7.650  0.051   -2.574  1.00 37.03 ? 103 PHE A CE2 1 
ATOM   705  C CZ  . PHE A 1 107 ? -6.426  0.270   -2.022  1.00 33.86 ? 103 PHE A CZ  1 
ATOM   706  N N   . GLU A 1 108 ? -11.639 -1.164  -0.892  1.00 37.72 ? 104 GLU A N   1 
ATOM   707  C CA  . GLU A 1 108 ? -12.216 -0.072  -1.707  1.00 38.50 ? 104 GLU A CA  1 
ATOM   708  C C   . GLU A 1 108 ? -12.960 0.852   -0.786  1.00 38.84 ? 104 GLU A C   1 
ATOM   709  O O   . GLU A 1 108 ? -13.120 2.051   -1.027  1.00 38.05 ? 104 GLU A O   1 
ATOM   710  C CB  . GLU A 1 108 ? -13.210 -0.637  -2.716  1.00 39.10 ? 104 GLU A CB  1 
ATOM   711  C CG  . GLU A 1 108 ? -12.569 -1.356  -3.870  1.00 40.33 ? 104 GLU A CG  1 
ATOM   712  C CD  . GLU A 1 108 ? -12.296 -2.808  -3.555  1.00 43.98 ? 104 GLU A CD  1 
ATOM   713  O OE1 . GLU A 1 108 ? -12.295 -3.268  -2.341  1.00 39.40 ? 104 GLU A OE1 1 
ATOM   714  O OE2 . GLU A 1 108 ? -12.102 -3.467  -4.578  1.00 47.79 ? 104 GLU A OE2 1 
ATOM   715  N N   . SER A 1 109 ? -13.463 0.250   0.270   1.00 38.66 ? 105 SER A N   1 
ATOM   716  C CA  . SER A 1 109 ? -14.319 0.963   1.163   1.00 39.10 ? 105 SER A CA  1 
ATOM   717  C C   . SER A 1 109 ? -13.531 1.934   2.034   1.00 37.85 ? 105 SER A C   1 
ATOM   718  O O   . SER A 1 109 ? -13.931 3.096   2.254   1.00 40.92 ? 105 SER A O   1 
ATOM   719  C CB  . SER A 1 109 ? -15.106 -0.034  1.984   1.00 38.55 ? 105 SER A CB  1 
ATOM   720  O OG  . SER A 1 109 ? -15.680 0.640   3.069   1.00 43.27 ? 105 SER A OG  1 
ATOM   721  N N   . LEU A 1 110 ? -12.413 1.474   2.546   1.00 36.82 ? 106 LEU A N   1 
ATOM   722  C CA  . LEU A 1 110 ? -11.499 2.310   3.336   1.00 34.13 ? 106 LEU A CA  1 
ATOM   723  C C   . LEU A 1 110 ? -10.748 3.288   2.450   1.00 33.28 ? 106 LEU A C   1 
ATOM   724  O O   . LEU A 1 110 ? -10.367 4.324   2.940   1.00 32.96 ? 106 LEU A O   1 
ATOM   725  C CB  . LEU A 1 110 ? -10.476 1.461   4.088   1.00 33.39 ? 106 LEU A CB  1 
ATOM   726  C CG  . LEU A 1 110 ? -10.951 0.389   5.087   1.00 32.87 ? 106 LEU A CG  1 
ATOM   727  C CD1 . LEU A 1 110 ? -9.764  -0.417  5.591   1.00 23.12 ? 106 LEU A CD1 1 
ATOM   728  C CD2 . LEU A 1 110 ? -11.694 1.000   6.275   1.00 29.23 ? 106 LEU A CD2 1 
ATOM   729  N N   . ALA A 1 111 ? -10.495 2.962   1.178   1.00 33.44 ? 107 ALA A N   1 
ATOM   730  C CA  . ALA A 1 111 ? -9.843  3.911   0.250   1.00 33.85 ? 107 ALA A CA  1 
ATOM   731  C C   . ALA A 1 111 ? -10.820 5.079   -0.020  1.00 35.65 ? 107 ALA A C   1 
ATOM   732  O O   . ALA A 1 111 ? -10.436 6.276   0.034   1.00 36.79 ? 107 ALA A O   1 
ATOM   733  C CB  . ALA A 1 111 ? -9.431  3.230   -1.045  1.00 32.44 ? 107 ALA A CB  1 
ATOM   734  N N   . SER A 1 112 ? -12.091 4.743   -0.281  1.00 36.09 ? 108 SER A N   1 
ATOM   735  C CA  . SER A 1 112 ? -13.142 5.745   -0.425  1.00 36.63 ? 108 SER A CA  1 
ATOM   736  C C   . SER A 1 112 ? -13.305 6.655   0.745   1.00 36.75 ? 108 SER A C   1 
ATOM   737  O O   . SER A 1 112 ? -13.566 7.834   0.579   1.00 37.63 ? 108 SER A O   1 
ATOM   738  C CB  . SER A 1 112 ? -14.478 5.071   -0.617  1.00 36.17 ? 108 SER A CB  1 
ATOM   739  O OG  . SER A 1 112 ? -14.428 4.247   -1.755  1.00 40.03 ? 108 SER A OG  1 
ATOM   740  N N   . GLN A 1 113 ? -13.256 6.114   1.944   1.00 37.48 ? 109 GLN A N   1 
ATOM   741  C CA  . GLN A 1 113 ? -13.509 6.967   3.104   1.00 37.41 ? 109 GLN A CA  1 
ATOM   742  C C   . GLN A 1 113 ? -12.276 7.667   3.572   1.00 37.83 ? 109 GLN A C   1 
ATOM   743  O O   . GLN A 1 113 ? -12.378 8.788   3.973   1.00 39.71 ? 109 GLN A O   1 
ATOM   744  C CB  . GLN A 1 113 ? -14.035 6.165   4.268   1.00 36.93 ? 109 GLN A CB  1 
ATOM   745  C CG  . GLN A 1 113 ? -15.343 5.521   4.000   1.00 38.82 ? 109 GLN A CG  1 
ATOM   746  C CD  . GLN A 1 113 ? -15.659 4.416   5.017   1.00 42.75 ? 109 GLN A CD  1 
ATOM   747  O OE1 . GLN A 1 113 ? -15.595 3.209   4.707   1.00 41.17 ? 109 GLN A OE1 1 
ATOM   748  N NE2 . GLN A 1 113 ? -15.975 4.824   6.224   1.00 39.22 ? 109 GLN A NE2 1 
ATOM   749  N N   . PHE A 1 114 ? -11.104 7.024   3.524   1.00 37.50 ? 110 PHE A N   1 
ATOM   750  C CA  . PHE A 1 114 ? -9.945  7.485   4.287   1.00 36.56 ? 110 PHE A CA  1 
ATOM   751  C C   . PHE A 1 114 ? -8.696  7.920   3.523   1.00 35.45 ? 110 PHE A C   1 
ATOM   752  O O   . PHE A 1 114 ? -7.821  8.537   4.102   1.00 36.01 ? 110 PHE A O   1 
ATOM   753  C CB  . PHE A 1 114 ? -9.607  6.458   5.389   1.00 36.54 ? 110 PHE A CB  1 
ATOM   754  C CG  . PHE A 1 114 ? -10.739 6.248   6.370   1.00 37.86 ? 110 PHE A CG  1 
ATOM   755  C CD1 . PHE A 1 114 ? -11.290 4.976   6.557   1.00 37.68 ? 110 PHE A CD1 1 
ATOM   756  C CD2 . PHE A 1 114 ? -11.311 7.334   7.049   1.00 38.30 ? 110 PHE A CD2 1 
ATOM   757  C CE1 . PHE A 1 114 ? -12.336 4.771   7.428   1.00 35.37 ? 110 PHE A CE1 1 
ATOM   758  C CE2 . PHE A 1 114 ? -12.376 7.143   7.930   1.00 38.75 ? 110 PHE A CE2 1 
ATOM   759  C CZ  . PHE A 1 114 ? -12.900 5.852   8.112   1.00 40.77 ? 110 PHE A CZ  1 
ATOM   760  N N   . SER A 1 115 ? -8.642  7.661   2.227   1.00 34.27 ? 111 SER A N   1 
ATOM   761  C CA  . SER A 1 115 ? -7.493  7.983   1.445   1.00 33.52 ? 111 SER A CA  1 
ATOM   762  C C   . SER A 1 115 ? -7.336  9.495   1.212   1.00 35.38 ? 111 SER A C   1 
ATOM   763  O O   . SER A 1 115 ? -8.324  10.154  0.901   1.00 35.25 ? 111 SER A O   1 
ATOM   764  C CB  . SER A 1 115 ? -7.618  7.298   0.107   1.00 32.56 ? 111 SER A CB  1 
ATOM   765  O OG  . SER A 1 115 ? -6.453  7.529   -0.623  1.00 31.73 ? 111 SER A OG  1 
ATOM   766  N N   . ASP A 1 116 ? -6.100  10.020  1.345   1.00 35.91 ? 112 ASP A N   1 
ATOM   767  C CA  . ASP A 1 116 ? -5.803  11.439  1.179   1.00 36.38 ? 112 ASP A CA  1 
ATOM   768  C C   . ASP A 1 116 ? -5.449  11.727  -0.271  1.00 38.33 ? 112 ASP A C   1 
ATOM   769  O O   . ASP A 1 116 ? -4.772  12.676  -0.548  1.00 41.88 ? 112 ASP A O   1 
ATOM   770  C CB  . ASP A 1 116 ? -4.652  11.899  2.069   1.00 34.44 ? 112 ASP A CB  1 
ATOM   771  C CG  . ASP A 1 116 ? -5.037  12.050  3.528   1.00 32.60 ? 112 ASP A CG  1 
ATOM   772  O OD1 . ASP A 1 116 ? -6.019  12.728  3.857   1.00 32.86 ? 112 ASP A OD1 1 
ATOM   773  O OD2 . ASP A 1 116 ? -4.330  11.527  4.412   1.00 32.20 ? 112 ASP A OD2 1 
ATOM   774  N N   . CYS A 1 117 ? -5.863  10.894  -1.205  1.00 39.34 ? 113 CYS A N   1 
ATOM   775  C CA  . CYS A 1 117 ? -5.614  11.139  -2.608  1.00 39.56 ? 113 CYS A CA  1 
ATOM   776  C C   . CYS A 1 117 ? -7.016  11.375  -3.145  1.00 40.31 ? 113 CYS A C   1 
ATOM   777  O O   . CYS A 1 117 ? -7.987  10.900  -2.540  1.00 41.14 ? 113 CYS A O   1 
ATOM   778  C CB  . CYS A 1 117 ? -5.022  9.886   -3.205  1.00 39.11 ? 113 CYS A CB  1 
ATOM   779  S SG  . CYS A 1 117 ? -4.715  9.974   -4.959  1.00 42.82 ? 113 CYS A SG  1 
ATOM   780  N N   . SER A 1 118 ? -7.192  12.104  -4.240  1.00 39.64 ? 114 SER A N   1 
ATOM   781  C CA  . SER A 1 118 ? -8.560  12.288  -4.693  1.00 39.55 ? 114 SER A CA  1 
ATOM   782  C C   . SER A 1 118 ? -9.008  11.081  -5.523  1.00 38.59 ? 114 SER A C   1 
ATOM   783  O O   . SER A 1 118 ? -10.187 11.008  -5.885  1.00 38.46 ? 114 SER A O   1 
ATOM   784  C CB  . SER A 1 118 ? -8.684  13.561  -5.528  1.00 41.42 ? 114 SER A CB  1 
ATOM   785  O OG  . SER A 1 118 ? -7.675  13.513  -6.536  1.00 42.17 ? 114 SER A OG  1 
ATOM   786  N N   . SER A 1 119 ? -8.111  10.116  -5.782  1.00 36.62 ? 115 SER A N   1 
ATOM   787  C CA  . SER A 1 119 ? -8.549  8.880   -6.401  1.00 36.45 ? 115 SER A CA  1 
ATOM   788  C C   . SER A 1 119 ? -9.413  8.066   -5.426  1.00 36.61 ? 115 SER A C   1 
ATOM   789  O O   . SER A 1 119 ? -9.951  7.000   -5.779  1.00 37.22 ? 115 SER A O   1 
ATOM   790  C CB  . SER A 1 119 ? -7.370  8.050   -6.843  1.00 36.09 ? 115 SER A CB  1 
ATOM   791  O OG  . SER A 1 119 ? -6.638  7.659   -5.716  1.00 38.90 ? 115 SER A OG  1 
ATOM   792  N N   . ALA A 1 120 ? -9.529  8.559   -4.196  1.00 35.83 ? 116 ALA A N   1 
ATOM   793  C CA  . ALA A 1 120 ? -10.477 8.054   -3.244  1.00 35.11 ? 116 ALA A CA  1 
ATOM   794  C C   . ALA A 1 120 ? -11.873 7.971   -3.859  1.00 36.55 ? 116 ALA A C   1 
ATOM   795  O O   . ALA A 1 120 ? -12.615 6.998   -3.604  1.00 36.47 ? 116 ALA A O   1 
ATOM   796  C CB  . ALA A 1 120 ? -10.472 8.904   -1.982  1.00 34.55 ? 116 ALA A CB  1 
ATOM   797  N N   . LYS A 1 121 ? -12.213 8.962   -4.695  1.00 36.17 ? 117 LYS A N   1 
ATOM   798  C CA  . LYS A 1 121 ? -13.474 8.983   -5.447  1.00 36.44 ? 117 LYS A CA  1 
ATOM   799  C C   . LYS A 1 121 ? -13.691 7.777   -6.399  1.00 35.06 ? 117 LYS A C   1 
ATOM   800  O O   . LYS A 1 121 ? -14.808 7.478   -6.771  1.00 34.86 ? 117 LYS A O   1 
ATOM   801  C CB  . LYS A 1 121 ? -13.562 10.273  -6.281  1.00 37.07 ? 117 LYS A CB  1 
ATOM   802  C CG  . LYS A 1 121 ? -14.041 11.474  -5.523  1.00 41.19 ? 117 LYS A CG  1 
ATOM   803  C CD  . LYS A 1 121 ? -13.895 11.296  -4.009  1.00 48.38 ? 117 LYS A CD  1 
ATOM   804  C CE  . LYS A 1 121 ? -13.558 12.607  -3.231  1.00 50.59 ? 117 LYS A CE  1 
ATOM   805  N NZ  . LYS A 1 121 ? -14.092 12.449  -1.820  1.00 47.19 ? 117 LYS A NZ  1 
ATOM   806  N N   . ALA A 1 122 ? -12.627 7.156   -6.844  1.00 34.35 ? 118 ALA A N   1 
ATOM   807  C CA  . ALA A 1 122 ? -12.734 5.982   -7.690  1.00 34.63 ? 118 ALA A CA  1 
ATOM   808  C C   . ALA A 1 122 ? -12.354 4.714   -6.906  1.00 34.37 ? 118 ALA A C   1 
ATOM   809  O O   . ALA A 1 122 ? -11.682 3.846   -7.463  1.00 34.83 ? 118 ALA A O   1 
ATOM   810  C CB  . ALA A 1 122 ? -11.874 6.135   -8.931  1.00 33.41 ? 118 ALA A CB  1 
ATOM   811  N N   . ARG A 1 123 ? -12.796 4.605   -5.644  1.00 34.28 ? 119 ARG A N   1 
ATOM   812  C CA  A ARG A 1 123 ? -12.414 3.460   -4.786  0.50 35.04 ? 119 ARG A CA  1 
ATOM   813  C CA  B ARG A 1 123 ? -12.409 3.511   -4.725  0.50 34.80 ? 119 ARG A CA  1 
ATOM   814  C C   . ARG A 1 123 ? -10.900 3.311   -4.723  1.00 35.47 ? 119 ARG A C   1 
ATOM   815  O O   . ARG A 1 123 ? -10.398 2.183   -4.577  1.00 36.21 ? 119 ARG A O   1 
ATOM   816  C CB  A ARG A 1 123 ? -12.953 2.128   -5.342  0.50 34.55 ? 119 ARG A CB  1 
ATOM   817  C CB  B ARG A 1 123 ? -13.108 2.185   -5.076  0.50 34.28 ? 119 ARG A CB  1 
ATOM   818  C CG  A ARG A 1 123 ? -14.411 1.821   -5.089  0.50 34.42 ? 119 ARG A CG  1 
ATOM   819  C CG  B ARG A 1 123 ? -14.622 2.305   -5.166  0.50 33.10 ? 119 ARG A CG  1 
ATOM   820  C CD  A ARG A 1 123 ? -14.964 1.012   -6.249  0.50 31.29 ? 119 ARG A CD  1 
ATOM   821  C CD  B ARG A 1 123 ? -15.309 1.027   -5.594  0.50 29.12 ? 119 ARG A CD  1 
ATOM   822  N NE  A ARG A 1 123 ? -15.597 1.946   -7.159  0.50 30.39 ? 119 ARG A NE  1 
ATOM   823  N NE  B ARG A 1 123 ? -16.692 1.115   -5.178  0.50 27.73 ? 119 ARG A NE  1 
ATOM   824  C CZ  A ARG A 1 123 ? -15.066 2.444   -8.278  0.50 27.44 ? 119 ARG A CZ  1 
ATOM   825  C CZ  B ARG A 1 123 ? -17.474 0.077   -4.898  0.50 26.91 ? 119 ARG A CZ  1 
ATOM   826  N NH1 A ARG A 1 123 ? -13.855 2.074   -8.751  0.50 28.45 ? 119 ARG A NH1 1 
ATOM   827  N NH1 B ARG A 1 123 ? -17.004 -1.184  -4.996  0.50 23.52 ? 119 ARG A NH1 1 
ATOM   828  N NH2 A ARG A 1 123 ? -15.794 3.301   -8.939  0.50 18.54 ? 119 ARG A NH2 1 
ATOM   829  N NH2 B ARG A 1 123 ? -18.718 0.328   -4.500  0.50 19.86 ? 119 ARG A NH2 1 
ATOM   830  N N   . GLY A 1 124 ? -10.168 4.413   -4.851  1.00 35.72 ? 120 GLY A N   1 
ATOM   831  C CA  . GLY A 1 124 ? -8.721  4.372   -4.843  1.00 36.09 ? 120 GLY A CA  1 
ATOM   832  C C   . GLY A 1 124 ? -8.061  3.917   -6.142  1.00 36.45 ? 120 GLY A C   1 
ATOM   833  O O   . GLY A 1 124 ? -6.846  3.767   -6.181  1.00 37.51 ? 120 GLY A O   1 
ATOM   834  N N   . ASP A 1 125 ? -8.822  3.723   -7.207  1.00 36.42 ? 121 ASP A N   1 
ATOM   835  C CA  . ASP A 1 125 ? -8.270  3.272   -8.527  1.00 37.51 ? 121 ASP A CA  1 
ATOM   836  C C   . ASP A 1 125 ? -7.472  4.351   -9.263  1.00 37.48 ? 121 ASP A C   1 
ATOM   837  O O   . ASP A 1 125 ? -7.952  5.468   -9.441  1.00 36.79 ? 121 ASP A O   1 
ATOM   838  C CB  . ASP A 1 125 ? -9.404  2.882   -9.466  1.00 36.77 ? 121 ASP A CB  1 
ATOM   839  C CG  . ASP A 1 125 ? -8.900  2.396   -10.801 1.00 40.58 ? 121 ASP A CG  1 
ATOM   840  O OD1 . ASP A 1 125 ? -7.808  1.774   -10.851 1.00 42.01 ? 121 ASP A OD1 1 
ATOM   841  O OD2 . ASP A 1 125 ? -9.605  2.609   -11.808 1.00 40.80 ? 121 ASP A OD2 1 
ATOM   842  N N   . LEU A 1 126 ? -6.306  3.971   -9.782  1.00 38.17 ? 122 LEU A N   1 
ATOM   843  C CA  . LEU A 1 126 ? -5.451  4.877   -10.542 1.00 38.39 ? 122 LEU A CA  1 
ATOM   844  C C   . LEU A 1 126 ? -5.300  4.495   -12.033 1.00 38.84 ? 122 LEU A C   1 
ATOM   845  O O   . LEU A 1 126 ? -4.546  5.127   -12.751 1.00 39.48 ? 122 LEU A O   1 
ATOM   846  C CB  . LEU A 1 126 ? -4.063  4.942   -9.893  1.00 38.07 ? 122 LEU A CB  1 
ATOM   847  C CG  . LEU A 1 126 ? -3.922  5.492   -8.490  1.00 35.62 ? 122 LEU A CG  1 
ATOM   848  C CD1 . LEU A 1 126 ? -2.486  5.168   -8.110  1.00 35.97 ? 122 LEU A CD1 1 
ATOM   849  C CD2 . LEU A 1 126 ? -4.161  6.958   -8.479  1.00 35.17 ? 122 LEU A CD2 1 
ATOM   850  N N   . GLY A 1 127 ? -5.986  3.459   -12.485 1.00 38.87 ? 123 GLY A N   1 
ATOM   851  C CA  . GLY A 1 127 ? -5.970  3.111   -13.891 1.00 39.14 ? 123 GLY A CA  1 
ATOM   852  C C   . GLY A 1 127 ? -4.672  2.429   -14.128 1.00 40.48 ? 123 GLY A C   1 
ATOM   853  O O   . GLY A 1 127 ? -3.912  2.218   -13.175 1.00 42.58 ? 123 GLY A O   1 
ATOM   854  N N   . ALA A 1 128 ? -4.410  2.065   -15.375 1.00 40.41 ? 124 ALA A N   1 
ATOM   855  C CA  . ALA A 1 128 ? -3.248  1.252   -15.752 1.00 41.33 ? 124 ALA A CA  1 
ATOM   856  C C   . ALA A 1 128 ? -2.049  2.167   -15.927 1.00 42.32 ? 124 ALA A C   1 
ATOM   857  O O   . ALA A 1 128 ? -2.230  3.347   -16.149 1.00 42.17 ? 124 ALA A O   1 
ATOM   858  C CB  . ALA A 1 128 ? -3.528  0.525   -17.034 1.00 40.61 ? 124 ALA A CB  1 
ATOM   859  N N   . PHE A 1 129 ? -0.829  1.656   -15.787 1.00 43.99 ? 125 PHE A N   1 
ATOM   860  C CA  . PHE A 1 129 ? 0.378   2.510   -15.910 1.00 45.82 ? 125 PHE A CA  1 
ATOM   861  C C   . PHE A 1 129 ? 1.524   1.621   -16.218 1.00 46.72 ? 125 PHE A C   1 
ATOM   862  O O   . PHE A 1 129 ? 1.440   0.417   -15.965 1.00 48.02 ? 125 PHE A O   1 
ATOM   863  C CB  . PHE A 1 129 ? 0.661   3.439   -14.676 1.00 46.62 ? 125 PHE A CB  1 
ATOM   864  C CG  . PHE A 1 129 ? 0.716   2.724   -13.307 1.00 47.46 ? 125 PHE A CG  1 
ATOM   865  C CD1 . PHE A 1 129 ? 1.890   2.098   -12.871 1.00 45.76 ? 125 PHE A CD1 1 
ATOM   866  C CD2 . PHE A 1 129 ? -0.418  2.726   -12.449 1.00 48.86 ? 125 PHE A CD2 1 
ATOM   867  C CE1 . PHE A 1 129 ? 1.952   1.459   -11.640 1.00 46.63 ? 125 PHE A CE1 1 
ATOM   868  C CE2 . PHE A 1 129 ? -0.381  2.078   -11.202 1.00 48.60 ? 125 PHE A CE2 1 
ATOM   869  C CZ  . PHE A 1 129 ? 0.814   1.438   -10.794 1.00 48.34 ? 125 PHE A CZ  1 
ATOM   870  N N   . SER A 1 130 ? 2.568   2.180   -16.819 1.00 48.46 ? 126 SER A N   1 
ATOM   871  C CA  . SER A 1 130 ? 3.827   1.424   -17.080 1.00 49.69 ? 126 SER A CA  1 
ATOM   872  C C   . SER A 1 130 ? 4.952   1.999   -16.189 1.00 49.50 ? 126 SER A C   1 
ATOM   873  O O   . SER A 1 130 ? 4.721   3.006   -15.463 1.00 49.04 ? 126 SER A O   1 
ATOM   874  C CB  . SER A 1 130 ? 4.221   1.488   -18.590 1.00 50.68 ? 126 SER A CB  1 
ATOM   875  O OG  . SER A 1 130 ? 4.395   2.842   -19.011 1.00 50.95 ? 126 SER A OG  1 
ATOM   876  N N   . ARG A 1 131 ? 6.157   1.400   -16.245 1.00 49.62 ? 127 ARG A N   1 
ATOM   877  C CA  . ARG A 1 131 ? 7.301   2.012   -15.539 1.00 49.45 ? 127 ARG A CA  1 
ATOM   878  C C   . ARG A 1 131 ? 7.627   3.385   -16.119 1.00 50.52 ? 127 ARG A C   1 
ATOM   879  O O   . ARG A 1 131 ? 7.448   3.658   -17.303 1.00 51.39 ? 127 ARG A O   1 
ATOM   880  C CB  . ARG A 1 131 ? 8.513   1.105   -15.494 1.00 49.28 ? 127 ARG A CB  1 
ATOM   881  C CG  . ARG A 1 131 ? 8.253   -0.226  -14.785 1.00 47.09 ? 127 ARG A CG  1 
ATOM   882  C CD  . ARG A 1 131 ? 9.523   -0.924  -14.595 1.00 42.53 ? 127 ARG A CD  1 
ATOM   883  N NE  . ARG A 1 131 ? 9.442   -2.077  -13.692 1.00 45.71 ? 127 ARG A NE  1 
ATOM   884  C CZ  . ARG A 1 131 ? 9.686   -2.043  -12.370 1.00 40.72 ? 127 ARG A CZ  1 
ATOM   885  N NH1 . ARG A 1 131 ? 9.960   -0.888  -11.747 1.00 38.68 ? 127 ARG A NH1 1 
ATOM   886  N NH2 . ARG A 1 131 ? 9.615   -3.167  -11.673 1.00 38.18 ? 127 ARG A NH2 1 
ATOM   887  N N   . GLY A 1 132 ? 8.043   4.290   -15.268 1.00 51.14 ? 128 GLY A N   1 
ATOM   888  C CA  . GLY A 1 132 ? 8.319   5.603   -15.745 1.00 51.73 ? 128 GLY A CA  1 
ATOM   889  C C   . GLY A 1 132 ? 7.288   6.647   -15.405 1.00 52.23 ? 128 GLY A C   1 
ATOM   890  O O   . GLY A 1 132 ? 7.580   7.800   -15.634 1.00 53.83 ? 128 GLY A O   1 
ATOM   891  N N   . GLN A 1 133 ? 6.107   6.316   -14.853 1.00 52.05 ? 129 GLN A N   1 
ATOM   892  C CA  . GLN A 1 133 ? 5.098   7.387   -14.600 1.00 51.29 ? 129 GLN A CA  1 
ATOM   893  C C   . GLN A 1 133 ? 4.855   7.698   -13.165 1.00 51.34 ? 129 GLN A C   1 
ATOM   894  O O   . GLN A 1 133 ? 4.404   8.796   -12.856 1.00 51.44 ? 129 GLN A O   1 
ATOM   895  C CB  . GLN A 1 133 ? 3.726   7.076   -15.178 1.00 51.41 ? 129 GLN A CB  1 
ATOM   896  C CG  . GLN A 1 133 ? 3.728   6.347   -16.491 1.00 52.55 ? 129 GLN A CG  1 
ATOM   897  C CD  . GLN A 1 133 ? 2.322   6.026   -16.897 1.00 54.50 ? 129 GLN A CD  1 
ATOM   898  O OE1 . GLN A 1 133 ? 2.063   5.079   -17.670 1.00 54.43 ? 129 GLN A OE1 1 
ATOM   899  N NE2 . GLN A 1 133 ? 1.377   6.800   -16.348 1.00 54.31 ? 129 GLN A NE2 1 
ATOM   900  N N   . MET A 1 134 ? 5.092   6.731   -12.276 1.00 50.63 ? 130 MET A N   1 
ATOM   901  C CA  . MET A 1 134 ? 4.765   6.942   -10.845 1.00 48.94 ? 130 MET A CA  1 
ATOM   902  C C   . MET A 1 134 ? 6.039   7.189   -10.006 1.00 46.47 ? 130 MET A C   1 
ATOM   903  O O   . MET A 1 134 ? 7.124   6.821   -10.415 1.00 46.70 ? 130 MET A O   1 
ATOM   904  C CB  . MET A 1 134 ? 3.910   5.740   -10.291 1.00 49.96 ? 130 MET A CB  1 
ATOM   905  C CG  . MET A 1 134 ? 2.532   5.470   -10.988 1.00 49.32 ? 130 MET A CG  1 
ATOM   906  S SD  . MET A 1 134 ? 1.404   6.849   -10.814 1.00 47.55 ? 130 MET A SD  1 
ATOM   907  C CE  . MET A 1 134 ? -0.111  6.292   -11.599 1.00 48.79 ? 130 MET A CE  1 
ATOM   908  N N   . GLN A 1 135 ? 5.920   7.799   -8.839  1.00 44.90 ? 131 GLN A N   1 
ATOM   909  C CA  . GLN A 1 135 ? 7.036   7.778   -7.897  1.00 43.92 ? 131 GLN A CA  1 
ATOM   910  C C   . GLN A 1 135 ? 7.543   6.359   -7.751  1.00 43.26 ? 131 GLN A C   1 
ATOM   911  O O   . GLN A 1 135 ? 6.785   5.397   -7.658  1.00 42.39 ? 131 GLN A O   1 
ATOM   912  C CB  . GLN A 1 135 ? 6.652   8.354   -6.562  1.00 44.27 ? 131 GLN A CB  1 
ATOM   913  C CG  . GLN A 1 135 ? 6.034   9.738   -6.658  1.00 45.16 ? 131 GLN A CG  1 
ATOM   914  C CD  . GLN A 1 135 ? 5.644   10.251  -5.305  1.00 47.94 ? 131 GLN A CD  1 
ATOM   915  O OE1 . GLN A 1 135 ? 6.487   10.698  -4.541  1.00 52.01 ? 131 GLN A OE1 1 
ATOM   916  N NE2 . GLN A 1 135 ? 4.372   10.142  -4.973  1.00 49.29 ? 131 GLN A NE2 1 
ATOM   917  N N   . LYS A 1 136 ? 8.860   6.260   -7.788  1.00 43.31 ? 132 LYS A N   1 
ATOM   918  C CA  . LYS A 1 136 ? 9.618   5.007   -7.878  1.00 41.81 ? 132 LYS A CA  1 
ATOM   919  C C   . LYS A 1 136 ? 9.324   3.896   -6.818  1.00 40.91 ? 132 LYS A C   1 
ATOM   920  O O   . LYS A 1 136 ? 9.271   2.702   -7.211  1.00 42.42 ? 132 LYS A O   1 
ATOM   921  C CB  . LYS A 1 136 ? 11.123  5.367   -7.878  1.00 41.11 ? 132 LYS A CB  1 
ATOM   922  C CG  . LYS A 1 136 ? 12.009  4.240   -8.374  1.00 41.44 ? 132 LYS A CG  1 
ATOM   923  C CD  . LYS A 1 136 ? 11.542  3.941   -9.713  1.00 43.81 ? 132 LYS A CD  1 
ATOM   924  C CE  . LYS A 1 136 ? 12.544  3.226   -10.521 1.00 51.03 ? 132 LYS A CE  1 
ATOM   925  N NZ  . LYS A 1 136 ? 12.735  1.850   -9.943  1.00 52.34 ? 132 LYS A NZ  1 
ATOM   926  N N   . PRO A 1 137 ? 9.203   4.249   -5.495  1.00 39.76 ? 133 PRO A N   1 
ATOM   927  C CA  . PRO A 1 137 ? 8.909   3.202   -4.510  1.00 39.06 ? 133 PRO A CA  1 
ATOM   928  C C   . PRO A 1 137 ? 7.514   2.581   -4.814  1.00 38.73 ? 133 PRO A C   1 
ATOM   929  O O   . PRO A 1 137 ? 7.373   1.354   -4.867  1.00 39.53 ? 133 PRO A O   1 
ATOM   930  C CB  . PRO A 1 137 ? 8.911   3.978   -3.173  1.00 39.22 ? 133 PRO A CB  1 
ATOM   931  C CG  . PRO A 1 137 ? 9.640   5.280   -3.451  1.00 38.87 ? 133 PRO A CG  1 
ATOM   932  C CD  . PRO A 1 137 ? 9.252   5.585   -4.838  1.00 39.77 ? 133 PRO A CD  1 
ATOM   933  N N   . PHE A 1 138 ? 6.537   3.437   -5.107  1.00 37.67 ? 134 PHE A N   1 
ATOM   934  C CA  . PHE A 1 138 ? 5.209   3.063   -5.591  1.00 36.63 ? 134 PHE A CA  1 
ATOM   935  C C   . PHE A 1 138 ? 5.260   2.268   -6.895  1.00 37.01 ? 134 PHE A C   1 
ATOM   936  O O   . PHE A 1 138 ? 4.579   1.256   -7.037  1.00 37.02 ? 134 PHE A O   1 
ATOM   937  C CB  . PHE A 1 138 ? 4.352   4.301   -5.807  1.00 35.96 ? 134 PHE A CB  1 
ATOM   938  C CG  . PHE A 1 138 ? 2.885   3.994   -6.044  1.00 35.24 ? 134 PHE A CG  1 
ATOM   939  C CD1 . PHE A 1 138 ? 1.940   4.201   -5.021  1.00 35.42 ? 134 PHE A CD1 1 
ATOM   940  C CD2 . PHE A 1 138 ? 2.444   3.499   -7.278  1.00 31.85 ? 134 PHE A CD2 1 
ATOM   941  C CE1 . PHE A 1 138 ? 0.584   3.900   -5.236  1.00 32.35 ? 134 PHE A CE1 1 
ATOM   942  C CE2 . PHE A 1 138 ? 1.097   3.198   -7.488  1.00 30.94 ? 134 PHE A CE2 1 
ATOM   943  C CZ  . PHE A 1 138 ? 0.171   3.415   -6.475  1.00 30.30 ? 134 PHE A CZ  1 
ATOM   944  N N   . GLU A 1 139 ? 6.073   2.675   -7.855  1.00 37.04 ? 135 GLU A N   1 
ATOM   945  C CA  . GLU A 1 139 ? 6.194   1.861   -9.062  1.00 37.22 ? 135 GLU A CA  1 
ATOM   946  C C   . GLU A 1 139 ? 6.789   0.484   -8.746  1.00 37.41 ? 135 GLU A C   1 
ATOM   947  O O   . GLU A 1 139 ? 6.249   -0.514  -9.161  1.00 37.98 ? 135 GLU A O   1 
ATOM   948  C CB  . GLU A 1 139 ? 6.995   2.573   -10.118 1.00 36.72 ? 135 GLU A CB  1 
ATOM   949  C CG  . GLU A 1 139 ? 7.496   1.646   -11.227 1.00 40.54 ? 135 GLU A CG  1 
ATOM   950  C CD  . GLU A 1 139 ? 8.521   2.355   -12.122 1.00 43.74 ? 135 GLU A CD  1 
ATOM   951  O OE1 . GLU A 1 139 ? 8.272   3.540   -12.460 1.00 42.02 ? 135 GLU A OE1 1 
ATOM   952  O OE2 . GLU A 1 139 ? 9.562   1.722   -12.429 1.00 44.98 ? 135 GLU A OE2 1 
ATOM   953  N N   . ASP A 1 140 ? 7.884   0.422   -7.995  1.00 38.02 ? 136 ASP A N   1 
ATOM   954  C CA  . ASP A 1 140 ? 8.510   -0.867  -7.726  1.00 38.05 ? 136 ASP A CA  1 
ATOM   955  C C   . ASP A 1 140 ? 7.567   -1.821  -7.021  1.00 37.52 ? 136 ASP A C   1 
ATOM   956  O O   . ASP A 1 140 ? 7.468   -3.015  -7.376  1.00 37.42 ? 136 ASP A O   1 
ATOM   957  C CB  . ASP A 1 140 ? 9.778   -0.679  -6.907  1.00 38.75 ? 136 ASP A CB  1 
ATOM   958  C CG  . ASP A 1 140 ? 10.950  -0.149  -7.751  1.00 41.89 ? 136 ASP A CG  1 
ATOM   959  O OD1 . ASP A 1 140 ? 11.115  -0.591  -8.922  1.00 43.61 ? 136 ASP A OD1 1 
ATOM   960  O OD2 . ASP A 1 140 ? 11.687  0.715   -7.251  1.00 41.23 ? 136 ASP A OD2 1 
ATOM   961  N N   . ALA A 1 141 ? 6.909   -1.302  -5.992  1.00 37.29 ? 137 ALA A N   1 
ATOM   962  C CA  . ALA A 1 141 ? 5.943   -2.065  -5.229  1.00 36.96 ? 137 ALA A CA  1 
ATOM   963  C C   . ALA A 1 141 ? 4.829   -2.558  -6.177  1.00 36.83 ? 137 ALA A C   1 
ATOM   964  O O   . ALA A 1 141 ? 4.486   -3.771  -6.146  1.00 37.99 ? 137 ALA A O   1 
ATOM   965  C CB  . ALA A 1 141 ? 5.373   -1.232  -4.001  1.00 36.73 ? 137 ALA A CB  1 
ATOM   966  N N   . SER A 1 142 ? 4.289   -1.670  -7.023  1.00 35.26 ? 138 SER A N   1 
ATOM   967  C CA  . SER A 1 142 ? 3.210   -2.031  -7.951  1.00 34.82 ? 138 SER A CA  1 
ATOM   968  C C   . SER A 1 142 ? 3.589   -3.112  -8.936  1.00 36.26 ? 138 SER A C   1 
ATOM   969  O O   . SER A 1 142 ? 2.767   -3.966  -9.223  1.00 38.10 ? 138 SER A O   1 
ATOM   970  C CB  . SER A 1 142 ? 2.735   -0.857  -8.746  1.00 33.47 ? 138 SER A CB  1 
ATOM   971  O OG  . SER A 1 142 ? 2.334   0.160   -7.897  1.00 32.73 ? 138 SER A OG  1 
ATOM   972  N N   . PHE A 1 143 ? 4.821   -3.118  -9.446  1.00 37.87 ? 139 PHE A N   1 
ATOM   973  C CA  . PHE A 1 143 ? 5.277   -4.182  -10.400 1.00 38.84 ? 139 PHE A CA  1 
ATOM   974  C C   . PHE A 1 143 ? 5.738   -5.490  -9.726  1.00 39.15 ? 139 PHE A C   1 
ATOM   975  O O   . PHE A 1 143 ? 5.729   -6.561  -10.343 1.00 39.83 ? 139 PHE A O   1 
ATOM   976  C CB  . PHE A 1 143 ? 6.344   -3.623  -11.376 1.00 39.43 ? 139 PHE A CB  1 
ATOM   977  C CG  . PHE A 1 143 ? 5.739   -2.810  -12.499 1.00 36.74 ? 139 PHE A CG  1 
ATOM   978  C CD1 . PHE A 1 143 ? 5.462   -1.468  -12.313 1.00 35.70 ? 139 PHE A CD1 1 
ATOM   979  C CD2 . PHE A 1 143 ? 5.386   -3.437  -13.706 1.00 37.32 ? 139 PHE A CD2 1 
ATOM   980  C CE1 . PHE A 1 143 ? 4.849   -0.692  -13.333 1.00 37.04 ? 139 PHE A CE1 1 
ATOM   981  C CE2 . PHE A 1 143 ? 4.776   -2.731  -14.727 1.00 35.97 ? 139 PHE A CE2 1 
ATOM   982  C CZ  . PHE A 1 143 ? 4.522   -1.312  -14.551 1.00 38.43 ? 139 PHE A CZ  1 
ATOM   983  N N   . ALA A 1 144 ? 6.152   -5.405  -8.465  1.00 37.75 ? 140 ALA A N   1 
ATOM   984  C CA  . ALA A 1 144 ? 6.456   -6.597  -7.735  1.00 37.27 ? 140 ALA A CA  1 
ATOM   985  C C   . ALA A 1 144 ? 5.195   -7.299  -7.186  1.00 37.53 ? 140 ALA A C   1 
ATOM   986  O O   . ALA A 1 144 ? 5.254   -8.478  -6.823  1.00 36.69 ? 140 ALA A O   1 
ATOM   987  C CB  . ALA A 1 144 ? 7.428   -6.287  -6.641  1.00 37.66 ? 140 ALA A CB  1 
ATOM   988  N N   . LEU A 1 145 ? 4.050   -6.621  -7.149  1.00 38.19 ? 141 LEU A N   1 
ATOM   989  C CA  . LEU A 1 145 ? 2.807   -7.326  -6.713  1.00 39.91 ? 141 LEU A CA  1 
ATOM   990  C C   . LEU A 1 145 ? 2.337   -8.259  -7.838  1.00 42.07 ? 141 LEU A C   1 
ATOM   991  O O   . LEU A 1 145 ? 2.634   -8.009  -9.032  1.00 42.98 ? 141 LEU A O   1 
ATOM   992  C CB  . LEU A 1 145 ? 1.689   -6.335  -6.317  1.00 38.07 ? 141 LEU A CB  1 
ATOM   993  C CG  . LEU A 1 145 ? 1.891   -5.469  -5.064  1.00 35.26 ? 141 LEU A CG  1 
ATOM   994  C CD1 . LEU A 1 145 ? 0.831   -4.366  -4.970  1.00 28.37 ? 141 LEU A CD1 1 
ATOM   995  C CD2 . LEU A 1 145 ? 1.856   -6.296  -3.805  1.00 34.15 ? 141 LEU A CD2 1 
ATOM   996  N N   . ARG A 1 146 ? 1.639   -9.343  -7.499  1.00 43.76 ? 142 ARG A N   1 
ATOM   997  C CA  . ARG A 1 146 ? 0.958   -10.121 -8.542  1.00 45.41 ? 142 ARG A CA  1 
ATOM   998  C C   . ARG A 1 146 ? -0.493  -9.620  -8.593  1.00 44.42 ? 142 ARG A C   1 
ATOM   999  O O   . ARG A 1 146 ? -0.919  -8.945  -7.663  1.00 43.60 ? 142 ARG A O   1 
ATOM   1000 C CB  . ARG A 1 146 ? 1.040   -11.632 -8.266  1.00 46.58 ? 142 ARG A CB  1 
ATOM   1001 C CG  . ARG A 1 146 ? 2.299   -12.373 -8.941  1.00 54.43 ? 142 ARG A CG  1 
ATOM   1002 C CD  . ARG A 1 146 ? 3.265   -12.907 -7.843  1.00 64.14 ? 142 ARG A CD  1 
ATOM   1003 N NE  . ARG A 1 146 ? 2.519   -13.139 -6.580  1.00 70.67 ? 142 ARG A NE  1 
ATOM   1004 C CZ  . ARG A 1 146 ? 3.005   -13.638 -5.422  1.00 74.32 ? 142 ARG A CZ  1 
ATOM   1005 N NH1 . ARG A 1 146 ? 4.295   -14.001 -5.294  1.00 73.64 ? 142 ARG A NH1 1 
ATOM   1006 N NH2 . ARG A 1 146 ? 2.174   -13.760 -4.367  1.00 74.25 ? 142 ARG A NH2 1 
ATOM   1007 N N   . THR A 1 147 ? -1.236  -9.929  -9.657  1.00 43.64 ? 143 THR A N   1 
ATOM   1008 C CA  . THR A 1 147 ? -2.635  -9.516  -9.751  1.00 43.25 ? 143 THR A CA  1 
ATOM   1009 C C   . THR A 1 147 ? -3.397  -9.987  -8.515  1.00 41.97 ? 143 THR A C   1 
ATOM   1010 O O   . THR A 1 147 ? -3.211  -11.101 -8.098  1.00 42.64 ? 143 THR A O   1 
ATOM   1011 C CB  . THR A 1 147 ? -3.279  -10.085 -10.987 1.00 43.81 ? 143 THR A CB  1 
ATOM   1012 O OG1 . THR A 1 147 ? -2.410  -9.829  -12.082 1.00 46.44 ? 143 THR A OG1 1 
ATOM   1013 C CG2 . THR A 1 147 ? -4.589  -9.386  -11.255 1.00 43.29 ? 143 THR A CG2 1 
ATOM   1014 N N   . GLY A 1 148 ? -4.199  -9.136  -7.890  1.00 40.65 ? 144 GLY A N   1 
ATOM   1015 C CA  . GLY A 1 148 ? -4.900  -9.550  -6.666  1.00 40.55 ? 144 GLY A CA  1 
ATOM   1016 C C   . GLY A 1 148 ? -4.181  -9.252  -5.370  1.00 40.25 ? 144 GLY A C   1 
ATOM   1017 O O   . GLY A 1 148 ? -4.807  -9.160  -4.321  1.00 41.00 ? 144 GLY A O   1 
ATOM   1018 N N   . GLU A 1 149 ? -2.869  -9.047  -5.416  1.00 39.83 ? 145 GLU A N   1 
ATOM   1019 C CA  . GLU A 1 149 ? -2.104  -8.869  -4.173  1.00 38.83 ? 145 GLU A CA  1 
ATOM   1020 C C   . GLU A 1 149 ? -2.067  -7.438  -3.620  1.00 37.00 ? 145 GLU A C   1 
ATOM   1021 O O   . GLU A 1 149 ? -2.228  -6.476  -4.341  1.00 37.16 ? 145 GLU A O   1 
ATOM   1022 C CB  . GLU A 1 149 ? -0.684  -9.271  -4.385  1.00 39.21 ? 145 GLU A CB  1 
ATOM   1023 C CG  . GLU A 1 149 ? -0.311  -10.677 -4.189  1.00 42.97 ? 145 GLU A CG  1 
ATOM   1024 C CD  . GLU A 1 149 ? 1.240   -10.756 -4.304  1.00 52.88 ? 145 GLU A CD  1 
ATOM   1025 O OE1 . GLU A 1 149 ? 1.765   -10.616 -5.441  1.00 49.72 ? 145 GLU A OE1 1 
ATOM   1026 O OE2 . GLU A 1 149 ? 1.944   -10.838 -3.246  1.00 57.48 ? 145 GLU A OE2 1 
ATOM   1027 N N   . MET A 1 150 ? -1.824  -7.323  -2.328  1.00 34.97 ? 146 MET A N   1 
ATOM   1028 C CA  . MET A 1 150 ? -1.785  -6.035  -1.651  1.00 33.58 ? 146 MET A CA  1 
ATOM   1029 C C   . MET A 1 150 ? -0.389  -5.852  -1.022  1.00 33.24 ? 146 MET A C   1 
ATOM   1030 O O   . MET A 1 150 ? 0.185   -6.808  -0.457  1.00 33.83 ? 146 MET A O   1 
ATOM   1031 C CB  . MET A 1 150 ? -2.843  -5.997  -0.565  1.00 33.51 ? 146 MET A CB  1 
ATOM   1032 C CG  . MET A 1 150 ? -3.102  -4.597  -0.040  1.00 33.69 ? 146 MET A CG  1 
ATOM   1033 S SD  . MET A 1 150 ? -4.404  -4.502  1.165   1.00 34.49 ? 146 MET A SD  1 
ATOM   1034 C CE  . MET A 1 150 ? -3.715  -5.379  2.570   1.00 30.04 ? 146 MET A CE  1 
ATOM   1035 N N   . SER A 1 151 ? 0.154   -4.634  -1.121  1.00 30.83 ? 147 SER A N   1 
ATOM   1036 C CA  . SER A 1 151 ? 1.419   -4.296  -0.511  1.00 28.59 ? 147 SER A CA  1 
ATOM   1037 C C   . SER A 1 151 ? 1.209   -4.127  1.000   1.00 28.82 ? 147 SER A C   1 
ATOM   1038 O O   . SER A 1 151 ? 0.081   -4.057  1.455   1.00 28.55 ? 147 SER A O   1 
ATOM   1039 C CB  . SER A 1 151 ? 1.893   -2.959  -1.085  1.00 28.59 ? 147 SER A CB  1 
ATOM   1040 O OG  . SER A 1 151 ? 1.088   -1.893  -0.486  1.00 25.49 ? 147 SER A OG  1 
ATOM   1041 N N   . GLY A 1 152 ? 2.302   -4.032  1.764   1.00 29.13 ? 148 GLY A N   1 
ATOM   1042 C CA  . GLY A 1 152 ? 2.277   -3.439  3.094   1.00 30.07 ? 148 GLY A CA  1 
ATOM   1043 C C   . GLY A 1 152 ? 2.511   -1.943  2.907   1.00 31.01 ? 148 GLY A C   1 
ATOM   1044 O O   . GLY A 1 152 ? 2.164   -1.394  1.840   1.00 30.53 ? 148 GLY A O   1 
ATOM   1045 N N   . PRO A 1 153 ? 3.037   -1.273  3.935   1.00 32.47 ? 149 PRO A N   1 
ATOM   1046 C CA  . PRO A 1 153 ? 3.175   0.180   3.841   1.00 34.46 ? 149 PRO A CA  1 
ATOM   1047 C C   . PRO A 1 153 ? 4.267   0.529   2.862   1.00 35.21 ? 149 PRO A C   1 
ATOM   1048 O O   . PRO A 1 153 ? 5.390   -0.046  2.958   1.00 37.96 ? 149 PRO A O   1 
ATOM   1049 C CB  . PRO A 1 153 ? 3.567   0.622   5.284   1.00 33.66 ? 149 PRO A CB  1 
ATOM   1050 C CG  . PRO A 1 153 ? 3.049   -0.452  6.175   1.00 35.63 ? 149 PRO A CG  1 
ATOM   1051 C CD  . PRO A 1 153 ? 3.235   -1.747  5.329   1.00 34.31 ? 149 PRO A CD  1 
ATOM   1052 N N   . VAL A 1 154 ? 3.954   1.417   1.911   1.00 34.07 ? 150 VAL A N   1 
ATOM   1053 C CA  . VAL A 1 154 ? 4.935   1.859   0.893   1.00 31.63 ? 150 VAL A CA  1 
ATOM   1054 C C   . VAL A 1 154 ? 5.115   3.356   1.086   1.00 32.23 ? 150 VAL A C   1 
ATOM   1055 O O   . VAL A 1 154 ? 4.123   4.097   1.147   1.00 31.13 ? 150 VAL A O   1 
ATOM   1056 C CB  . VAL A 1 154 ? 4.456   1.541   -0.541  1.00 31.34 ? 150 VAL A CB  1 
ATOM   1057 C CG1 . VAL A 1 154 ? 5.317   2.238   -1.610  1.00 28.07 ? 150 VAL A CG1 1 
ATOM   1058 C CG2 . VAL A 1 154 ? 4.473   0.049   -0.760  1.00 32.30 ? 150 VAL A CG2 1 
ATOM   1059 N N   . PHE A 1 155 ? 6.370   3.805   1.222   1.00 32.55 ? 151 PHE A N   1 
ATOM   1060 C CA  . PHE A 1 155 ? 6.583   5.185   1.541   1.00 33.47 ? 151 PHE A CA  1 
ATOM   1061 C C   . PHE A 1 155 ? 7.033   5.913   0.305   1.00 34.51 ? 151 PHE A C   1 
ATOM   1062 O O   . PHE A 1 155 ? 7.880   5.403   -0.454  1.00 34.45 ? 151 PHE A O   1 
ATOM   1063 C CB  . PHE A 1 155 ? 7.658   5.288   2.602   1.00 34.11 ? 151 PHE A CB  1 
ATOM   1064 C CG  . PHE A 1 155 ? 7.295   4.632   3.899   1.00 33.00 ? 151 PHE A CG  1 
ATOM   1065 C CD1 . PHE A 1 155 ? 7.361   3.222   4.038   1.00 31.68 ? 151 PHE A CD1 1 
ATOM   1066 C CD2 . PHE A 1 155 ? 6.924   5.406   4.982   1.00 33.38 ? 151 PHE A CD2 1 
ATOM   1067 C CE1 . PHE A 1 155 ? 7.053   2.576   5.270   1.00 31.33 ? 151 PHE A CE1 1 
ATOM   1068 C CE2 . PHE A 1 155 ? 6.599   4.775   6.235   1.00 32.51 ? 151 PHE A CE2 1 
ATOM   1069 C CZ  . PHE A 1 155 ? 6.669   3.337   6.363   1.00 32.78 ? 151 PHE A CZ  1 
ATOM   1070 N N   . THR A 1 156 ? 6.451   7.084   0.067   1.00 35.19 ? 152 THR A N   1 
ATOM   1071 C CA  . THR A 1 156 ? 6.884   7.919   -1.065  1.00 35.15 ? 152 THR A CA  1 
ATOM   1072 C C   . THR A 1 156 ? 6.857   9.354   -0.496  1.00 37.00 ? 152 THR A C   1 
ATOM   1073 O O   . THR A 1 156 ? 6.461   9.519   0.654   1.00 35.78 ? 152 THR A O   1 
ATOM   1074 C CB  . THR A 1 156 ? 5.876   7.922   -2.169  1.00 34.94 ? 152 THR A CB  1 
ATOM   1075 O OG1 . THR A 1 156 ? 4.736   8.641   -1.686  1.00 34.68 ? 152 THR A OG1 1 
ATOM   1076 C CG2 . THR A 1 156 ? 5.474   6.550   -2.629  1.00 33.08 ? 152 THR A CG2 1 
ATOM   1077 N N   . ASP A 1 157 ? 7.234   10.402  -1.259  1.00 38.60 ? 153 ASP A N   1 
ATOM   1078 C CA  . ASP A 1 157 ? 7.105   11.764  -0.688  1.00 39.64 ? 153 ASP A CA  1 
ATOM   1079 C C   . ASP A 1 157 ? 5.671   12.259  -0.515  1.00 39.41 ? 153 ASP A C   1 
ATOM   1080 O O   . ASP A 1 157 ? 5.440   13.281  0.179   1.00 39.84 ? 153 ASP A O   1 
ATOM   1081 C CB  . ASP A 1 157 ? 7.877   12.772  -1.509  1.00 42.16 ? 153 ASP A CB  1 
ATOM   1082 C CG  . ASP A 1 157 ? 9.369   12.482  -1.542  1.00 47.62 ? 153 ASP A CG  1 
ATOM   1083 O OD1 . ASP A 1 157 ? 9.910   11.786  -0.645  1.00 54.61 ? 153 ASP A OD1 1 
ATOM   1084 O OD2 . ASP A 1 157 ? 10.003  12.931  -2.496  1.00 54.13 ? 153 ASP A OD2 1 
ATOM   1085 N N   . SER A 1 158 ? 4.682   11.577  -1.113  1.00 37.82 ? 154 SER A N   1 
ATOM   1086 C CA  . SER A 1 158 ? 3.285   11.951  -0.817  1.00 36.86 ? 154 SER A CA  1 
ATOM   1087 C C   . SER A 1 158 ? 2.836   11.456  0.537   1.00 36.38 ? 154 SER A C   1 
ATOM   1088 O O   . SER A 1 158 ? 1.915   12.002  1.096   1.00 37.07 ? 154 SER A O   1 
ATOM   1089 C CB  . SER A 1 158 ? 2.338   11.375  -1.833  1.00 36.17 ? 154 SER A CB  1 
ATOM   1090 O OG  . SER A 1 158 ? 2.828   11.681  -3.089  1.00 41.18 ? 154 SER A OG  1 
ATOM   1091 N N   . GLY A 1 159 ? 3.449   10.390  1.043   1.00 34.93 ? 155 GLY A N   1 
ATOM   1092 C CA  . GLY A 1 159 ? 3.039   9.830   2.321   1.00 34.24 ? 155 GLY A CA  1 
ATOM   1093 C C   . GLY A 1 159 ? 3.186   8.322   2.287   1.00 33.26 ? 155 GLY A C   1 
ATOM   1094 O O   . GLY A 1 159 ? 4.166   7.781   1.715   1.00 32.34 ? 155 GLY A O   1 
ATOM   1095 N N   . ILE A 1 160 ? 2.211   7.643   2.896   1.00 32.79 ? 156 ILE A N   1 
ATOM   1096 C CA  . ILE A 1 160 ? 2.290   6.177   3.106   1.00 30.82 ? 156 ILE A CA  1 
ATOM   1097 C C   . ILE A 1 160 ? 1.107   5.576   2.381   1.00 29.75 ? 156 ILE A C   1 
ATOM   1098 O O   . ILE A 1 160 ? -0.054  5.990   2.580   1.00 29.10 ? 156 ILE A O   1 
ATOM   1099 C CB  . ILE A 1 160 ? 2.278   5.816   4.618   1.00 31.15 ? 156 ILE A CB  1 
ATOM   1100 C CG1 . ILE A 1 160 ? 3.387   6.545   5.385   1.00 30.24 ? 156 ILE A CG1 1 
ATOM   1101 C CG2 . ILE A 1 160 ? 2.625   4.327   4.806   1.00 32.59 ? 156 ILE A CG2 1 
ATOM   1102 C CD1 . ILE A 1 160 ? 3.408   6.261   6.925   1.00 26.30 ? 156 ILE A CD1 1 
ATOM   1103 N N   . HIS A 1 161 ? 1.397   4.640   1.505   1.00 29.20 ? 157 HIS A N   1 
ATOM   1104 C CA  . HIS A 1 161 ? 0.380   3.976   0.644   1.00 29.55 ? 157 HIS A CA  1 
ATOM   1105 C C   . HIS A 1 161 ? 0.088   2.504   1.098   1.00 29.11 ? 157 HIS A C   1 
ATOM   1106 O O   . HIS A 1 161 ? 1.000   1.826   1.626   1.00 28.08 ? 157 HIS A O   1 
ATOM   1107 C CB  . HIS A 1 161 ? 0.877   3.888   -0.838  1.00 30.96 ? 157 HIS A CB  1 
ATOM   1108 C CG  . HIS A 1 161 ? 1.334   5.180   -1.424  1.00 33.36 ? 157 HIS A CG  1 
ATOM   1109 N ND1 . HIS A 1 161 ? 0.555   5.916   -2.293  1.00 36.83 ? 157 HIS A ND1 1 
ATOM   1110 C CD2 . HIS A 1 161 ? 2.476   5.891   -1.243  1.00 37.72 ? 157 HIS A CD2 1 
ATOM   1111 C CE1 . HIS A 1 161 ? 1.203   7.021   -2.637  1.00 38.34 ? 157 HIS A CE1 1 
ATOM   1112 N NE2 . HIS A 1 161 ? 2.372   7.029   -2.014  1.00 39.66 ? 157 HIS A NE2 1 
ATOM   1113 N N   . ILE A 1 162 ? -1.160  2.035   0.893   1.00 28.58 ? 158 ILE A N   1 
ATOM   1114 C CA  . ILE A 1 162 ? -1.430  0.598   0.765   1.00 28.04 ? 158 ILE A CA  1 
ATOM   1115 C C   . ILE A 1 162 ? -1.754  0.436   -0.707  1.00 28.84 ? 158 ILE A C   1 
ATOM   1116 O O   . ILE A 1 162 ? -2.559  1.210   -1.226  1.00 28.91 ? 158 ILE A O   1 
ATOM   1117 C CB  . ILE A 1 162 ? -2.651  0.137   1.575   1.00 27.43 ? 158 ILE A CB  1 
ATOM   1118 C CG1 . ILE A 1 162 ? -2.477  0.458   3.037   1.00 26.22 ? 158 ILE A CG1 1 
ATOM   1119 C CG2 . ILE A 1 162 ? -2.784  -1.375  1.539   1.00 25.50 ? 158 ILE A CG2 1 
ATOM   1120 C CD1 . ILE A 1 162 ? -3.799  0.367   3.698   1.00 27.46 ? 158 ILE A CD1 1 
ATOM   1121 N N   . ILE A 1 163 ? -1.126  -0.511  -1.394  1.00 28.28 ? 159 ILE A N   1 
ATOM   1122 C CA  . ILE A 1 163 ? -1.346  -0.641  -2.890  1.00 29.43 ? 159 ILE A CA  1 
ATOM   1123 C C   . ILE A 1 163 ? -2.019  -1.981  -3.209  1.00 29.18 ? 159 ILE A C   1 
ATOM   1124 O O   . ILE A 1 163 ? -1.615  -2.977  -2.678  1.00 29.50 ? 159 ILE A O   1 
ATOM   1125 C CB  . ILE A 1 163 ? 0.017   -0.568  -3.698  1.00 28.44 ? 159 ILE A CB  1 
ATOM   1126 C CG1 . ILE A 1 163 ? 0.704   0.801   -3.491  1.00 29.80 ? 159 ILE A CG1 1 
ATOM   1127 C CG2 . ILE A 1 163 ? -0.211  -0.882  -5.164  1.00 28.27 ? 159 ILE A CG2 1 
ATOM   1128 C CD1 . ILE A 1 163 ? 2.269   0.905   -3.830  1.00 26.67 ? 159 ILE A CD1 1 
ATOM   1129 N N   . LEU A 1 164 ? -3.046  -1.992  -4.044  1.00 30.27 ? 160 LEU A N   1 
ATOM   1130 C CA  . LEU A 1 164 ? -3.696  -3.211  -4.409  1.00 31.89 ? 160 LEU A CA  1 
ATOM   1131 C C   . LEU A 1 164 ? -3.543  -3.331  -5.891  1.00 32.66 ? 160 LEU A C   1 
ATOM   1132 O O   . LEU A 1 164 ? -3.936  -2.447  -6.643  1.00 33.24 ? 160 LEU A O   1 
ATOM   1133 C CB  . LEU A 1 164 ? -5.183  -3.146  -4.056  1.00 31.03 ? 160 LEU A CB  1 
ATOM   1134 C CG  . LEU A 1 164 ? -6.082  -4.271  -4.555  1.00 32.24 ? 160 LEU A CG  1 
ATOM   1135 C CD1 . LEU A 1 164 ? -5.703  -5.555  -3.798  1.00 34.92 ? 160 LEU A CD1 1 
ATOM   1136 C CD2 . LEU A 1 164 ? -7.559  -3.949  -4.302  1.00 33.22 ? 160 LEU A CD2 1 
ATOM   1137 N N   . ARG A 1 165 ? -2.957  -4.430  -6.323  1.00 34.77 ? 161 ARG A N   1 
ATOM   1138 C CA  . ARG A 1 165 ? -2.801  -4.661  -7.740  1.00 35.48 ? 161 ARG A CA  1 
ATOM   1139 C C   . ARG A 1 165 ? -4.045  -5.347  -8.321  1.00 36.60 ? 161 ARG A C   1 
ATOM   1140 O O   . ARG A 1 165 ? -4.403  -6.485  -7.938  1.00 35.43 ? 161 ARG A O   1 
ATOM   1141 C CB  . ARG A 1 165 ? -1.530  -5.440  -8.053  1.00 35.74 ? 161 ARG A CB  1 
ATOM   1142 C CG  . ARG A 1 165 ? -1.362  -5.433  -9.552  1.00 37.10 ? 161 ARG A CG  1 
ATOM   1143 C CD  . ARG A 1 165 ? -0.161  -6.078  -9.992  1.00 41.08 ? 161 ARG A CD  1 
ATOM   1144 N NE  . ARG A 1 165 ? -0.346  -6.533  -11.352 1.00 44.21 ? 161 ARG A NE  1 
ATOM   1145 C CZ  . ARG A 1 165 ? 0.411   -7.451  -11.943 1.00 49.07 ? 161 ARG A CZ  1 
ATOM   1146 N NH1 . ARG A 1 165 ? 1.417   -8.024  -11.305 1.00 49.00 ? 161 ARG A NH1 1 
ATOM   1147 N NH2 . ARG A 1 165 ? 0.152   -7.806  -13.186 1.00 52.89 ? 161 ARG A NH2 1 
ATOM   1148 N N   . THR A 1 166 ? -4.731  -4.650  -9.233  1.00 37.58 ? 162 THR A N   1 
ATOM   1149 C CA  . THR A 1 166 ? -5.988  -5.195  -9.729  1.00 38.88 ? 162 THR A CA  1 
ATOM   1150 C C   . THR A 1 166 ? -5.915  -5.820  -11.116 1.00 40.48 ? 162 THR A C   1 
ATOM   1151 O O   . THR A 1 166 ? -6.847  -6.478  -11.530 1.00 41.87 ? 162 THR A O   1 
ATOM   1152 C CB  . THR A 1 166 ? -7.110  -4.184  -9.674  1.00 38.58 ? 162 THR A CB  1 
ATOM   1153 O OG1 . THR A 1 166 ? -6.835  -3.145  -10.590 1.00 35.96 ? 162 THR A OG1 1 
ATOM   1154 C CG2 . THR A 1 166 ? -7.218  -3.580  -8.310  1.00 35.38 ? 162 THR A CG2 1 
ATOM   1155 N N   . GLU A 1 167 ? -4.812  -5.629  -11.832 1.00 42.11 ? 163 GLU A N   1 
ATOM   1156 C CA  . GLU A 1 167 ? -4.631  -6.165  -13.213 1.00 43.28 ? 163 GLU A CA  1 
ATOM   1157 C C   . GLU A 1 167 ? -3.161  -6.043  -13.564 1.00 43.73 ? 163 GLU A C   1 
ATOM   1158 O O   . GLU A 1 167 ? -2.482  -5.085  -13.150 1.00 43.76 ? 163 GLU A O   1 
ATOM   1159 C CB  . GLU A 1 167 ? -5.329  -5.305  -14.293 1.00 43.66 ? 163 GLU A CB  1 
ATOM   1160 C CG  . GLU A 1 167 ? -6.887  -5.424  -14.519 1.00 46.67 ? 163 GLU A CG  1 
ATOM   1161 C CD  . GLU A 1 167 ? -7.431  -4.308  -15.489 1.00 50.61 ? 163 GLU A CD  1 
ATOM   1162 O OE1 . GLU A 1 167 ? -6.655  -3.727  -16.314 1.00 50.43 ? 163 GLU A OE1 1 
ATOM   1163 O OE2 . GLU A 1 167 ? -8.641  -4.017  -15.428 1.00 49.32 ? 163 GLU A OE2 1 
ATOM   1164 O OXT . GLU A 1 167 ? -2.628  -6.829  -14.339 1.00 43.72 ? 163 GLU A OXT 1 
HETATM 1165 C C32 . 12P B 2 .   ? -0.116  -9.634  2.266   1.00 49.37 ? 164 12P A C32 1 
HETATM 1166 O O31 . 12P B 2 .   ? -0.071  -8.225  2.621   1.00 57.64 ? 164 12P A O31 1 
HETATM 1167 C C30 . 12P B 2 .   ? 0.952   -7.731  3.553   1.00 54.72 ? 164 12P A C30 1 
HETATM 1168 C C29 . 12P B 2 .   ? 0.503   -6.633  4.540   1.00 55.56 ? 164 12P A C29 1 
HETATM 1169 O O28 . 12P B 2 .   ? 1.407   -6.464  5.665   1.00 56.88 ? 164 12P A O28 1 
HETATM 1170 C C27 . 12P B 2 .   ? 0.952   -6.315  7.038   1.00 55.55 ? 164 12P A C27 1 
HETATM 1171 C C26 . 12P B 2 .   ? 0.692   -7.656  7.734   1.00 56.03 ? 164 12P A C26 1 
HETATM 1172 O O25 . 12P B 2 .   ? -0.431  -7.680  8.660   1.00 56.25 ? 164 12P A O25 1 
HETATM 1173 C C24 . 12P B 2 .   ? -0.972  -9.014  8.867   1.00 56.57 ? 164 12P A C24 1 
HETATM 1174 C C23 . 12P B 2 .   ? 0.054   -10.059 9.340   1.00 55.90 ? 164 12P A C23 1 
HETATM 1175 O O22 . 12P B 2 .   ? -0.286  -11.428 9.069   1.00 58.07 ? 164 12P A O22 1 
HETATM 1176 C C21 . 12P B 2 .   ? 0.812   -12.278 8.614   1.00 55.27 ? 164 12P A C21 1 
HETATM 1177 C C20 . 12P B 2 .   ? 1.831   -12.529 9.723   1.00 56.31 ? 164 12P A C20 1 
HETATM 1178 O O19 . 12P B 2 .   ? 3.097   -13.041 9.285   1.00 56.35 ? 164 12P A O19 1 
HETATM 1179 C C18 . 12P B 2 .   ? 4.131   -12.872 10.268  1.00 55.93 ? 164 12P A C18 1 
HETATM 1180 C C17 . 12P B 2 .   ? 4.183   -11.434 10.794  1.00 59.90 ? 164 12P A C17 1 
HETATM 1181 O O16 . 12P B 2 .   ? 5.499   -10.903 11.034  1.00 64.89 ? 164 12P A O16 1 
HETATM 1182 C C15 . 12P B 2 .   ? 5.621   -9.471  10.785  1.00 63.64 ? 164 12P A C15 1 
HETATM 1183 S S   . SO4 C 3 .   ? 1.082   14.960  -3.633  1.00 81.56 ? 165 SO4 A S   1 
HETATM 1184 O O1  . SO4 C 3 .   ? 1.220   15.702  -4.886  1.00 84.15 ? 165 SO4 A O1  1 
HETATM 1185 O O2  . SO4 C 3 .   ? 1.752   15.669  -2.544  1.00 81.54 ? 165 SO4 A O2  1 
HETATM 1186 O O3  . SO4 C 3 .   ? 1.839   13.729  -3.843  1.00 82.95 ? 165 SO4 A O3  1 
HETATM 1187 O O4  . SO4 C 3 .   ? -0.342  14.716  -3.361  1.00 76.91 ? 165 SO4 A O4  1 
HETATM 1188 C C1  . 4BL D 4 .   ? -0.661  10.823  -5.266  1.00 89.30 ? 166 4BL A C1  1 
HETATM 1189 N N2  . 4BL D 4 .   ? 0.613   10.457  -4.949  1.00 87.44 ? 166 4BL A N2  1 
HETATM 1190 C C3  . 4BL D 4 .   ? -1.137  10.116  -6.375  1.00 89.12 ? 166 4BL A C3  1 
HETATM 1191 C C4  . 4BL D 4 .   ? 1.077   9.512   -5.786  1.00 86.94 ? 166 4BL A C4  1 
HETATM 1192 C C5  . 4BL D 4 .   ? -1.447  11.848  -4.525  1.00 89.95 ? 166 4BL A C5  1 
HETATM 1193 C C6  . 4BL D 4 .   ? -0.036  9.278   -6.709  1.00 87.07 ? 166 4BL A C6  1 
HETATM 1194 C C7  . 4BL D 4 .   ? 2.257   8.798   -5.930  1.00 86.41 ? 166 4BL A C7  1 
HETATM 1195 O O8  . 4BL D 4 .   ? -0.924  12.422  -3.546  1.00 90.34 ? 166 4BL A O8  1 
HETATM 1196 C C9  . 4BL D 4 .   ? 0.097   8.344   -7.727  1.00 87.40 ? 166 4BL A C9  1 
HETATM 1197 O O10 . 4BL D 4 .   ? -2.611  12.108  -4.901  1.00 89.24 ? 166 4BL A O10 1 
HETATM 1198 C C11 . 4BL D 4 .   ? 2.358   7.867   -6.961  1.00 85.52 ? 166 4BL A C11 1 
HETATM 1199 C C12 . 4BL D 4 .   ? 1.297   7.647   -7.842  1.00 87.33 ? 166 4BL A C12 1 
HETATM 1200 C C13 . 4BL D 4 .   ? 3.635   7.085   -7.131  1.00 85.08 ? 166 4BL A C13 1 
HETATM 1201 O O   . HOH E 5 .   ? -6.997  6.733   -2.985  1.00 33.72 ? 167 HOH A O   1 
HETATM 1202 O O   . HOH E 5 .   ? -7.440  -0.559  -9.627  1.00 36.49 ? 168 HOH A O   1 
HETATM 1203 O O   . HOH E 5 .   ? -0.975  -14.923 6.333   1.00 39.85 ? 169 HOH A O   1 
HETATM 1204 O O   . HOH E 5 .   ? -10.118 0.177   -6.210  1.00 36.91 ? 170 HOH A O   1 
HETATM 1205 O O   . HOH E 5 .   ? -7.871  -8.621  -5.189  1.00 53.22 ? 171 HOH A O   1 
HETATM 1206 O O   . HOH E 5 .   ? -10.865 -7.643  2.696   1.00 48.27 ? 172 HOH A O   1 
HETATM 1207 O O   . HOH E 5 .   ? 4.181   10.917  16.413  1.00 54.51 ? 173 HOH A O   1 
HETATM 1208 O O   . HOH E 5 .   ? 7.710   -10.546 14.130  1.00 45.14 ? 174 HOH A O   1 
HETATM 1209 O O   . HOH E 5 .   ? -4.692  14.140  -5.071  1.00 60.83 ? 175 HOH A O   1 
HETATM 1210 O O   . HOH E 5 .   ? 13.522  -0.597  -10.236 1.00 45.54 ? 176 HOH A O   1 
HETATM 1211 O O   . HOH E 5 .   ? 4.434   -9.994  -4.716  1.00 31.99 ? 177 HOH A O   1 
HETATM 1212 O O   . HOH E 5 .   ? -6.222  9.945   5.719   1.00 38.77 ? 178 HOH A O   1 
HETATM 1213 O O   . HOH E 5 .   ? -3.737  15.242  10.249  1.00 35.35 ? 179 HOH A O   1 
HETATM 1214 O O   . HOH E 5 .   ? -9.660  6.145   10.175  1.00 47.91 ? 180 HOH A O   1 
HETATM 1215 O O   . HOH E 5 .   ? -7.937  -7.235  -7.454  1.00 48.38 ? 181 HOH A O   1 
HETATM 1216 O O   . HOH E 5 .   ? -17.388 4.225   -6.441  1.00 46.75 ? 182 HOH A O   1 
HETATM 1217 O O   . HOH E 5 .   ? -5.366  -8.725  -1.738  1.00 33.74 ? 183 HOH A O   1 
HETATM 1218 O O   . HOH E 5 .   ? 1.148   -11.367 -0.850  1.00 48.64 ? 184 HOH A O   1 
HETATM 1219 O O   . HOH E 5 .   ? -1.080  -12.409 5.349   1.00 33.32 ? 185 HOH A O   1 
HETATM 1220 O O   . HOH E 5 .   ? -2.188  -18.508 10.123  1.00 36.20 ? 186 HOH A O   1 
HETATM 1221 O O   . HOH E 5 .   ? -17.217 2.998   -1.654  1.00 54.67 ? 187 HOH A O   1 
HETATM 1222 O O   . HOH E 5 .   ? 4.674   -20.526 7.351   1.00 47.77 ? 188 HOH A O   1 
HETATM 1223 O O   . HOH E 5 .   ? -15.308 5.551   -4.252  1.00 38.81 ? 189 HOH A O   1 
HETATM 1224 O O   . HOH E 5 .   ? -8.608  -5.593  12.831  1.00 47.50 ? 190 HOH A O   1 
HETATM 1225 O O   . HOH E 5 .   ? -1.661  0.093   14.291  1.00 55.53 ? 191 HOH A O   1 
HETATM 1226 O O   . HOH E 5 .   ? 9.988   8.010   6.307   1.00 55.93 ? 192 HOH A O   1 
HETATM 1227 O O   . HOH E 5 .   ? 13.718  -19.608 -3.481  1.00 68.25 ? 193 HOH A O   1 
HETATM 1228 O O   . HOH E 5 .   ? 6.767   -1.054  -17.712 1.00 45.50 ? 194 HOH A O   1 
HETATM 1229 O O   . HOH E 5 .   ? 1.536   14.852  -0.457  1.00 44.60 ? 195 HOH A O   1 
HETATM 1230 O O   . HOH E 5 .   ? -7.271  21.495  8.282   1.00 50.80 ? 196 HOH A O   1 
HETATM 1231 O O   . HOH E 5 .   ? 15.002  -3.769  -3.186  1.00 64.08 ? 197 HOH A O   1 
HETATM 1232 O O   . HOH E 5 .   ? -14.580 9.585   -1.275  1.00 33.16 ? 198 HOH A O   1 
HETATM 1233 O O   . HOH E 5 .   ? -16.105 7.364   6.813   1.00 42.50 ? 199 HOH A O   1 
HETATM 1234 O O   . HOH E 5 .   ? -0.746  -17.177 13.000  1.00 45.41 ? 200 HOH A O   1 
HETATM 1235 O O   . HOH E 5 .   ? 6.530   -18.614 -7.082  1.00 67.48 ? 201 HOH A O   1 
HETATM 1236 O O   . HOH E 5 .   ? -2.385  7.342   14.185  1.00 43.62 ? 202 HOH A O   1 
HETATM 1237 O O   . HOH E 5 .   ? -6.675  8.327   7.918   1.00 37.96 ? 203 HOH A O   1 
HETATM 1238 O O   . HOH E 5 .   ? 9.265   -0.056  -3.068  1.00 48.18 ? 204 HOH A O   1 
HETATM 1239 O O   . HOH E 5 .   ? -5.677  11.457  12.189  1.00 42.97 ? 205 HOH A O   1 
HETATM 1240 O O   . HOH E 5 .   ? 7.780   -22.262 16.542  1.00 58.82 ? 206 HOH A O   1 
HETATM 1241 O O   . HOH E 5 .   ? 0.192   -12.226 -11.829 1.00 39.97 ? 207 HOH A O   1 
HETATM 1242 O O   . HOH E 5 .   ? 7.670   -22.797 10.746  1.00 56.61 ? 208 HOH A O   1 
HETATM 1243 O O   . HOH E 5 .   ? -5.307  3.287   13.702  1.00 48.75 ? 209 HOH A O   1 
HETATM 1244 O O   . HOH E 5 .   ? 10.427  8.743   -0.269  1.00 52.12 ? 210 HOH A O   1 
HETATM 1245 O O   . HOH E 5 .   ? 15.302  -7.585  -5.041  1.00 51.18 ? 211 HOH A O   1 
HETATM 1246 O O   . HOH E 5 .   ? -11.021 9.690   10.562  1.00 51.58 ? 212 HOH A O   1 
HETATM 1247 O O   . HOH E 5 .   ? 9.361   -4.105  -8.970  1.00 41.92 ? 213 HOH A O   1 
HETATM 1248 O O   . HOH E 5 .   ? -8.713  13.266  7.688   1.00 57.35 ? 214 HOH A O   1 
HETATM 1249 O O   . HOH E 5 .   ? 6.458   -22.722 3.932   1.00 49.43 ? 215 HOH A O   1 
HETATM 1250 O O   . HOH E 5 .   ? -6.455  2.827   11.214  1.00 37.73 ? 216 HOH A O   1 
HETATM 1251 O O   . HOH E 5 .   ? 1.400   -3.495  8.180   1.00 44.34 ? 217 HOH A O   1 
HETATM 1252 O O   . HOH E 5 .   ? -3.810  -15.553 2.388   1.00 45.58 ? 218 HOH A O   1 
HETATM 1253 O O   . HOH E 5 .   ? -10.104 -1.228  -10.286 1.00 47.36 ? 219 HOH A O   1 
HETATM 1254 O O   . HOH E 5 .   ? -8.178  8.849   -10.224 1.00 50.41 ? 220 HOH A O   1 
HETATM 1255 O O   . HOH E 5 .   ? 6.167   9.151   3.823   1.00 37.89 ? 221 HOH A O   1 
HETATM 1256 O O   . HOH E 5 .   ? -8.188  9.551   9.968   1.00 34.39 ? 222 HOH A O   1 
HETATM 1257 O O   . HOH E 5 .   ? -6.583  13.249  6.642   1.00 41.83 ? 223 HOH A O   1 
HETATM 1258 O O   . HOH E 5 .   ? -4.172  5.172   15.118  1.00 45.79 ? 224 HOH A O   1 
HETATM 1259 O O   . HOH E 5 .   ? -16.823 -0.200  -1.334  1.00 54.06 ? 225 HOH A O   1 
HETATM 1260 O O   . HOH E 5 .   ? -10.713 -4.118  -9.056  1.00 47.21 ? 226 HOH A O   1 
HETATM 1261 O O   . HOH E 5 .   ? 0.051   4.489   -19.837 1.00 54.36 ? 227 HOH A O   1 
HETATM 1262 O O   . HOH E 5 .   ? -14.905 2.236   7.916   1.00 62.09 ? 228 HOH A O   1 
HETATM 1263 O O   . HOH E 5 .   ? -0.834  -4.267  9.764   1.00 49.02 ? 229 HOH A O   1 
HETATM 1264 O O   . HOH E 5 .   ? -8.242  4.567   11.581  1.00 51.03 ? 230 HOH A O   1 
HETATM 1265 O O   . HOH E 5 .   ? 2.084   -10.807 -12.740 1.00 61.49 ? 231 HOH A O   1 
HETATM 1266 O O   . HOH E 5 .   ? -16.363 7.894   -2.861  1.00 27.04 ? 232 HOH A O   1 
HETATM 1267 O O   . HOH E 5 .   ? 8.127   11.015  -11.084 1.00 54.00 ? 233 HOH A O   1 
HETATM 1268 O O   . HOH E 5 .   ? 4.825   -0.866  10.203  1.00 60.72 ? 234 HOH A O   1 
HETATM 1269 O O   . HOH E 5 .   ? -14.477 -1.329  10.335  1.00 59.18 ? 235 HOH A O   1 
HETATM 1270 O O   . HOH E 5 .   ? -3.623  -3.388  -17.235 1.00 56.81 ? 236 HOH A O   1 
HETATM 1271 O O   . HOH E 5 .   ? 4.390   -8.648  -2.327  1.00 34.47 ? 237 HOH A O   1 
HETATM 1272 O O   . HOH E 5 .   ? -4.803  14.962  12.342  1.00 40.94 ? 238 HOH A O   1 
HETATM 1273 O O   . HOH E 5 .   ? 1.419   -8.977  -1.760  1.00 56.13 ? 239 HOH A O   1 
HETATM 1274 O O   . HOH E 5 .   ? -8.787  1.208   11.080  1.00 60.17 ? 240 HOH A O   1 
HETATM 1275 O O   . HOH E 5 .   ? -1.720  -9.940  -1.020  1.00 45.61 ? 241 HOH A O   1 
HETATM 1276 O O   . HOH E 5 .   ? -9.721  20.905  6.475   1.00 47.19 ? 242 HOH A O   1 
HETATM 1277 O O   . HOH E 5 .   ? 4.762   -5.978  6.301   1.00 46.59 ? 243 HOH A O   1 
HETATM 1278 O O   . HOH E 5 .   ? 2.765   -9.532  9.366   1.00 44.13 ? 244 HOH A O   1 
HETATM 1279 O O   . HOH E 5 .   ? 15.090  -10.594 -1.839  1.00 54.49 ? 245 HOH A O   1 
HETATM 1280 O O   . HOH E 5 .   ? 8.770   8.957   -3.651  1.00 55.17 ? 246 HOH A O   1 
HETATM 1281 O O   . HOH E 5 .   ? -0.722  -17.148 -1.599  0.50 30.00 ? 247 HOH A O   1 
# 
loop_
_pdbx_poly_seq_scheme.asym_id 
_pdbx_poly_seq_scheme.entity_id 
_pdbx_poly_seq_scheme.seq_id 
_pdbx_poly_seq_scheme.mon_id 
_pdbx_poly_seq_scheme.ndb_seq_num 
_pdbx_poly_seq_scheme.pdb_seq_num 
_pdbx_poly_seq_scheme.auth_seq_num 
_pdbx_poly_seq_scheme.pdb_mon_id 
_pdbx_poly_seq_scheme.auth_mon_id 
_pdbx_poly_seq_scheme.pdb_strand_id 
_pdbx_poly_seq_scheme.pdb_ins_code 
_pdbx_poly_seq_scheme.hetero 
A 1 1   GLY 1   -3  ?   ?   ?   A . n 
A 1 2   SER 2   -2  ?   ?   ?   A . n 
A 1 3   HIS 3   -1  ?   ?   ?   A . n 
A 1 4   GLY 4   0   ?   ?   ?   A . n 
A 1 5   MET 5   1   ?   ?   ?   A . n 
A 1 6   ALA 6   2   ?   ?   ?   A . n 
A 1 7   ASP 7   3   ?   ?   ?   A . n 
A 1 8   GLU 8   4   ?   ?   ?   A . n 
A 1 9   GLU 9   5   ?   ?   ?   A . n 
A 1 10  LYS 10  6   ?   ?   ?   A . n 
A 1 11  LEU 11  7   7   LEU LEU A . n 
A 1 12  PRO 12  8   8   PRO PRO A . n 
A 1 13  PRO 13  9   9   PRO PRO A . n 
A 1 14  GLY 14  10  10  GLY GLY A . n 
A 1 15  TRP 15  11  11  TRP TRP A . n 
A 1 16  GLU 16  12  12  GLU GLU A . n 
A 1 17  LYS 17  13  13  LYS LYS A . n 
A 1 18  ALA 18  14  14  ALA ALA A . n 
A 1 19  MET 19  15  15  MET MET A . n 
A 1 20  SER 20  16  16  SER SER A . n 
A 1 21  ARG 21  17  17  ARG ARG A . n 
A 1 22  SER 22  18  18  SER SER A . n 
A 1 23  SER 23  19  19  SER SER A . n 
A 1 24  GLY 24  20  20  GLY GLY A . n 
A 1 25  ARG 25  21  21  ARG ARG A . n 
A 1 26  VAL 26  22  22  VAL VAL A . n 
A 1 27  TYR 27  23  23  TYR TYR A . n 
A 1 28  TYR 28  24  24  TYR TYR A . n 
A 1 29  PHE 29  25  25  PHE PHE A . n 
A 1 30  ASN 30  26  26  ASN ASN A . n 
A 1 31  HIS 31  27  27  HIS HIS A . n 
A 1 32  ILE 32  28  28  ILE ILE A . n 
A 1 33  THR 33  29  29  THR THR A . n 
A 1 34  ASN 34  30  30  ASN ASN A . n 
A 1 35  ALA 35  31  31  ALA ALA A . n 
A 1 36  SER 36  32  32  SER SER A . n 
A 1 37  GLN 37  33  33  GLN GLN A . n 
A 1 38  TRP 38  34  34  TRP TRP A . n 
A 1 39  GLU 39  35  35  GLU GLU A . n 
A 1 40  ARG 40  36  36  ARG ARG A . n 
A 1 41  PRO 41  37  37  PRO PRO A . n 
A 1 42  SER 42  38  38  SER SER A . n 
A 1 43  GLY 43  39  ?   ?   ?   A . n 
A 1 44  ASN 44  40  ?   ?   ?   A . n 
A 1 45  SER 45  41  ?   ?   ?   A . n 
A 1 46  SER 46  42  ?   ?   ?   A . n 
A 1 47  SER 47  43  ?   ?   ?   A . n 
A 1 48  GLY 48  44  ?   ?   ?   A . n 
A 1 49  GLY 49  45  ?   ?   ?   A . n 
A 1 50  LYS 50  46  ?   ?   ?   A . n 
A 1 51  ASN 51  47  ?   ?   ?   A . n 
A 1 52  GLY 52  48  ?   ?   ?   A . n 
A 1 53  GLN 53  49  ?   ?   ?   A . n 
A 1 54  GLY 54  50  ?   ?   ?   A . n 
A 1 55  GLU 55  51  51  GLU GLU A . n 
A 1 56  PRO 56  52  52  PRO PRO A . n 
A 1 57  ALA 57  53  53  ALA ALA A . n 
A 1 58  ARG 58  54  54  ARG ARG A . n 
A 1 59  VAL 59  55  55  VAL VAL A . n 
A 1 60  ARG 60  56  56  ARG ARG A . n 
A 1 61  CYS 61  57  57  CYS CYS A . n 
A 1 62  SER 62  58  58  SER SER A . n 
A 1 63  HIS 63  59  59  HIS HIS A . n 
A 1 64  LEU 64  60  60  LEU LEU A . n 
A 1 65  LEU 65  61  61  LEU LEU A . n 
A 1 66  VAL 66  62  62  VAL VAL A . n 
A 1 67  LYS 67  63  63  LYS LYS A . n 
A 1 68  HIS 68  64  64  HIS HIS A . n 
A 1 69  SER 69  65  65  SER SER A . n 
A 1 70  GLN 70  66  66  GLN GLN A . n 
A 1 71  SER 71  67  67  SER SER A . n 
A 1 72  ARG 72  68  68  ARG ARG A . n 
A 1 73  ARG 73  69  69  ARG ARG A . n 
A 1 74  PRO 74  70  70  PRO PRO A . n 
A 1 75  SER 75  71  71  SER SER A . n 
A 1 76  SER 76  72  72  SER SER A . n 
A 1 77  TRP 77  73  73  TRP TRP A . n 
A 1 78  ARG 78  74  74  ARG ARG A . n 
A 1 79  GLN 79  75  75  GLN GLN A . n 
A 1 80  GLU 80  76  76  GLU GLU A . n 
A 1 81  LYS 81  77  77  LYS LYS A . n 
A 1 82  ILE 82  78  78  ILE ILE A . n 
A 1 83  THR 83  79  79  THR THR A . n 
A 1 84  ARG 84  80  80  ARG ARG A . n 
A 1 85  THR 85  81  81  THR THR A . n 
A 1 86  LYS 86  82  82  LYS LYS A . n 
A 1 87  GLU 87  83  83  GLU GLU A . n 
A 1 88  GLU 88  84  84  GLU GLU A . n 
A 1 89  ALA 89  85  85  ALA ALA A . n 
A 1 90  LEU 90  86  86  LEU LEU A . n 
A 1 91  GLU 91  87  87  GLU GLU A . n 
A 1 92  LEU 92  88  88  LEU LEU A . n 
A 1 93  ILE 93  89  89  ILE ILE A . n 
A 1 94  ASN 94  90  90  ASN ASN A . n 
A 1 95  GLY 95  91  91  GLY GLY A . n 
A 1 96  TYR 96  92  92  TYR TYR A . n 
A 1 97  ILE 97  93  93  ILE ILE A . n 
A 1 98  GLN 98  94  94  GLN GLN A . n 
A 1 99  LYS 99  95  95  LYS LYS A . n 
A 1 100 ILE 100 96  96  ILE ILE A . n 
A 1 101 LYS 101 97  97  LYS LYS A . n 
A 1 102 SER 102 98  98  SER SER A . n 
A 1 103 GLY 103 99  99  GLY GLY A . n 
A 1 104 GLU 104 100 100 GLU GLU A . n 
A 1 105 GLU 105 101 101 GLU GLU A . n 
A 1 106 ASP 106 102 102 ASP ASP A . n 
A 1 107 PHE 107 103 103 PHE PHE A . n 
A 1 108 GLU 108 104 104 GLU GLU A . n 
A 1 109 SER 109 105 105 SER SER A . n 
A 1 110 LEU 110 106 106 LEU LEU A . n 
A 1 111 ALA 111 107 107 ALA ALA A . n 
A 1 112 SER 112 108 108 SER SER A . n 
A 1 113 GLN 113 109 109 GLN GLN A . n 
A 1 114 PHE 114 110 110 PHE PHE A . n 
A 1 115 SER 115 111 111 SER SER A . n 
A 1 116 ASP 116 112 112 ASP ASP A . n 
A 1 117 CYS 117 113 113 CYS CYS A . n 
A 1 118 SER 118 114 114 SER SER A . n 
A 1 119 SER 119 115 115 SER SER A . n 
A 1 120 ALA 120 116 116 ALA ALA A . n 
A 1 121 LYS 121 117 117 LYS LYS A . n 
A 1 122 ALA 122 118 118 ALA ALA A . n 
A 1 123 ARG 123 119 119 ARG ARG A . n 
A 1 124 GLY 124 120 120 GLY GLY A . n 
A 1 125 ASP 125 121 121 ASP ASP A . n 
A 1 126 LEU 126 122 122 LEU LEU A . n 
A 1 127 GLY 127 123 123 GLY GLY A . n 
A 1 128 ALA 128 124 124 ALA ALA A . n 
A 1 129 PHE 129 125 125 PHE PHE A . n 
A 1 130 SER 130 126 126 SER SER A . n 
A 1 131 ARG 131 127 127 ARG ARG A . n 
A 1 132 GLY 132 128 128 GLY GLY A . n 
A 1 133 GLN 133 129 129 GLN GLN A . n 
A 1 134 MET 134 130 130 MET MET A . n 
A 1 135 GLN 135 131 131 GLN GLN A . n 
A 1 136 LYS 136 132 132 LYS LYS A . n 
A 1 137 PRO 137 133 133 PRO PRO A . n 
A 1 138 PHE 138 134 134 PHE PHE A . n 
A 1 139 GLU 139 135 135 GLU GLU A . n 
A 1 140 ASP 140 136 136 ASP ASP A . n 
A 1 141 ALA 141 137 137 ALA ALA A . n 
A 1 142 SER 142 138 138 SER SER A . n 
A 1 143 PHE 143 139 139 PHE PHE A . n 
A 1 144 ALA 144 140 140 ALA ALA A . n 
A 1 145 LEU 145 141 141 LEU LEU A . n 
A 1 146 ARG 146 142 142 ARG ARG A . n 
A 1 147 THR 147 143 143 THR THR A . n 
A 1 148 GLY 148 144 144 GLY GLY A . n 
A 1 149 GLU 149 145 145 GLU GLU A . n 
A 1 150 MET 150 146 146 MET MET A . n 
A 1 151 SER 151 147 147 SER SER A . n 
A 1 152 GLY 152 148 148 GLY GLY A . n 
A 1 153 PRO 153 149 149 PRO PRO A . n 
A 1 154 VAL 154 150 150 VAL VAL A . n 
A 1 155 PHE 155 151 151 PHE PHE A . n 
A 1 156 THR 156 152 152 THR THR A . n 
A 1 157 ASP 157 153 153 ASP ASP A . n 
A 1 158 SER 158 154 154 SER SER A . n 
A 1 159 GLY 159 155 155 GLY GLY A . n 
A 1 160 ILE 160 156 156 ILE ILE A . n 
A 1 161 HIS 161 157 157 HIS HIS A . n 
A 1 162 ILE 162 158 158 ILE ILE A . n 
A 1 163 ILE 163 159 159 ILE ILE A . n 
A 1 164 LEU 164 160 160 LEU LEU A . n 
A 1 165 ARG 165 161 161 ARG ARG A . n 
A 1 166 THR 166 162 162 THR THR A . n 
A 1 167 GLU 167 163 163 GLU GLU A . n 
# 
loop_
_pdbx_nonpoly_scheme.asym_id 
_pdbx_nonpoly_scheme.entity_id 
_pdbx_nonpoly_scheme.mon_id 
_pdbx_nonpoly_scheme.ndb_seq_num 
_pdbx_nonpoly_scheme.pdb_seq_num 
_pdbx_nonpoly_scheme.auth_seq_num 
_pdbx_nonpoly_scheme.pdb_mon_id 
_pdbx_nonpoly_scheme.auth_mon_id 
_pdbx_nonpoly_scheme.pdb_strand_id 
_pdbx_nonpoly_scheme.pdb_ins_code 
B 2 12P 1  164 1   12P 12P A . 
C 3 SO4 1  165 1   SO4 SO4 A . 
D 4 4BL 1  166 1   4BL 4BL A . 
E 5 HOH 1  167 2   HOH HOH A . 
E 5 HOH 2  168 4   HOH HOH A . 
E 5 HOH 3  169 8   HOH HOH A . 
E 5 HOH 4  170 9   HOH HOH A . 
E 5 HOH 5  171 10  HOH HOH A . 
E 5 HOH 6  172 13  HOH HOH A . 
E 5 HOH 7  173 14  HOH HOH A . 
E 5 HOH 8  174 15  HOH HOH A . 
E 5 HOH 9  175 18  HOH HOH A . 
E 5 HOH 10 176 19  HOH HOH A . 
E 5 HOH 11 177 22  HOH HOH A . 
E 5 HOH 12 178 23  HOH HOH A . 
E 5 HOH 13 179 26  HOH HOH A . 
E 5 HOH 14 180 27  HOH HOH A . 
E 5 HOH 15 181 28  HOH HOH A . 
E 5 HOH 16 182 29  HOH HOH A . 
E 5 HOH 17 183 30  HOH HOH A . 
E 5 HOH 18 184 32  HOH HOH A . 
E 5 HOH 19 185 33  HOH HOH A . 
E 5 HOH 20 186 34  HOH HOH A . 
E 5 HOH 21 187 36  HOH HOH A . 
E 5 HOH 22 188 38  HOH HOH A . 
E 5 HOH 23 189 39  HOH HOH A . 
E 5 HOH 24 190 41  HOH HOH A . 
E 5 HOH 25 191 44  HOH HOH A . 
E 5 HOH 26 192 45  HOH HOH A . 
E 5 HOH 27 193 47  HOH HOH A . 
E 5 HOH 28 194 48  HOH HOH A . 
E 5 HOH 29 195 49  HOH HOH A . 
E 5 HOH 30 196 51  HOH HOH A . 
E 5 HOH 31 197 52  HOH HOH A . 
E 5 HOH 32 198 53  HOH HOH A . 
E 5 HOH 33 199 54  HOH HOH A . 
E 5 HOH 34 200 56  HOH HOH A . 
E 5 HOH 35 201 59  HOH HOH A . 
E 5 HOH 36 202 60  HOH HOH A . 
E 5 HOH 37 203 61  HOH HOH A . 
E 5 HOH 38 204 64  HOH HOH A . 
E 5 HOH 39 205 67  HOH HOH A . 
E 5 HOH 40 206 68  HOH HOH A . 
E 5 HOH 41 207 69  HOH HOH A . 
E 5 HOH 42 208 70  HOH HOH A . 
E 5 HOH 43 209 71  HOH HOH A . 
E 5 HOH 44 210 72  HOH HOH A . 
E 5 HOH 45 211 73  HOH HOH A . 
E 5 HOH 46 212 74  HOH HOH A . 
E 5 HOH 47 213 75  HOH HOH A . 
E 5 HOH 48 214 77  HOH HOH A . 
E 5 HOH 49 215 80  HOH HOH A . 
E 5 HOH 50 216 81  HOH HOH A . 
E 5 HOH 51 217 82  HOH HOH A . 
E 5 HOH 52 218 83  HOH HOH A . 
E 5 HOH 53 219 84  HOH HOH A . 
E 5 HOH 54 220 85  HOH HOH A . 
E 5 HOH 55 221 87  HOH HOH A . 
E 5 HOH 56 222 89  HOH HOH A . 
E 5 HOH 57 223 91  HOH HOH A . 
E 5 HOH 58 224 92  HOH HOH A . 
E 5 HOH 59 225 96  HOH HOH A . 
E 5 HOH 60 226 98  HOH HOH A . 
E 5 HOH 61 227 102 HOH HOH A . 
E 5 HOH 62 228 103 HOH HOH A . 
E 5 HOH 63 229 104 HOH HOH A . 
E 5 HOH 64 230 113 HOH HOH A . 
E 5 HOH 65 231 117 HOH HOH A . 
E 5 HOH 66 232 118 HOH HOH A . 
E 5 HOH 67 233 119 HOH HOH A . 
E 5 HOH 68 234 125 HOH HOH A . 
E 5 HOH 69 235 126 HOH HOH A . 
E 5 HOH 70 236 127 HOH HOH A . 
E 5 HOH 71 237 128 HOH HOH A . 
E 5 HOH 72 238 129 HOH HOH A . 
E 5 HOH 73 239 131 HOH HOH A . 
E 5 HOH 74 240 132 HOH HOH A . 
E 5 HOH 75 241 133 HOH HOH A . 
E 5 HOH 76 242 134 HOH HOH A . 
E 5 HOH 77 243 135 HOH HOH A . 
E 5 HOH 78 244 136 HOH HOH A . 
E 5 HOH 79 245 137 HOH HOH A . 
E 5 HOH 80 246 138 HOH HOH A . 
E 5 HOH 81 247 139 HOH HOH A . 
# 
_pdbx_struct_assembly.id                   1 
_pdbx_struct_assembly.details              author_and_software_defined_assembly 
_pdbx_struct_assembly.method_details       PISA 
_pdbx_struct_assembly.oligomeric_details   monomeric 
_pdbx_struct_assembly.oligomeric_count     1 
# 
_pdbx_struct_assembly_gen.assembly_id       1 
_pdbx_struct_assembly_gen.oper_expression   1 
_pdbx_struct_assembly_gen.asym_id_list      A,B,C,D,E 
# 
_pdbx_struct_oper_list.id                   1 
_pdbx_struct_oper_list.type                 'identity operation' 
_pdbx_struct_oper_list.name                 1_555 
_pdbx_struct_oper_list.symmetry_operation   x,y,z 
_pdbx_struct_oper_list.matrix[1][1]         1.0000000000 
_pdbx_struct_oper_list.matrix[1][2]         0.0000000000 
_pdbx_struct_oper_list.matrix[1][3]         0.0000000000 
_pdbx_struct_oper_list.vector[1]            0.0000000000 
_pdbx_struct_oper_list.matrix[2][1]         0.0000000000 
_pdbx_struct_oper_list.matrix[2][2]         1.0000000000 
_pdbx_struct_oper_list.matrix[2][3]         0.0000000000 
_pdbx_struct_oper_list.vector[2]            0.0000000000 
_pdbx_struct_oper_list.matrix[3][1]         0.0000000000 
_pdbx_struct_oper_list.matrix[3][2]         0.0000000000 
_pdbx_struct_oper_list.matrix[3][3]         1.0000000000 
_pdbx_struct_oper_list.vector[3]            0.0000000000 
# 
_pdbx_struct_special_symmetry.id              1 
_pdbx_struct_special_symmetry.PDB_model_num   1 
_pdbx_struct_special_symmetry.auth_asym_id    A 
_pdbx_struct_special_symmetry.auth_comp_id    HOH 
_pdbx_struct_special_symmetry.auth_seq_id     247 
_pdbx_struct_special_symmetry.PDB_ins_code    ? 
_pdbx_struct_special_symmetry.label_asym_id   E 
_pdbx_struct_special_symmetry.label_comp_id   HOH 
_pdbx_struct_special_symmetry.label_seq_id    . 
# 
loop_
_pdbx_audit_revision_history.ordinal 
_pdbx_audit_revision_history.data_content_type 
_pdbx_audit_revision_history.major_revision 
_pdbx_audit_revision_history.minor_revision 
_pdbx_audit_revision_history.revision_date 
1 'Structure model' 1 0 2009-12-22 
2 'Structure model' 1 1 2011-07-13 
3 'Structure model' 1 2 2021-11-10 
4 'Structure model' 1 3 2023-11-01 
# 
_pdbx_audit_revision_details.ordinal             1 
_pdbx_audit_revision_details.revision_ordinal    1 
_pdbx_audit_revision_details.data_content_type   'Structure model' 
_pdbx_audit_revision_details.provider            repository 
_pdbx_audit_revision_details.type                'Initial release' 
_pdbx_audit_revision_details.description         ? 
_pdbx_audit_revision_details.details             ? 
# 
loop_
_pdbx_audit_revision_group.ordinal 
_pdbx_audit_revision_group.revision_ordinal 
_pdbx_audit_revision_group.data_content_type 
_pdbx_audit_revision_group.group 
1 2 'Structure model' 'Version format compliance' 
2 3 'Structure model' 'Database references'       
3 3 'Structure model' 'Derived calculations'      
4 4 'Structure model' 'Data collection'           
5 4 'Structure model' 'Refinement description'    
# 
loop_
_pdbx_audit_revision_category.ordinal 
_pdbx_audit_revision_category.revision_ordinal 
_pdbx_audit_revision_category.data_content_type 
_pdbx_audit_revision_category.category 
1 3 'Structure model' database_2                    
2 3 'Structure model' struct_ref_seq_dif            
3 3 'Structure model' struct_site                   
4 4 'Structure model' chem_comp_atom                
5 4 'Structure model' chem_comp_bond                
6 4 'Structure model' pdbx_initial_refinement_model 
# 
loop_
_pdbx_audit_revision_item.ordinal 
_pdbx_audit_revision_item.revision_ordinal 
_pdbx_audit_revision_item.data_content_type 
_pdbx_audit_revision_item.item 
1 3 'Structure model' '_database_2.pdbx_DOI'                
2 3 'Structure model' '_database_2.pdbx_database_accession' 
3 3 'Structure model' '_struct_ref_seq_dif.details'         
4 3 'Structure model' '_struct_site.pdbx_auth_asym_id'      
5 3 'Structure model' '_struct_site.pdbx_auth_comp_id'      
6 3 'Structure model' '_struct_site.pdbx_auth_seq_id'       
# 
loop_
_software.name 
_software.classification 
_software.version 
_software.citation_id 
_software.pdbx_ordinal 
CrystalClear 'data collection' .        ? 1 
AMoRE        phasing           .        ? 2 
REFMAC       refinement        5.5.0072 ? 3 
d*TREK       'data reduction'  .        ? 4 
d*TREK       'data scaling'    .        ? 5 
# 
loop_
_pdbx_validate_rmsd_bond.id 
_pdbx_validate_rmsd_bond.PDB_model_num 
_pdbx_validate_rmsd_bond.auth_atom_id_1 
_pdbx_validate_rmsd_bond.auth_asym_id_1 
_pdbx_validate_rmsd_bond.auth_comp_id_1 
_pdbx_validate_rmsd_bond.auth_seq_id_1 
_pdbx_validate_rmsd_bond.PDB_ins_code_1 
_pdbx_validate_rmsd_bond.label_alt_id_1 
_pdbx_validate_rmsd_bond.auth_atom_id_2 
_pdbx_validate_rmsd_bond.auth_asym_id_2 
_pdbx_validate_rmsd_bond.auth_comp_id_2 
_pdbx_validate_rmsd_bond.auth_seq_id_2 
_pdbx_validate_rmsd_bond.PDB_ins_code_2 
_pdbx_validate_rmsd_bond.label_alt_id_2 
_pdbx_validate_rmsd_bond.bond_value 
_pdbx_validate_rmsd_bond.bond_target_value 
_pdbx_validate_rmsd_bond.bond_deviation 
_pdbx_validate_rmsd_bond.bond_standard_deviation 
_pdbx_validate_rmsd_bond.linker_flag 
1 1 CG A GLU 35 ? ? CD A GLU 35 ? ? 1.632 1.515 0.117 0.015 N 
2 1 CG A GLU 83 ? ? CD A GLU 83 ? ? 1.632 1.515 0.117 0.015 N 
3 1 CG A GLU 87 ? ? CD A GLU 87 ? ? 1.613 1.515 0.098 0.015 N 
# 
_pdbx_validate_rmsd_angle.id                         1 
_pdbx_validate_rmsd_angle.PDB_model_num              1 
_pdbx_validate_rmsd_angle.auth_atom_id_1             NE 
_pdbx_validate_rmsd_angle.auth_asym_id_1             A 
_pdbx_validate_rmsd_angle.auth_comp_id_1             ARG 
_pdbx_validate_rmsd_angle.auth_seq_id_1              119 
_pdbx_validate_rmsd_angle.PDB_ins_code_1             ? 
_pdbx_validate_rmsd_angle.label_alt_id_1             A 
_pdbx_validate_rmsd_angle.auth_atom_id_2             CZ 
_pdbx_validate_rmsd_angle.auth_asym_id_2             A 
_pdbx_validate_rmsd_angle.auth_comp_id_2             ARG 
_pdbx_validate_rmsd_angle.auth_seq_id_2              119 
_pdbx_validate_rmsd_angle.PDB_ins_code_2             ? 
_pdbx_validate_rmsd_angle.label_alt_id_2             A 
_pdbx_validate_rmsd_angle.auth_atom_id_3             NH2 
_pdbx_validate_rmsd_angle.auth_asym_id_3             A 
_pdbx_validate_rmsd_angle.auth_comp_id_3             ARG 
_pdbx_validate_rmsd_angle.auth_seq_id_3              119 
_pdbx_validate_rmsd_angle.PDB_ins_code_3             ? 
_pdbx_validate_rmsd_angle.label_alt_id_3             A 
_pdbx_validate_rmsd_angle.angle_value                116.59 
_pdbx_validate_rmsd_angle.angle_target_value         120.30 
_pdbx_validate_rmsd_angle.angle_deviation            -3.71 
_pdbx_validate_rmsd_angle.angle_standard_deviation   0.50 
_pdbx_validate_rmsd_angle.linker_flag                N 
# 
loop_
_pdbx_validate_torsion.id 
_pdbx_validate_torsion.PDB_model_num 
_pdbx_validate_torsion.auth_comp_id 
_pdbx_validate_torsion.auth_asym_id 
_pdbx_validate_torsion.auth_seq_id 
_pdbx_validate_torsion.PDB_ins_code 
_pdbx_validate_torsion.label_alt_id 
_pdbx_validate_torsion.phi 
_pdbx_validate_torsion.psi 
1 1 PRO A 8   ? ? -44.40  160.88 
2 1 PRO A 70  ? ? -63.97  52.81  
3 1 GLN A 75  ? ? -160.92 118.71 
4 1 ALA A 118 ? ? -107.10 41.41  
# 
loop_
_pdbx_unobs_or_zero_occ_atoms.id 
_pdbx_unobs_or_zero_occ_atoms.PDB_model_num 
_pdbx_unobs_or_zero_occ_atoms.polymer_flag 
_pdbx_unobs_or_zero_occ_atoms.occupancy_flag 
_pdbx_unobs_or_zero_occ_atoms.auth_asym_id 
_pdbx_unobs_or_zero_occ_atoms.auth_comp_id 
_pdbx_unobs_or_zero_occ_atoms.auth_seq_id 
_pdbx_unobs_or_zero_occ_atoms.PDB_ins_code 
_pdbx_unobs_or_zero_occ_atoms.auth_atom_id 
_pdbx_unobs_or_zero_occ_atoms.label_alt_id 
_pdbx_unobs_or_zero_occ_atoms.label_asym_id 
_pdbx_unobs_or_zero_occ_atoms.label_comp_id 
_pdbx_unobs_or_zero_occ_atoms.label_seq_id 
_pdbx_unobs_or_zero_occ_atoms.label_atom_id 
1  1 N 1 A 12P 164 ? O37 ? B 12P 1 O37 
2  1 N 1 A 12P 164 ? C36 ? B 12P 1 C36 
3  1 N 1 A 12P 164 ? C35 ? B 12P 1 C35 
4  1 N 1 A 12P 164 ? O34 ? B 12P 1 O34 
5  1 N 1 A 12P 164 ? C33 ? B 12P 1 C33 
6  1 N 1 A 12P 164 ? C14 ? B 12P 1 C14 
7  1 N 1 A 12P 164 ? O13 ? B 12P 1 O13 
8  1 N 1 A 12P 164 ? C12 ? B 12P 1 C12 
9  1 N 1 A 12P 164 ? C11 ? B 12P 1 C11 
10 1 N 1 A 12P 164 ? O10 ? B 12P 1 O10 
11 1 N 1 A 12P 164 ? C9  ? B 12P 1 C9  
12 1 N 1 A 12P 164 ? C8  ? B 12P 1 C8  
13 1 N 1 A 12P 164 ? O7  ? B 12P 1 O7  
14 1 N 1 A 12P 164 ? C6  ? B 12P 1 C6  
15 1 N 1 A 12P 164 ? C5  ? B 12P 1 C5  
16 1 N 1 A 12P 164 ? O4  ? B 12P 1 O4  
17 1 N 1 A 12P 164 ? C3  ? B 12P 1 C3  
18 1 N 1 A 12P 164 ? C2  ? B 12P 1 C2  
19 1 N 1 A 12P 164 ? O1  ? B 12P 1 O1  
# 
loop_
_pdbx_unobs_or_zero_occ_residues.id 
_pdbx_unobs_or_zero_occ_residues.PDB_model_num 
_pdbx_unobs_or_zero_occ_residues.polymer_flag 
_pdbx_unobs_or_zero_occ_residues.occupancy_flag 
_pdbx_unobs_or_zero_occ_residues.auth_asym_id 
_pdbx_unobs_or_zero_occ_residues.auth_comp_id 
_pdbx_unobs_or_zero_occ_residues.auth_seq_id 
_pdbx_unobs_or_zero_occ_residues.PDB_ins_code 
_pdbx_unobs_or_zero_occ_residues.label_asym_id 
_pdbx_unobs_or_zero_occ_residues.label_comp_id 
_pdbx_unobs_or_zero_occ_residues.label_seq_id 
1  1 Y 1 A GLY -3 ? A GLY 1  
2  1 Y 1 A SER -2 ? A SER 2  
3  1 Y 1 A HIS -1 ? A HIS 3  
4  1 Y 1 A GLY 0  ? A GLY 4  
5  1 Y 1 A MET 1  ? A MET 5  
6  1 Y 1 A ALA 2  ? A ALA 6  
7  1 Y 1 A ASP 3  ? A ASP 7  
8  1 Y 1 A GLU 4  ? A GLU 8  
9  1 Y 1 A GLU 5  ? A GLU 9  
10 1 Y 1 A LYS 6  ? A LYS 10 
11 1 Y 1 A GLY 39 ? A GLY 43 
12 1 Y 1 A ASN 40 ? A ASN 44 
13 1 Y 1 A SER 41 ? A SER 45 
14 1 Y 1 A SER 42 ? A SER 46 
15 1 Y 1 A SER 43 ? A SER 47 
16 1 Y 1 A GLY 44 ? A GLY 48 
17 1 Y 1 A GLY 45 ? A GLY 49 
18 1 Y 1 A LYS 46 ? A LYS 50 
19 1 Y 1 A ASN 47 ? A ASN 51 
20 1 Y 1 A GLY 48 ? A GLY 52 
21 1 Y 1 A GLN 49 ? A GLN 53 
22 1 Y 1 A GLY 50 ? A GLY 54 
# 
loop_
_chem_comp_atom.comp_id 
_chem_comp_atom.atom_id 
_chem_comp_atom.type_symbol 
_chem_comp_atom.pdbx_aromatic_flag 
_chem_comp_atom.pdbx_stereo_config 
_chem_comp_atom.pdbx_ordinal 
12P O37  O N N 1   
12P C36  C N N 2   
12P C35  C N N 3   
12P O34  O N N 4   
12P C33  C N N 5   
12P C32  C N N 6   
12P O31  O N N 7   
12P C30  C N N 8   
12P C29  C N N 9   
12P O28  O N N 10  
12P C27  C N N 11  
12P C26  C N N 12  
12P O25  O N N 13  
12P C24  C N N 14  
12P C23  C N N 15  
12P O22  O N N 16  
12P C21  C N N 17  
12P C20  C N N 18  
12P O19  O N N 19  
12P C18  C N N 20  
12P C17  C N N 21  
12P O16  O N N 22  
12P C15  C N N 23  
12P C14  C N N 24  
12P O13  O N N 25  
12P C12  C N N 26  
12P C11  C N N 27  
12P O10  O N N 28  
12P C9   C N N 29  
12P C8   C N N 30  
12P O7   O N N 31  
12P C6   C N N 32  
12P C5   C N N 33  
12P O4   O N N 34  
12P C3   C N N 35  
12P C2   C N N 36  
12P O1   O N N 37  
12P H37  H N N 38  
12P H361 H N N 39  
12P H362 H N N 40  
12P H351 H N N 41  
12P H352 H N N 42  
12P H331 H N N 43  
12P H332 H N N 44  
12P H321 H N N 45  
12P H322 H N N 46  
12P H301 H N N 47  
12P H302 H N N 48  
12P H291 H N N 49  
12P H292 H N N 50  
12P H271 H N N 51  
12P H272 H N N 52  
12P H261 H N N 53  
12P H262 H N N 54  
12P H241 H N N 55  
12P H242 H N N 56  
12P H231 H N N 57  
12P H232 H N N 58  
12P H211 H N N 59  
12P H212 H N N 60  
12P H201 H N N 61  
12P H202 H N N 62  
12P H181 H N N 63  
12P H182 H N N 64  
12P H171 H N N 65  
12P H172 H N N 66  
12P H151 H N N 67  
12P H152 H N N 68  
12P H141 H N N 69  
12P H142 H N N 70  
12P H121 H N N 71  
12P H122 H N N 72  
12P H111 H N N 73  
12P H112 H N N 74  
12P H91  H N N 75  
12P H92  H N N 76  
12P H81  H N N 77  
12P H82  H N N 78  
12P H61  H N N 79  
12P H62  H N N 80  
12P H51  H N N 81  
12P H52  H N N 82  
12P H31  H N N 83  
12P H32  H N N 84  
12P H21  H N N 85  
12P H22  H N N 86  
12P HO1  H N N 87  
4BL C1   C Y N 88  
4BL N2   N Y N 89  
4BL C3   C Y N 90  
4BL C4   C Y N 91  
4BL C5   C N N 92  
4BL C6   C Y N 93  
4BL C7   C Y N 94  
4BL O8   O N N 95  
4BL C9   C Y N 96  
4BL O10  O N N 97  
4BL C11  C Y N 98  
4BL C12  C Y N 99  
4BL C13  C N N 100 
4BL H3   H N N 101 
4BL H7   H N N 102 
4BL HO8  H N N 103 
4BL H9   H N N 104 
4BL H12  H N N 105 
4BL H13  H N N 106 
4BL H13A H N N 107 
4BL H13B H N N 108 
4BL HN2  H N N 109 
ALA N    N N N 110 
ALA CA   C N S 111 
ALA C    C N N 112 
ALA O    O N N 113 
ALA CB   C N N 114 
ALA OXT  O N N 115 
ALA H    H N N 116 
ALA H2   H N N 117 
ALA HA   H N N 118 
ALA HB1  H N N 119 
ALA HB2  H N N 120 
ALA HB3  H N N 121 
ALA HXT  H N N 122 
ARG N    N N N 123 
ARG CA   C N S 124 
ARG C    C N N 125 
ARG O    O N N 126 
ARG CB   C N N 127 
ARG CG   C N N 128 
ARG CD   C N N 129 
ARG NE   N N N 130 
ARG CZ   C N N 131 
ARG NH1  N N N 132 
ARG NH2  N N N 133 
ARG OXT  O N N 134 
ARG H    H N N 135 
ARG H2   H N N 136 
ARG HA   H N N 137 
ARG HB2  H N N 138 
ARG HB3  H N N 139 
ARG HG2  H N N 140 
ARG HG3  H N N 141 
ARG HD2  H N N 142 
ARG HD3  H N N 143 
ARG HE   H N N 144 
ARG HH11 H N N 145 
ARG HH12 H N N 146 
ARG HH21 H N N 147 
ARG HH22 H N N 148 
ARG HXT  H N N 149 
ASN N    N N N 150 
ASN CA   C N S 151 
ASN C    C N N 152 
ASN O    O N N 153 
ASN CB   C N N 154 
ASN CG   C N N 155 
ASN OD1  O N N 156 
ASN ND2  N N N 157 
ASN OXT  O N N 158 
ASN H    H N N 159 
ASN H2   H N N 160 
ASN HA   H N N 161 
ASN HB2  H N N 162 
ASN HB3  H N N 163 
ASN HD21 H N N 164 
ASN HD22 H N N 165 
ASN HXT  H N N 166 
ASP N    N N N 167 
ASP CA   C N S 168 
ASP C    C N N 169 
ASP O    O N N 170 
ASP CB   C N N 171 
ASP CG   C N N 172 
ASP OD1  O N N 173 
ASP OD2  O N N 174 
ASP OXT  O N N 175 
ASP H    H N N 176 
ASP H2   H N N 177 
ASP HA   H N N 178 
ASP HB2  H N N 179 
ASP HB3  H N N 180 
ASP HD2  H N N 181 
ASP HXT  H N N 182 
CYS N    N N N 183 
CYS CA   C N R 184 
CYS C    C N N 185 
CYS O    O N N 186 
CYS CB   C N N 187 
CYS SG   S N N 188 
CYS OXT  O N N 189 
CYS H    H N N 190 
CYS H2   H N N 191 
CYS HA   H N N 192 
CYS HB2  H N N 193 
CYS HB3  H N N 194 
CYS HG   H N N 195 
CYS HXT  H N N 196 
GLN N    N N N 197 
GLN CA   C N S 198 
GLN C    C N N 199 
GLN O    O N N 200 
GLN CB   C N N 201 
GLN CG   C N N 202 
GLN CD   C N N 203 
GLN OE1  O N N 204 
GLN NE2  N N N 205 
GLN OXT  O N N 206 
GLN H    H N N 207 
GLN H2   H N N 208 
GLN HA   H N N 209 
GLN HB2  H N N 210 
GLN HB3  H N N 211 
GLN HG2  H N N 212 
GLN HG3  H N N 213 
GLN HE21 H N N 214 
GLN HE22 H N N 215 
GLN HXT  H N N 216 
GLU N    N N N 217 
GLU CA   C N S 218 
GLU C    C N N 219 
GLU O    O N N 220 
GLU CB   C N N 221 
GLU CG   C N N 222 
GLU CD   C N N 223 
GLU OE1  O N N 224 
GLU OE2  O N N 225 
GLU OXT  O N N 226 
GLU H    H N N 227 
GLU H2   H N N 228 
GLU HA   H N N 229 
GLU HB2  H N N 230 
GLU HB3  H N N 231 
GLU HG2  H N N 232 
GLU HG3  H N N 233 
GLU HE2  H N N 234 
GLU HXT  H N N 235 
GLY N    N N N 236 
GLY CA   C N N 237 
GLY C    C N N 238 
GLY O    O N N 239 
GLY OXT  O N N 240 
GLY H    H N N 241 
GLY H2   H N N 242 
GLY HA2  H N N 243 
GLY HA3  H N N 244 
GLY HXT  H N N 245 
HIS N    N N N 246 
HIS CA   C N S 247 
HIS C    C N N 248 
HIS O    O N N 249 
HIS CB   C N N 250 
HIS CG   C Y N 251 
HIS ND1  N Y N 252 
HIS CD2  C Y N 253 
HIS CE1  C Y N 254 
HIS NE2  N Y N 255 
HIS OXT  O N N 256 
HIS H    H N N 257 
HIS H2   H N N 258 
HIS HA   H N N 259 
HIS HB2  H N N 260 
HIS HB3  H N N 261 
HIS HD1  H N N 262 
HIS HD2  H N N 263 
HIS HE1  H N N 264 
HIS HE2  H N N 265 
HIS HXT  H N N 266 
HOH O    O N N 267 
HOH H1   H N N 268 
HOH H2   H N N 269 
ILE N    N N N 270 
ILE CA   C N S 271 
ILE C    C N N 272 
ILE O    O N N 273 
ILE CB   C N S 274 
ILE CG1  C N N 275 
ILE CG2  C N N 276 
ILE CD1  C N N 277 
ILE OXT  O N N 278 
ILE H    H N N 279 
ILE H2   H N N 280 
ILE HA   H N N 281 
ILE HB   H N N 282 
ILE HG12 H N N 283 
ILE HG13 H N N 284 
ILE HG21 H N N 285 
ILE HG22 H N N 286 
ILE HG23 H N N 287 
ILE HD11 H N N 288 
ILE HD12 H N N 289 
ILE HD13 H N N 290 
ILE HXT  H N N 291 
LEU N    N N N 292 
LEU CA   C N S 293 
LEU C    C N N 294 
LEU O    O N N 295 
LEU CB   C N N 296 
LEU CG   C N N 297 
LEU CD1  C N N 298 
LEU CD2  C N N 299 
LEU OXT  O N N 300 
LEU H    H N N 301 
LEU H2   H N N 302 
LEU HA   H N N 303 
LEU HB2  H N N 304 
LEU HB3  H N N 305 
LEU HG   H N N 306 
LEU HD11 H N N 307 
LEU HD12 H N N 308 
LEU HD13 H N N 309 
LEU HD21 H N N 310 
LEU HD22 H N N 311 
LEU HD23 H N N 312 
LEU HXT  H N N 313 
LYS N    N N N 314 
LYS CA   C N S 315 
LYS C    C N N 316 
LYS O    O N N 317 
LYS CB   C N N 318 
LYS CG   C N N 319 
LYS CD   C N N 320 
LYS CE   C N N 321 
LYS NZ   N N N 322 
LYS OXT  O N N 323 
LYS H    H N N 324 
LYS H2   H N N 325 
LYS HA   H N N 326 
LYS HB2  H N N 327 
LYS HB3  H N N 328 
LYS HG2  H N N 329 
LYS HG3  H N N 330 
LYS HD2  H N N 331 
LYS HD3  H N N 332 
LYS HE2  H N N 333 
LYS HE3  H N N 334 
LYS HZ1  H N N 335 
LYS HZ2  H N N 336 
LYS HZ3  H N N 337 
LYS HXT  H N N 338 
MET N    N N N 339 
MET CA   C N S 340 
MET C    C N N 341 
MET O    O N N 342 
MET CB   C N N 343 
MET CG   C N N 344 
MET SD   S N N 345 
MET CE   C N N 346 
MET OXT  O N N 347 
MET H    H N N 348 
MET H2   H N N 349 
MET HA   H N N 350 
MET HB2  H N N 351 
MET HB3  H N N 352 
MET HG2  H N N 353 
MET HG3  H N N 354 
MET HE1  H N N 355 
MET HE2  H N N 356 
MET HE3  H N N 357 
MET HXT  H N N 358 
PHE N    N N N 359 
PHE CA   C N S 360 
PHE C    C N N 361 
PHE O    O N N 362 
PHE CB   C N N 363 
PHE CG   C Y N 364 
PHE CD1  C Y N 365 
PHE CD2  C Y N 366 
PHE CE1  C Y N 367 
PHE CE2  C Y N 368 
PHE CZ   C Y N 369 
PHE OXT  O N N 370 
PHE H    H N N 371 
PHE H2   H N N 372 
PHE HA   H N N 373 
PHE HB2  H N N 374 
PHE HB3  H N N 375 
PHE HD1  H N N 376 
PHE HD2  H N N 377 
PHE HE1  H N N 378 
PHE HE2  H N N 379 
PHE HZ   H N N 380 
PHE HXT  H N N 381 
PRO N    N N N 382 
PRO CA   C N S 383 
PRO C    C N N 384 
PRO O    O N N 385 
PRO CB   C N N 386 
PRO CG   C N N 387 
PRO CD   C N N 388 
PRO OXT  O N N 389 
PRO H    H N N 390 
PRO HA   H N N 391 
PRO HB2  H N N 392 
PRO HB3  H N N 393 
PRO HG2  H N N 394 
PRO HG3  H N N 395 
PRO HD2  H N N 396 
PRO HD3  H N N 397 
PRO HXT  H N N 398 
SER N    N N N 399 
SER CA   C N S 400 
SER C    C N N 401 
SER O    O N N 402 
SER CB   C N N 403 
SER OG   O N N 404 
SER OXT  O N N 405 
SER H    H N N 406 
SER H2   H N N 407 
SER HA   H N N 408 
SER HB2  H N N 409 
SER HB3  H N N 410 
SER HG   H N N 411 
SER HXT  H N N 412 
SO4 S    S N N 413 
SO4 O1   O N N 414 
SO4 O2   O N N 415 
SO4 O3   O N N 416 
SO4 O4   O N N 417 
THR N    N N N 418 
THR CA   C N S 419 
THR C    C N N 420 
THR O    O N N 421 
THR CB   C N R 422 
THR OG1  O N N 423 
THR CG2  C N N 424 
THR OXT  O N N 425 
THR H    H N N 426 
THR H2   H N N 427 
THR HA   H N N 428 
THR HB   H N N 429 
THR HG1  H N N 430 
THR HG21 H N N 431 
THR HG22 H N N 432 
THR HG23 H N N 433 
THR HXT  H N N 434 
TRP N    N N N 435 
TRP CA   C N S 436 
TRP C    C N N 437 
TRP O    O N N 438 
TRP CB   C N N 439 
TRP CG   C Y N 440 
TRP CD1  C Y N 441 
TRP CD2  C Y N 442 
TRP NE1  N Y N 443 
TRP CE2  C Y N 444 
TRP CE3  C Y N 445 
TRP CZ2  C Y N 446 
TRP CZ3  C Y N 447 
TRP CH2  C Y N 448 
TRP OXT  O N N 449 
TRP H    H N N 450 
TRP H2   H N N 451 
TRP HA   H N N 452 
TRP HB2  H N N 453 
TRP HB3  H N N 454 
TRP HD1  H N N 455 
TRP HE1  H N N 456 
TRP HE3  H N N 457 
TRP HZ2  H N N 458 
TRP HZ3  H N N 459 
TRP HH2  H N N 460 
TRP HXT  H N N 461 
TYR N    N N N 462 
TYR CA   C N S 463 
TYR C    C N N 464 
TYR O    O N N 465 
TYR CB   C N N 466 
TYR CG   C Y N 467 
TYR CD1  C Y N 468 
TYR CD2  C Y N 469 
TYR CE1  C Y N 470 
TYR CE2  C Y N 471 
TYR CZ   C Y N 472 
TYR OH   O N N 473 
TYR OXT  O N N 474 
TYR H    H N N 475 
TYR H2   H N N 476 
TYR HA   H N N 477 
TYR HB2  H N N 478 
TYR HB3  H N N 479 
TYR HD1  H N N 480 
TYR HD2  H N N 481 
TYR HE1  H N N 482 
TYR HE2  H N N 483 
TYR HH   H N N 484 
TYR HXT  H N N 485 
VAL N    N N N 486 
VAL CA   C N S 487 
VAL C    C N N 488 
VAL O    O N N 489 
VAL CB   C N N 490 
VAL CG1  C N N 491 
VAL CG2  C N N 492 
VAL OXT  O N N 493 
VAL H    H N N 494 
VAL H2   H N N 495 
VAL HA   H N N 496 
VAL HB   H N N 497 
VAL HG11 H N N 498 
VAL HG12 H N N 499 
VAL HG13 H N N 500 
VAL HG21 H N N 501 
VAL HG22 H N N 502 
VAL HG23 H N N 503 
VAL HXT  H N N 504 
# 
loop_
_chem_comp_bond.comp_id 
_chem_comp_bond.atom_id_1 
_chem_comp_bond.atom_id_2 
_chem_comp_bond.value_order 
_chem_comp_bond.pdbx_aromatic_flag 
_chem_comp_bond.pdbx_stereo_config 
_chem_comp_bond.pdbx_ordinal 
12P O37 C36  sing N N 1   
12P O37 H37  sing N N 2   
12P C36 C35  sing N N 3   
12P C36 H361 sing N N 4   
12P C36 H362 sing N N 5   
12P C35 O34  sing N N 6   
12P C35 H351 sing N N 7   
12P C35 H352 sing N N 8   
12P O34 C33  sing N N 9   
12P C33 C32  sing N N 10  
12P C33 H331 sing N N 11  
12P C33 H332 sing N N 12  
12P C32 O31  sing N N 13  
12P C32 H321 sing N N 14  
12P C32 H322 sing N N 15  
12P O31 C30  sing N N 16  
12P C30 C29  sing N N 17  
12P C30 H301 sing N N 18  
12P C30 H302 sing N N 19  
12P C29 O28  sing N N 20  
12P C29 H291 sing N N 21  
12P C29 H292 sing N N 22  
12P O28 C27  sing N N 23  
12P C27 C26  sing N N 24  
12P C27 H271 sing N N 25  
12P C27 H272 sing N N 26  
12P C26 O25  sing N N 27  
12P C26 H261 sing N N 28  
12P C26 H262 sing N N 29  
12P O25 C24  sing N N 30  
12P C24 C23  sing N N 31  
12P C24 H241 sing N N 32  
12P C24 H242 sing N N 33  
12P C23 O22  sing N N 34  
12P C23 H231 sing N N 35  
12P C23 H232 sing N N 36  
12P O22 C21  sing N N 37  
12P C21 C20  sing N N 38  
12P C21 H211 sing N N 39  
12P C21 H212 sing N N 40  
12P C20 O19  sing N N 41  
12P C20 H201 sing N N 42  
12P C20 H202 sing N N 43  
12P O19 C18  sing N N 44  
12P C18 C17  sing N N 45  
12P C18 H181 sing N N 46  
12P C18 H182 sing N N 47  
12P C17 O16  sing N N 48  
12P C17 H171 sing N N 49  
12P C17 H172 sing N N 50  
12P O16 C15  sing N N 51  
12P C15 C14  sing N N 52  
12P C15 H151 sing N N 53  
12P C15 H152 sing N N 54  
12P C14 O13  sing N N 55  
12P C14 H141 sing N N 56  
12P C14 H142 sing N N 57  
12P O13 C12  sing N N 58  
12P C12 C11  sing N N 59  
12P C12 H121 sing N N 60  
12P C12 H122 sing N N 61  
12P C11 O10  sing N N 62  
12P C11 H111 sing N N 63  
12P C11 H112 sing N N 64  
12P O10 C9   sing N N 65  
12P C9  C8   sing N N 66  
12P C9  H91  sing N N 67  
12P C9  H92  sing N N 68  
12P C8  O7   sing N N 69  
12P C8  H81  sing N N 70  
12P C8  H82  sing N N 71  
12P O7  C6   sing N N 72  
12P C6  C5   sing N N 73  
12P C6  H61  sing N N 74  
12P C6  H62  sing N N 75  
12P C5  O4   sing N N 76  
12P C5  H51  sing N N 77  
12P C5  H52  sing N N 78  
12P O4  C3   sing N N 79  
12P C3  C2   sing N N 80  
12P C3  H31  sing N N 81  
12P C3  H32  sing N N 82  
12P C2  O1   sing N N 83  
12P C2  H21  sing N N 84  
12P C2  H22  sing N N 85  
12P O1  HO1  sing N N 86  
4BL C3  C1   doub Y N 87  
4BL C5  C1   sing N N 88  
4BL C1  N2   sing Y N 89  
4BL C4  N2   sing Y N 90  
4BL C3  C6   sing Y N 91  
4BL C3  H3   sing N N 92  
4BL C6  C4   sing Y N 93  
4BL C4  C7   doub Y N 94  
4BL O10 C5   doub N N 95  
4BL C5  O8   sing N N 96  
4BL C9  C6   doub Y N 97  
4BL C11 C7   sing Y N 98  
4BL C7  H7   sing N N 99  
4BL O8  HO8  sing N N 100 
4BL C9  C12  sing Y N 101 
4BL C9  H9   sing N N 102 
4BL C12 C11  doub Y N 103 
4BL C11 C13  sing N N 104 
4BL C12 H12  sing N N 105 
4BL C13 H13  sing N N 106 
4BL C13 H13A sing N N 107 
4BL C13 H13B sing N N 108 
4BL N2  HN2  sing N N 109 
ALA N   CA   sing N N 110 
ALA N   H    sing N N 111 
ALA N   H2   sing N N 112 
ALA CA  C    sing N N 113 
ALA CA  CB   sing N N 114 
ALA CA  HA   sing N N 115 
ALA C   O    doub N N 116 
ALA C   OXT  sing N N 117 
ALA CB  HB1  sing N N 118 
ALA CB  HB2  sing N N 119 
ALA CB  HB3  sing N N 120 
ALA OXT HXT  sing N N 121 
ARG N   CA   sing N N 122 
ARG N   H    sing N N 123 
ARG N   H2   sing N N 124 
ARG CA  C    sing N N 125 
ARG CA  CB   sing N N 126 
ARG CA  HA   sing N N 127 
ARG C   O    doub N N 128 
ARG C   OXT  sing N N 129 
ARG CB  CG   sing N N 130 
ARG CB  HB2  sing N N 131 
ARG CB  HB3  sing N N 132 
ARG CG  CD   sing N N 133 
ARG CG  HG2  sing N N 134 
ARG CG  HG3  sing N N 135 
ARG CD  NE   sing N N 136 
ARG CD  HD2  sing N N 137 
ARG CD  HD3  sing N N 138 
ARG NE  CZ   sing N N 139 
ARG NE  HE   sing N N 140 
ARG CZ  NH1  sing N N 141 
ARG CZ  NH2  doub N N 142 
ARG NH1 HH11 sing N N 143 
ARG NH1 HH12 sing N N 144 
ARG NH2 HH21 sing N N 145 
ARG NH2 HH22 sing N N 146 
ARG OXT HXT  sing N N 147 
ASN N   CA   sing N N 148 
ASN N   H    sing N N 149 
ASN N   H2   sing N N 150 
ASN CA  C    sing N N 151 
ASN CA  CB   sing N N 152 
ASN CA  HA   sing N N 153 
ASN C   O    doub N N 154 
ASN C   OXT  sing N N 155 
ASN CB  CG   sing N N 156 
ASN CB  HB2  sing N N 157 
ASN CB  HB3  sing N N 158 
ASN CG  OD1  doub N N 159 
ASN CG  ND2  sing N N 160 
ASN ND2 HD21 sing N N 161 
ASN ND2 HD22 sing N N 162 
ASN OXT HXT  sing N N 163 
ASP N   CA   sing N N 164 
ASP N   H    sing N N 165 
ASP N   H2   sing N N 166 
ASP CA  C    sing N N 167 
ASP CA  CB   sing N N 168 
ASP CA  HA   sing N N 169 
ASP C   O    doub N N 170 
ASP C   OXT  sing N N 171 
ASP CB  CG   sing N N 172 
ASP CB  HB2  sing N N 173 
ASP CB  HB3  sing N N 174 
ASP CG  OD1  doub N N 175 
ASP CG  OD2  sing N N 176 
ASP OD2 HD2  sing N N 177 
ASP OXT HXT  sing N N 178 
CYS N   CA   sing N N 179 
CYS N   H    sing N N 180 
CYS N   H2   sing N N 181 
CYS CA  C    sing N N 182 
CYS CA  CB   sing N N 183 
CYS CA  HA   sing N N 184 
CYS C   O    doub N N 185 
CYS C   OXT  sing N N 186 
CYS CB  SG   sing N N 187 
CYS CB  HB2  sing N N 188 
CYS CB  HB3  sing N N 189 
CYS SG  HG   sing N N 190 
CYS OXT HXT  sing N N 191 
GLN N   CA   sing N N 192 
GLN N   H    sing N N 193 
GLN N   H2   sing N N 194 
GLN CA  C    sing N N 195 
GLN CA  CB   sing N N 196 
GLN CA  HA   sing N N 197 
GLN C   O    doub N N 198 
GLN C   OXT  sing N N 199 
GLN CB  CG   sing N N 200 
GLN CB  HB2  sing N N 201 
GLN CB  HB3  sing N N 202 
GLN CG  CD   sing N N 203 
GLN CG  HG2  sing N N 204 
GLN CG  HG3  sing N N 205 
GLN CD  OE1  doub N N 206 
GLN CD  NE2  sing N N 207 
GLN NE2 HE21 sing N N 208 
GLN NE2 HE22 sing N N 209 
GLN OXT HXT  sing N N 210 
GLU N   CA   sing N N 211 
GLU N   H    sing N N 212 
GLU N   H2   sing N N 213 
GLU CA  C    sing N N 214 
GLU CA  CB   sing N N 215 
GLU CA  HA   sing N N 216 
GLU C   O    doub N N 217 
GLU C   OXT  sing N N 218 
GLU CB  CG   sing N N 219 
GLU CB  HB2  sing N N 220 
GLU CB  HB3  sing N N 221 
GLU CG  CD   sing N N 222 
GLU CG  HG2  sing N N 223 
GLU CG  HG3  sing N N 224 
GLU CD  OE1  doub N N 225 
GLU CD  OE2  sing N N 226 
GLU OE2 HE2  sing N N 227 
GLU OXT HXT  sing N N 228 
GLY N   CA   sing N N 229 
GLY N   H    sing N N 230 
GLY N   H2   sing N N 231 
GLY CA  C    sing N N 232 
GLY CA  HA2  sing N N 233 
GLY CA  HA3  sing N N 234 
GLY C   O    doub N N 235 
GLY C   OXT  sing N N 236 
GLY OXT HXT  sing N N 237 
HIS N   CA   sing N N 238 
HIS N   H    sing N N 239 
HIS N   H2   sing N N 240 
HIS CA  C    sing N N 241 
HIS CA  CB   sing N N 242 
HIS CA  HA   sing N N 243 
HIS C   O    doub N N 244 
HIS C   OXT  sing N N 245 
HIS CB  CG   sing N N 246 
HIS CB  HB2  sing N N 247 
HIS CB  HB3  sing N N 248 
HIS CG  ND1  sing Y N 249 
HIS CG  CD2  doub Y N 250 
HIS ND1 CE1  doub Y N 251 
HIS ND1 HD1  sing N N 252 
HIS CD2 NE2  sing Y N 253 
HIS CD2 HD2  sing N N 254 
HIS CE1 NE2  sing Y N 255 
HIS CE1 HE1  sing N N 256 
HIS NE2 HE2  sing N N 257 
HIS OXT HXT  sing N N 258 
HOH O   H1   sing N N 259 
HOH O   H2   sing N N 260 
ILE N   CA   sing N N 261 
ILE N   H    sing N N 262 
ILE N   H2   sing N N 263 
ILE CA  C    sing N N 264 
ILE CA  CB   sing N N 265 
ILE CA  HA   sing N N 266 
ILE C   O    doub N N 267 
ILE C   OXT  sing N N 268 
ILE CB  CG1  sing N N 269 
ILE CB  CG2  sing N N 270 
ILE CB  HB   sing N N 271 
ILE CG1 CD1  sing N N 272 
ILE CG1 HG12 sing N N 273 
ILE CG1 HG13 sing N N 274 
ILE CG2 HG21 sing N N 275 
ILE CG2 HG22 sing N N 276 
ILE CG2 HG23 sing N N 277 
ILE CD1 HD11 sing N N 278 
ILE CD1 HD12 sing N N 279 
ILE CD1 HD13 sing N N 280 
ILE OXT HXT  sing N N 281 
LEU N   CA   sing N N 282 
LEU N   H    sing N N 283 
LEU N   H2   sing N N 284 
LEU CA  C    sing N N 285 
LEU CA  CB   sing N N 286 
LEU CA  HA   sing N N 287 
LEU C   O    doub N N 288 
LEU C   OXT  sing N N 289 
LEU CB  CG   sing N N 290 
LEU CB  HB2  sing N N 291 
LEU CB  HB3  sing N N 292 
LEU CG  CD1  sing N N 293 
LEU CG  CD2  sing N N 294 
LEU CG  HG   sing N N 295 
LEU CD1 HD11 sing N N 296 
LEU CD1 HD12 sing N N 297 
LEU CD1 HD13 sing N N 298 
LEU CD2 HD21 sing N N 299 
LEU CD2 HD22 sing N N 300 
LEU CD2 HD23 sing N N 301 
LEU OXT HXT  sing N N 302 
LYS N   CA   sing N N 303 
LYS N   H    sing N N 304 
LYS N   H2   sing N N 305 
LYS CA  C    sing N N 306 
LYS CA  CB   sing N N 307 
LYS CA  HA   sing N N 308 
LYS C   O    doub N N 309 
LYS C   OXT  sing N N 310 
LYS CB  CG   sing N N 311 
LYS CB  HB2  sing N N 312 
LYS CB  HB3  sing N N 313 
LYS CG  CD   sing N N 314 
LYS CG  HG2  sing N N 315 
LYS CG  HG3  sing N N 316 
LYS CD  CE   sing N N 317 
LYS CD  HD2  sing N N 318 
LYS CD  HD3  sing N N 319 
LYS CE  NZ   sing N N 320 
LYS CE  HE2  sing N N 321 
LYS CE  HE3  sing N N 322 
LYS NZ  HZ1  sing N N 323 
LYS NZ  HZ2  sing N N 324 
LYS NZ  HZ3  sing N N 325 
LYS OXT HXT  sing N N 326 
MET N   CA   sing N N 327 
MET N   H    sing N N 328 
MET N   H2   sing N N 329 
MET CA  C    sing N N 330 
MET CA  CB   sing N N 331 
MET CA  HA   sing N N 332 
MET C   O    doub N N 333 
MET C   OXT  sing N N 334 
MET CB  CG   sing N N 335 
MET CB  HB2  sing N N 336 
MET CB  HB3  sing N N 337 
MET CG  SD   sing N N 338 
MET CG  HG2  sing N N 339 
MET CG  HG3  sing N N 340 
MET SD  CE   sing N N 341 
MET CE  HE1  sing N N 342 
MET CE  HE2  sing N N 343 
MET CE  HE3  sing N N 344 
MET OXT HXT  sing N N 345 
PHE N   CA   sing N N 346 
PHE N   H    sing N N 347 
PHE N   H2   sing N N 348 
PHE CA  C    sing N N 349 
PHE CA  CB   sing N N 350 
PHE CA  HA   sing N N 351 
PHE C   O    doub N N 352 
PHE C   OXT  sing N N 353 
PHE CB  CG   sing N N 354 
PHE CB  HB2  sing N N 355 
PHE CB  HB3  sing N N 356 
PHE CG  CD1  doub Y N 357 
PHE CG  CD2  sing Y N 358 
PHE CD1 CE1  sing Y N 359 
PHE CD1 HD1  sing N N 360 
PHE CD2 CE2  doub Y N 361 
PHE CD2 HD2  sing N N 362 
PHE CE1 CZ   doub Y N 363 
PHE CE1 HE1  sing N N 364 
PHE CE2 CZ   sing Y N 365 
PHE CE2 HE2  sing N N 366 
PHE CZ  HZ   sing N N 367 
PHE OXT HXT  sing N N 368 
PRO N   CA   sing N N 369 
PRO N   CD   sing N N 370 
PRO N   H    sing N N 371 
PRO CA  C    sing N N 372 
PRO CA  CB   sing N N 373 
PRO CA  HA   sing N N 374 
PRO C   O    doub N N 375 
PRO C   OXT  sing N N 376 
PRO CB  CG   sing N N 377 
PRO CB  HB2  sing N N 378 
PRO CB  HB3  sing N N 379 
PRO CG  CD   sing N N 380 
PRO CG  HG2  sing N N 381 
PRO CG  HG3  sing N N 382 
PRO CD  HD2  sing N N 383 
PRO CD  HD3  sing N N 384 
PRO OXT HXT  sing N N 385 
SER N   CA   sing N N 386 
SER N   H    sing N N 387 
SER N   H2   sing N N 388 
SER CA  C    sing N N 389 
SER CA  CB   sing N N 390 
SER CA  HA   sing N N 391 
SER C   O    doub N N 392 
SER C   OXT  sing N N 393 
SER CB  OG   sing N N 394 
SER CB  HB2  sing N N 395 
SER CB  HB3  sing N N 396 
SER OG  HG   sing N N 397 
SER OXT HXT  sing N N 398 
SO4 S   O1   doub N N 399 
SO4 S   O2   doub N N 400 
SO4 S   O3   sing N N 401 
SO4 S   O4   sing N N 402 
THR N   CA   sing N N 403 
THR N   H    sing N N 404 
THR N   H2   sing N N 405 
THR CA  C    sing N N 406 
THR CA  CB   sing N N 407 
THR CA  HA   sing N N 408 
THR C   O    doub N N 409 
THR C   OXT  sing N N 410 
THR CB  OG1  sing N N 411 
THR CB  CG2  sing N N 412 
THR CB  HB   sing N N 413 
THR OG1 HG1  sing N N 414 
THR CG2 HG21 sing N N 415 
THR CG2 HG22 sing N N 416 
THR CG2 HG23 sing N N 417 
THR OXT HXT  sing N N 418 
TRP N   CA   sing N N 419 
TRP N   H    sing N N 420 
TRP N   H2   sing N N 421 
TRP CA  C    sing N N 422 
TRP CA  CB   sing N N 423 
TRP CA  HA   sing N N 424 
TRP C   O    doub N N 425 
TRP C   OXT  sing N N 426 
TRP CB  CG   sing N N 427 
TRP CB  HB2  sing N N 428 
TRP CB  HB3  sing N N 429 
TRP CG  CD1  doub Y N 430 
TRP CG  CD2  sing Y N 431 
TRP CD1 NE1  sing Y N 432 
TRP CD1 HD1  sing N N 433 
TRP CD2 CE2  doub Y N 434 
TRP CD2 CE3  sing Y N 435 
TRP NE1 CE2  sing Y N 436 
TRP NE1 HE1  sing N N 437 
TRP CE2 CZ2  sing Y N 438 
TRP CE3 CZ3  doub Y N 439 
TRP CE3 HE3  sing N N 440 
TRP CZ2 CH2  doub Y N 441 
TRP CZ2 HZ2  sing N N 442 
TRP CZ3 CH2  sing Y N 443 
TRP CZ3 HZ3  sing N N 444 
TRP CH2 HH2  sing N N 445 
TRP OXT HXT  sing N N 446 
TYR N   CA   sing N N 447 
TYR N   H    sing N N 448 
TYR N   H2   sing N N 449 
TYR CA  C    sing N N 450 
TYR CA  CB   sing N N 451 
TYR CA  HA   sing N N 452 
TYR C   O    doub N N 453 
TYR C   OXT  sing N N 454 
TYR CB  CG   sing N N 455 
TYR CB  HB2  sing N N 456 
TYR CB  HB3  sing N N 457 
TYR CG  CD1  doub Y N 458 
TYR CG  CD2  sing Y N 459 
TYR CD1 CE1  sing Y N 460 
TYR CD1 HD1  sing N N 461 
TYR CD2 CE2  doub Y N 462 
TYR CD2 HD2  sing N N 463 
TYR CE1 CZ   doub Y N 464 
TYR CE1 HE1  sing N N 465 
TYR CE2 CZ   sing Y N 466 
TYR CE2 HE2  sing N N 467 
TYR CZ  OH   sing N N 468 
TYR OH  HH   sing N N 469 
TYR OXT HXT  sing N N 470 
VAL N   CA   sing N N 471 
VAL N   H    sing N N 472 
VAL N   H2   sing N N 473 
VAL CA  C    sing N N 474 
VAL CA  CB   sing N N 475 
VAL CA  HA   sing N N 476 
VAL C   O    doub N N 477 
VAL C   OXT  sing N N 478 
VAL CB  CG1  sing N N 479 
VAL CB  CG2  sing N N 480 
VAL CB  HB   sing N N 481 
VAL CG1 HG11 sing N N 482 
VAL CG1 HG12 sing N N 483 
VAL CG1 HG13 sing N N 484 
VAL CG2 HG21 sing N N 485 
VAL CG2 HG22 sing N N 486 
VAL CG2 HG23 sing N N 487 
VAL OXT HXT  sing N N 488 
# 
loop_
_pdbx_entity_nonpoly.entity_id 
_pdbx_entity_nonpoly.name 
_pdbx_entity_nonpoly.comp_id 
2 'DODECAETHYLENE GLYCOL'                12P 
3 'SULFATE ION'                          SO4 
4 '6-methyl-1H-indole-2-carboxylic acid' 4BL 
5 water                                  HOH 
# 
_pdbx_initial_refinement_model.id               1 
_pdbx_initial_refinement_model.entity_id_list   ? 
_pdbx_initial_refinement_model.type             'experimental model' 
_pdbx_initial_refinement_model.source_name      PDB 
_pdbx_initial_refinement_model.accession_code   1PIN 
_pdbx_initial_refinement_model.details          'PDB ENTRY 1PIN' 
# 
